data_6XF9
#
_entry.id   6XF9
#
_cell.length_a   134.987
_cell.length_b   224.042
_cell.length_c   192.270
_cell.angle_alpha   90.000
_cell.angle_beta   90.000
_cell.angle_gamma   90.000
#
_symmetry.space_group_name_H-M   'C 2 2 21'
#
loop_
_entity.id
_entity.type
_entity.pdbx_description
1 polymer 'Packaging protein UL32'
2 non-polymer 'ZINC ION'
3 water water
#
_entity_poly.entity_id   1
_entity_poly.type   'polypeptide(L)'
_entity_poly.pdbx_seq_one_letter_code
;MFVPWQLGTITRHRDELQKLLAASLLPEHPEESLGNPIMTQIHQSLQPSSPCRVCQLLFSLVRDSSTPMGFFEDYACLCF
FCLYAPHCWTSTMAAAADLCEIMHLHFPEEEATYGLFGPGRLMGIDLQLHFFVQKCFKTTAAEKILGISNLQFLKSEFIR
GMLTGTITCNFCFKTSWPRTDKEEATGPTPCCQITDTTTAPASGIPELARATFCGASRPTKPSLLPALIDIWSTSSELLD
EPRPRLIASDMSELKSVVASHDPFFSPPLQADTSQGPCLMHPTLGLRYKNGTASVCLLCECLAAHPEAPKALQTLQCEVM
GHIENNVKLVDRIAFVLDNPFAMPYVSDPLLRELIRGCTPQEIHKHLFCDPLCALNAKVVSEDVLFRLPREQEYKKLRAS
AAAGQLLDANTLFDCEVVQTLVFLFKGLQNARVGKTTSLDIIRELTAQLKRHRLDLAHPSQTSHLYA
;
_entity_poly.pdbx_strand_id   A,B,C,D,E
#
# COMPACT_ATOMS: atom_id res chain seq x y z
N PHE A 2 51.78 4.40 -33.53
CA PHE A 2 51.32 3.50 -32.49
C PHE A 2 49.86 3.22 -32.59
N VAL A 3 49.52 1.97 -32.67
CA VAL A 3 48.13 1.55 -32.82
C VAL A 3 47.70 0.50 -31.79
N PRO A 4 46.55 0.69 -31.12
CA PRO A 4 46.09 -0.28 -30.12
C PRO A 4 45.56 -1.56 -30.75
N TRP A 5 45.23 -2.53 -29.88
CA TRP A 5 44.65 -3.82 -30.26
C TRP A 5 45.57 -4.64 -31.15
N GLN A 6 46.84 -4.67 -30.81
CA GLN A 6 47.79 -5.47 -31.58
C GLN A 6 48.27 -6.64 -30.76
N LEU A 7 47.98 -7.84 -31.25
CA LEU A 7 48.46 -9.05 -30.60
C LEU A 7 49.91 -8.91 -30.21
N GLY A 8 50.72 -8.30 -31.08
CA GLY A 8 52.12 -8.12 -30.77
C GLY A 8 52.35 -7.37 -29.48
N THR A 9 51.51 -6.37 -29.19
CA THR A 9 51.68 -5.60 -27.96
C THR A 9 51.48 -6.47 -26.74
N ILE A 10 50.52 -7.41 -26.82
CA ILE A 10 50.26 -8.30 -25.68
C ILE A 10 51.46 -9.20 -25.44
N THR A 11 51.87 -9.96 -26.47
CA THR A 11 52.98 -10.90 -26.29
C THR A 11 54.26 -10.16 -25.93
N ARG A 12 54.46 -8.95 -26.47
CA ARG A 12 55.66 -8.20 -26.09
C ARG A 12 55.72 -7.94 -24.61
N HIS A 13 54.57 -7.69 -23.98
CA HIS A 13 54.51 -7.38 -22.55
C HIS A 13 53.98 -8.51 -21.68
N ARG A 14 54.18 -9.73 -22.10
CA ARG A 14 53.69 -10.85 -21.40
C ARG A 14 54.20 -10.87 -19.99
N ASP A 15 55.36 -10.31 -19.76
CA ASP A 15 55.94 -10.27 -18.42
C ASP A 15 55.06 -9.44 -17.48
N GLU A 16 54.82 -8.17 -17.82
CA GLU A 16 53.95 -7.35 -16.99
C GLU A 16 52.54 -7.90 -16.94
N LEU A 17 52.03 -8.40 -18.08
CA LEU A 17 50.66 -8.90 -18.14
C LEU A 17 50.47 -10.12 -17.26
N GLN A 18 51.53 -10.92 -17.06
CA GLN A 18 51.48 -12.02 -16.10
C GLN A 18 51.27 -11.54 -14.66
N LYS A 19 51.86 -10.41 -14.28
CA LYS A 19 51.62 -9.94 -12.92
C LYS A 19 50.15 -9.54 -12.77
N LEU A 20 49.58 -8.90 -13.81
CA LEU A 20 48.17 -8.50 -13.83
C LEU A 20 47.23 -9.69 -13.91
N LEU A 21 47.53 -10.68 -14.77
CA LEU A 21 46.66 -11.84 -14.82
C LEU A 21 46.68 -12.58 -13.49
N ALA A 22 47.85 -12.70 -12.86
CA ALA A 22 47.95 -13.40 -11.59
C ALA A 22 47.15 -12.68 -10.51
N ALA A 23 47.25 -11.36 -10.46
CA ALA A 23 46.47 -10.60 -9.50
C ALA A 23 44.99 -10.56 -9.81
N SER A 24 44.51 -11.21 -10.88
CA SER A 24 43.12 -11.09 -11.25
C SER A 24 42.37 -12.40 -11.07
N LEU A 25 42.93 -13.36 -10.36
CA LEU A 25 42.22 -14.58 -10.09
C LEU A 25 41.59 -14.54 -8.72
N LEU A 26 40.52 -15.30 -8.56
CA LEU A 26 39.92 -15.22 -7.25
C LEU A 26 40.71 -16.12 -6.30
N PRO A 27 40.66 -15.86 -4.99
CA PRO A 27 41.31 -16.74 -4.01
C PRO A 27 40.64 -18.10 -3.96
N GLU A 28 41.45 -19.16 -3.83
CA GLU A 28 40.90 -20.51 -3.94
C GLU A 28 39.96 -20.81 -2.76
N HIS A 29 40.38 -20.48 -1.54
CA HIS A 29 39.59 -20.76 -0.34
C HIS A 29 39.44 -19.48 0.46
N PRO A 30 38.53 -18.59 0.04
CA PRO A 30 38.42 -17.28 0.72
C PRO A 30 37.97 -17.41 2.16
N GLU A 31 37.14 -18.41 2.47
CA GLU A 31 36.57 -18.58 3.80
C GLU A 31 37.62 -18.91 4.85
N GLU A 32 38.83 -19.30 4.43
CA GLU A 32 39.89 -19.75 5.32
C GLU A 32 40.91 -18.69 5.68
N SER A 33 40.78 -17.45 5.17
CA SER A 33 41.61 -16.34 5.61
C SER A 33 40.71 -15.18 6.03
N LEU A 34 41.21 -14.36 6.95
CA LEU A 34 40.41 -13.22 7.40
C LEU A 34 40.29 -12.15 6.32
N GLY A 35 41.24 -12.08 5.41
CA GLY A 35 41.20 -11.13 4.33
C GLY A 35 42.21 -11.53 3.27
N ASN A 36 42.31 -10.69 2.25
CA ASN A 36 43.23 -10.91 1.12
C ASN A 36 43.58 -9.56 0.51
N PRO A 37 44.87 -9.23 0.35
CA PRO A 37 45.22 -7.89 -0.14
C PRO A 37 44.68 -7.59 -1.53
N ILE A 38 44.50 -8.59 -2.40
CA ILE A 38 43.90 -8.31 -3.71
C ILE A 38 42.45 -7.88 -3.55
N MET A 39 41.63 -8.70 -2.89
CA MET A 39 40.22 -8.38 -2.70
C MET A 39 40.04 -7.08 -1.93
N THR A 40 40.94 -6.78 -1.00
CA THR A 40 40.81 -5.51 -0.30
C THR A 40 41.05 -4.34 -1.23
N GLN A 41 41.98 -4.49 -2.19
CA GLN A 41 42.32 -3.39 -3.09
C GLN A 41 41.25 -3.21 -4.16
N ILE A 42 40.81 -4.30 -4.79
CA ILE A 42 39.71 -4.17 -5.74
C ILE A 42 38.50 -3.54 -5.07
N HIS A 43 38.16 -4.02 -3.89
CA HIS A 43 37.04 -3.48 -3.13
C HIS A 43 37.26 -2.01 -2.79
N GLN A 44 38.50 -1.58 -2.59
CA GLN A 44 38.73 -0.16 -2.36
C GLN A 44 38.49 0.64 -3.62
N SER A 45 38.85 0.08 -4.79
CA SER A 45 38.64 0.80 -6.04
C SER A 45 37.16 1.01 -6.33
N LEU A 46 36.29 0.13 -5.80
CA LEU A 46 34.85 0.23 -6.00
C LEU A 46 34.16 1.01 -4.89
N GLN A 47 34.89 1.82 -4.14
CA GLN A 47 34.11 2.64 -3.23
C GLN A 47 33.98 4.04 -3.81
N PRO A 48 32.79 4.69 -3.76
CA PRO A 48 32.57 5.83 -4.67
C PRO A 48 33.53 6.99 -4.51
N SER A 49 34.13 7.17 -3.34
CA SER A 49 35.04 8.30 -3.13
C SER A 49 36.48 7.90 -3.17
N SER A 50 36.79 6.69 -3.65
CA SER A 50 38.18 6.35 -3.87
C SER A 50 38.65 7.02 -5.15
N PRO A 51 39.93 7.36 -5.23
CA PRO A 51 40.45 7.93 -6.47
C PRO A 51 40.41 6.87 -7.56
N CYS A 52 40.47 7.36 -8.80
CA CYS A 52 40.69 6.47 -9.93
C CYS A 52 42.19 6.22 -10.04
N ARG A 53 42.63 4.99 -9.87
CA ARG A 53 44.07 4.78 -9.86
C ARG A 53 44.70 5.16 -11.19
N VAL A 54 44.00 4.90 -12.30
CA VAL A 54 44.57 5.25 -13.61
C VAL A 54 44.61 6.76 -13.80
N CYS A 55 43.56 7.47 -13.40
CA CYS A 55 43.64 8.93 -13.42
C CYS A 55 44.77 9.43 -12.54
N GLN A 56 45.05 8.74 -11.42
CA GLN A 56 46.11 9.18 -10.51
C GLN A 56 47.49 8.89 -11.09
N LEU A 57 47.63 7.76 -11.79
CA LEU A 57 48.88 7.49 -12.49
C LEU A 57 49.17 8.60 -13.50
N LEU A 58 48.19 8.92 -14.35
CA LEU A 58 48.41 9.86 -15.45
C LEU A 58 48.79 11.24 -14.94
N PHE A 59 48.04 11.78 -13.97
CA PHE A 59 48.38 13.13 -13.50
C PHE A 59 49.76 13.18 -12.87
N SER A 60 50.11 12.17 -12.10
CA SER A 60 51.45 12.11 -11.54
C SER A 60 52.51 12.17 -12.64
N LEU A 61 52.20 11.61 -13.82
CA LEU A 61 53.10 11.60 -14.97
C LEU A 61 53.04 12.89 -15.79
N VAL A 62 52.34 13.89 -15.32
CA VAL A 62 52.21 15.07 -16.15
C VAL A 62 52.55 16.29 -15.37
N ARG A 63 53.24 16.12 -14.25
CA ARG A 63 53.44 17.30 -13.54
C ARG A 63 54.92 17.53 -13.47
N PRO A 68 55.90 14.52 -22.60
CA PRO A 68 56.31 14.60 -24.00
C PRO A 68 55.32 15.34 -24.76
N MET A 69 55.15 15.00 -26.02
CA MET A 69 54.22 15.71 -26.88
C MET A 69 53.20 14.80 -27.55
N GLY A 70 53.65 13.60 -27.90
CA GLY A 70 52.84 12.62 -28.57
C GLY A 70 52.18 11.68 -27.61
N PHE A 71 52.33 11.94 -26.33
CA PHE A 71 51.69 11.14 -25.35
C PHE A 71 50.24 11.34 -25.52
N PHE A 72 49.82 12.57 -25.70
CA PHE A 72 48.38 12.67 -25.72
C PHE A 72 47.80 12.01 -26.95
N GLU A 73 48.58 11.91 -28.04
CA GLU A 73 48.02 11.27 -29.22
C GLU A 73 47.99 9.76 -29.07
N ASP A 74 48.95 9.18 -28.36
CA ASP A 74 48.85 7.74 -28.19
C ASP A 74 47.81 7.39 -27.14
N TYR A 75 47.75 8.16 -26.04
CA TYR A 75 46.73 7.90 -25.04
C TYR A 75 45.33 8.10 -25.61
N ALA A 76 45.12 9.17 -26.37
CA ALA A 76 43.80 9.42 -26.93
C ALA A 76 43.39 8.31 -27.90
N CYS A 77 44.36 7.62 -28.52
CA CYS A 77 44.02 6.49 -29.39
C CYS A 77 43.54 5.30 -28.59
N LEU A 78 44.21 5.02 -27.47
CA LEU A 78 43.75 3.98 -26.56
C LEU A 78 42.32 4.26 -26.12
N CYS A 79 42.07 5.50 -25.66
CA CYS A 79 40.74 5.91 -25.25
C CYS A 79 39.71 5.73 -26.39
N PHE A 80 40.06 6.16 -27.61
CA PHE A 80 39.16 5.98 -28.76
C PHE A 80 38.86 4.51 -29.03
N PHE A 81 39.88 3.63 -28.97
CA PHE A 81 39.61 2.20 -29.22
C PHE A 81 38.73 1.61 -28.13
N CYS A 82 38.99 1.96 -26.87
CA CYS A 82 38.18 1.45 -25.77
C CYS A 82 36.73 1.87 -25.95
N LEU A 83 36.54 3.13 -26.32
CA LEU A 83 35.22 3.69 -26.59
C LEU A 83 34.43 2.90 -27.62
N TYR A 84 35.10 2.20 -28.54
CA TYR A 84 34.38 1.40 -29.53
C TYR A 84 34.59 -0.09 -29.31
N ALA A 85 34.90 -0.46 -28.06
CA ALA A 85 35.14 -1.84 -27.73
C ALA A 85 34.15 -2.29 -26.69
N PRO A 86 33.72 -3.55 -26.75
CA PRO A 86 32.79 -4.06 -25.74
C PRO A 86 33.47 -4.16 -24.39
N HIS A 87 32.64 -4.24 -23.34
CA HIS A 87 33.17 -4.61 -22.03
CA HIS A 87 33.22 -4.59 -21.98
C HIS A 87 33.31 -6.22 -21.76
N CYS A 88 34.54 -6.63 -21.71
CA CYS A 88 34.77 -8.06 -21.64
C CYS A 88 36.17 -8.25 -21.11
N TRP A 89 36.63 -9.50 -21.08
CA TRP A 89 37.99 -9.73 -20.64
C TRP A 89 39.00 -9.21 -21.68
N THR A 90 38.76 -9.53 -22.98
CA THR A 90 39.71 -9.17 -24.02
C THR A 90 39.94 -7.67 -24.10
N SER A 91 38.88 -6.86 -23.93
CA SER A 91 39.10 -5.42 -23.97
C SER A 91 39.91 -4.94 -22.78
N THR A 92 39.77 -5.56 -21.60
CA THR A 92 40.61 -5.15 -20.47
C THR A 92 42.04 -5.65 -20.66
N MET A 93 42.20 -6.87 -21.19
CA MET A 93 43.54 -7.34 -21.55
C MET A 93 44.21 -6.40 -22.54
N ALA A 94 43.53 -6.12 -23.65
CA ALA A 94 44.11 -5.27 -24.68
C ALA A 94 44.43 -3.88 -24.16
N ALA A 95 43.50 -3.26 -23.42
CA ALA A 95 43.78 -1.94 -22.85
C ALA A 95 44.96 -1.99 -21.88
N ALA A 96 45.15 -3.12 -21.18
CA ALA A 96 46.29 -3.26 -20.27
C ALA A 96 47.60 -3.29 -21.05
N ALA A 97 47.68 -4.14 -22.09
CA ALA A 97 48.87 -4.20 -22.93
C ALA A 97 49.18 -2.84 -23.55
N ASP A 98 48.16 -2.16 -24.10
CA ASP A 98 48.46 -0.89 -24.76
C ASP A 98 48.81 0.22 -23.78
N LEU A 99 48.38 0.10 -22.41
CA LEU A 99 48.79 1.10 -21.44
C LEU A 99 50.28 0.93 -21.22
N CYS A 100 50.71 -0.48 -21.11
CA CYS A 100 52.21 -0.82 -20.86
C CYS A 100 52.94 -0.17 -22.05
N GLU A 101 52.49 -0.32 -23.18
CA GLU A 101 53.26 0.19 -24.26
C GLU A 101 53.33 1.68 -24.29
N ILE A 102 52.26 2.35 -24.03
CA ILE A 102 52.28 3.81 -24.06
C ILE A 102 53.28 4.37 -23.07
N MET A 103 53.45 3.73 -21.93
CA MET A 103 54.38 4.25 -20.94
C MET A 103 55.82 3.82 -21.16
N HIS A 104 56.04 2.64 -21.74
CA HIS A 104 57.40 2.31 -22.14
C HIS A 104 57.87 3.24 -23.24
N LEU A 105 56.93 3.71 -24.08
CA LEU A 105 57.27 4.62 -25.16
C LEU A 105 57.57 6.02 -24.63
N HIS A 106 56.66 6.55 -23.80
CA HIS A 106 56.79 7.94 -23.31
C HIS A 106 57.34 8.20 -21.90
N PHE A 107 57.36 7.16 -21.08
CA PHE A 107 57.90 7.26 -19.72
C PHE A 107 58.79 6.05 -19.44
N PRO A 108 59.97 5.98 -20.09
CA PRO A 108 60.83 4.82 -19.83
C PRO A 108 61.69 4.95 -18.59
N GLU A 109 61.93 6.19 -18.12
CA GLU A 109 62.69 6.50 -16.92
C GLU A 109 61.82 6.48 -15.66
N GLU A 110 60.48 6.49 -15.80
CA GLU A 110 59.60 6.56 -14.64
C GLU A 110 59.40 5.18 -14.03
N GLU A 111 59.46 5.16 -12.69
CA GLU A 111 59.26 3.93 -11.94
C GLU A 111 57.81 3.45 -12.06
N ALA A 112 56.87 4.39 -12.27
CA ALA A 112 55.48 4.02 -12.52
C ALA A 112 55.33 3.12 -13.75
N THR A 113 56.36 3.07 -14.60
CA THR A 113 56.29 2.30 -15.84
C THR A 113 56.52 0.81 -15.64
N TYR A 114 57.27 0.43 -14.61
CA TYR A 114 57.62 -0.97 -14.35
C TYR A 114 56.95 -1.39 -13.04
N GLY A 115 56.45 -2.62 -12.99
CA GLY A 115 55.59 -3.00 -11.89
C GLY A 115 54.33 -2.17 -11.95
N LEU A 116 53.78 -2.09 -13.17
CA LEU A 116 52.58 -1.30 -13.42
C LEU A 116 51.35 -1.96 -12.80
N PHE A 117 51.31 -3.28 -12.85
CA PHE A 117 50.19 -4.06 -12.38
C PHE A 117 50.58 -4.85 -11.16
N GLY A 118 49.58 -5.29 -10.43
CA GLY A 118 49.79 -6.11 -9.27
C GLY A 118 49.33 -5.38 -8.04
N PRO A 119 49.51 -6.02 -6.87
CA PRO A 119 48.97 -5.43 -5.64
C PRO A 119 49.74 -4.18 -5.26
N GLY A 120 48.98 -3.17 -4.89
CA GLY A 120 49.54 -1.90 -4.55
C GLY A 120 49.76 -1.05 -5.76
N ARG A 121 49.48 -1.58 -6.93
CA ARG A 121 49.59 -0.90 -8.19
C ARG A 121 48.23 -1.02 -8.89
N LEU A 122 48.18 -1.03 -10.21
CA LEU A 122 46.90 -1.15 -10.86
C LEU A 122 46.43 -2.55 -10.99
N MET A 123 45.14 -2.73 -10.91
CA MET A 123 44.53 -4.05 -11.13
C MET A 123 43.42 -3.96 -12.15
N GLY A 124 42.96 -5.15 -12.54
CA GLY A 124 41.93 -5.24 -13.57
C GLY A 124 40.78 -4.30 -13.34
N ILE A 125 40.28 -4.23 -12.09
CA ILE A 125 39.12 -3.37 -11.82
C ILE A 125 39.46 -1.93 -12.10
N ASP A 126 40.70 -1.52 -11.89
CA ASP A 126 41.07 -0.12 -12.12
C ASP A 126 41.05 0.21 -13.61
N LEU A 127 41.50 -0.73 -14.44
CA LEU A 127 41.35 -0.60 -15.88
C LEU A 127 39.89 -0.61 -16.29
N GLN A 128 39.11 -1.60 -15.80
CA GLN A 128 37.69 -1.68 -16.15
C GLN A 128 36.97 -0.38 -15.82
N LEU A 129 37.21 0.18 -14.64
CA LEU A 129 36.52 1.40 -14.25
C LEU A 129 36.92 2.56 -15.14
N HIS A 130 38.22 2.69 -15.43
CA HIS A 130 38.69 3.88 -16.11
C HIS A 130 38.28 3.86 -17.58
N PHE A 131 38.49 2.74 -18.24
CA PHE A 131 38.32 2.72 -19.67
C PHE A 131 36.93 2.28 -20.10
N PHE A 132 36.17 1.60 -19.25
CA PHE A 132 34.91 1.02 -19.72
C PHE A 132 33.70 1.35 -18.86
N VAL A 133 33.80 1.20 -17.55
CA VAL A 133 32.65 1.46 -16.69
C VAL A 133 32.38 2.95 -16.60
N GLN A 134 33.36 3.73 -16.12
CA GLN A 134 33.10 5.15 -15.91
C GLN A 134 33.51 6.01 -17.10
N LYS A 135 34.41 5.51 -17.94
CA LYS A 135 34.92 6.25 -19.12
C LYS A 135 35.51 7.61 -18.74
N CYS A 136 36.58 7.62 -17.93
CA CYS A 136 37.10 8.89 -17.41
C CYS A 136 37.59 9.83 -18.49
N PHE A 137 37.88 9.33 -19.69
CA PHE A 137 38.51 10.08 -20.77
C PHE A 137 37.53 10.91 -21.60
N LYS A 138 36.22 10.66 -21.44
CA LYS A 138 35.23 11.36 -22.23
C LYS A 138 35.25 12.86 -21.92
N THR A 139 35.14 13.66 -22.98
CA THR A 139 35.00 15.10 -22.81
C THR A 139 33.55 15.36 -22.44
N THR A 140 33.32 15.82 -21.23
CA THR A 140 31.97 16.03 -20.74
C THR A 140 31.86 17.46 -20.24
N ALA A 141 30.70 18.07 -20.47
CA ALA A 141 30.47 19.43 -20.03
C ALA A 141 30.45 19.48 -18.52
N ALA A 142 30.90 20.60 -17.96
CA ALA A 142 30.92 20.72 -16.51
C ALA A 142 29.53 20.53 -15.91
N GLU A 143 28.49 21.05 -16.59
CA GLU A 143 27.15 20.98 -16.02
C GLU A 143 26.62 19.55 -15.91
N LYS A 144 27.26 18.57 -16.56
CA LYS A 144 26.82 17.18 -16.50
C LYS A 144 27.50 16.39 -15.38
N ILE A 145 28.43 16.99 -14.64
CA ILE A 145 29.28 16.24 -13.74
C ILE A 145 28.51 15.69 -12.54
N LEU A 146 27.79 16.55 -11.81
CA LEU A 146 27.06 16.08 -10.63
C LEU A 146 26.10 14.96 -10.96
N GLY A 147 25.30 15.13 -12.01
CA GLY A 147 24.42 14.04 -12.42
C GLY A 147 25.17 12.75 -12.69
N ILE A 148 26.28 12.84 -13.43
CA ILE A 148 27.05 11.64 -13.75
C ILE A 148 27.51 10.97 -12.48
N SER A 149 27.93 11.74 -11.47
CA SER A 149 28.42 11.11 -10.24
C SER A 149 27.34 10.27 -9.58
N ASN A 150 26.07 10.66 -9.71
CA ASN A 150 25.01 9.81 -9.18
C ASN A 150 24.98 8.46 -9.87
N LEU A 151 25.02 8.46 -11.20
CA LEU A 151 25.01 7.20 -11.96
C LEU A 151 26.26 6.37 -11.68
N GLN A 152 27.41 7.04 -11.51
CA GLN A 152 28.65 6.34 -11.19
C GLN A 152 28.61 5.71 -9.80
N PHE A 153 28.01 6.40 -8.84
CA PHE A 153 27.74 5.84 -7.52
C PHE A 153 26.99 4.52 -7.62
N LEU A 154 25.83 4.52 -8.27
CA LEU A 154 25.07 3.28 -8.41
C LEU A 154 25.88 2.17 -9.08
N LYS A 155 26.63 2.50 -10.13
CA LYS A 155 27.41 1.47 -10.80
C LYS A 155 28.42 0.85 -9.85
N SER A 156 29.18 1.69 -9.13
CA SER A 156 30.14 1.19 -8.15
C SER A 156 29.47 0.28 -7.14
N GLU A 157 28.30 0.68 -6.64
CA GLU A 157 27.64 -0.10 -5.60
C GLU A 157 27.29 -1.48 -6.12
N PHE A 158 26.64 -1.57 -7.28
CA PHE A 158 26.16 -2.87 -7.75
C PHE A 158 27.28 -3.74 -8.30
N ILE A 159 28.34 -3.16 -8.81
CA ILE A 159 29.50 -3.96 -9.18
C ILE A 159 30.18 -4.51 -7.93
N ARG A 160 30.32 -3.67 -6.90
CA ARG A 160 30.92 -4.16 -5.66
C ARG A 160 30.13 -5.31 -5.09
N GLY A 161 28.80 -5.27 -5.24
CA GLY A 161 27.99 -6.40 -4.83
C GLY A 161 28.41 -7.68 -5.54
N MET A 162 28.61 -7.60 -6.85
CA MET A 162 29.04 -8.78 -7.60
C MET A 162 30.35 -9.34 -7.07
N LEU A 163 31.20 -8.48 -6.50
CA LEU A 163 32.45 -8.96 -5.92
C LEU A 163 32.20 -9.66 -4.59
N THR A 164 31.41 -9.04 -3.71
CA THR A 164 31.27 -9.54 -2.35
C THR A 164 30.11 -10.51 -2.24
N GLY A 165 29.10 -10.41 -3.11
CA GLY A 165 28.00 -11.34 -3.12
C GLY A 165 26.67 -10.73 -2.71
N THR A 166 26.69 -9.56 -2.06
CA THR A 166 25.45 -8.88 -1.67
C THR A 166 25.62 -7.38 -1.84
N ILE A 167 24.53 -6.73 -2.16
CA ILE A 167 24.61 -5.34 -2.37
C ILE A 167 24.56 -4.75 -1.03
N PHE A 173 18.74 2.21 -4.66
CA PHE A 173 18.20 2.49 -6.00
C PHE A 173 16.90 3.30 -6.04
N LYS A 174 15.84 2.81 -5.38
CA LYS A 174 14.53 3.48 -5.45
C LYS A 174 14.61 4.94 -5.00
N THR A 175 15.37 5.22 -3.94
CA THR A 175 15.61 6.60 -3.53
C THR A 175 16.42 7.35 -4.57
N SER A 176 17.46 6.70 -5.13
CA SER A 176 18.53 7.35 -5.89
C SER A 176 18.25 7.55 -7.38
N TRP A 177 17.27 6.88 -7.96
CA TRP A 177 17.04 7.01 -9.39
C TRP A 177 16.46 8.36 -9.66
N PRO A 178 16.75 8.92 -10.84
CA PRO A 178 16.25 10.25 -11.18
C PRO A 178 14.82 10.23 -11.60
N THR A 189 16.18 16.98 -20.58
CA THR A 189 17.22 16.54 -21.52
C THR A 189 17.06 15.05 -21.81
N PRO A 190 17.13 14.67 -23.08
CA PRO A 190 17.17 13.23 -23.40
C PRO A 190 18.45 12.59 -22.91
N CYS A 191 18.36 11.29 -22.62
CA CYS A 191 19.52 10.60 -22.04
C CYS A 191 20.63 10.44 -23.05
N CYS A 192 20.29 10.24 -24.33
CA CYS A 192 21.28 9.93 -25.35
C CYS A 192 20.78 10.44 -26.70
N GLN A 193 21.38 9.96 -27.78
CA GLN A 193 20.97 10.45 -29.09
C GLN A 193 19.81 9.64 -29.65
N ILE A 194 19.65 8.39 -29.25
CA ILE A 194 18.53 7.61 -29.71
C ILE A 194 17.22 8.24 -29.28
N THR A 195 17.19 8.81 -28.07
CA THR A 195 15.97 9.41 -27.57
C THR A 195 15.94 10.92 -27.73
N ASP A 196 17.03 11.53 -28.22
CA ASP A 196 17.00 12.93 -28.59
C ASP A 196 16.54 13.02 -30.04
N THR A 197 15.27 13.41 -30.22
CA THR A 197 14.66 13.56 -31.54
C THR A 197 14.99 14.90 -32.22
N THR A 198 15.60 15.85 -31.49
CA THR A 198 16.22 17.00 -32.15
C THR A 198 17.18 16.57 -33.24
N THR A 199 18.01 15.56 -32.95
CA THR A 199 19.28 15.33 -33.61
C THR A 199 19.12 14.59 -34.93
N ALA A 200 20.13 14.78 -35.79
CA ALA A 200 20.24 14.02 -37.02
C ALA A 200 20.38 12.53 -36.68
N PRO A 201 20.02 11.67 -37.61
CA PRO A 201 20.16 10.22 -37.36
C PRO A 201 21.63 9.82 -37.21
N ALA A 202 21.77 8.54 -36.90
CA ALA A 202 23.06 7.92 -36.68
C ALA A 202 23.70 7.46 -37.98
N SER A 203 24.93 7.83 -38.22
CA SER A 203 25.55 7.44 -39.45
C SER A 203 26.51 6.29 -39.37
N GLY A 204 27.14 6.13 -38.23
CA GLY A 204 28.13 5.11 -38.07
C GLY A 204 29.29 5.65 -37.28
N ILE A 205 30.42 5.01 -37.32
CA ILE A 205 31.52 5.52 -36.50
C ILE A 205 31.84 6.91 -37.06
N PRO A 206 32.55 7.78 -36.33
CA PRO A 206 32.77 9.15 -36.83
C PRO A 206 33.39 9.20 -38.22
N GLU A 207 33.33 10.33 -38.89
CA GLU A 207 33.88 10.44 -40.23
C GLU A 207 35.39 10.20 -40.32
N LEU A 208 36.19 10.80 -39.47
CA LEU A 208 37.63 10.52 -39.51
C LEU A 208 37.92 9.04 -39.26
N ALA A 209 37.12 8.39 -38.41
CA ALA A 209 37.35 6.97 -38.16
C ALA A 209 37.02 6.15 -39.37
N ARG A 210 35.90 6.41 -40.04
CA ARG A 210 35.58 5.68 -41.26
C ARG A 210 36.65 5.90 -42.34
N ALA A 211 37.26 7.09 -42.37
CA ALA A 211 38.34 7.35 -43.33
C ALA A 211 39.57 6.51 -43.01
N THR A 212 39.88 6.34 -41.73
CA THR A 212 41.12 5.68 -41.32
C THR A 212 41.04 4.16 -41.38
N PHE A 213 39.86 3.57 -41.20
CA PHE A 213 39.77 2.14 -40.95
C PHE A 213 38.95 1.36 -41.95
N CYS A 214 38.05 2.01 -42.68
CA CYS A 214 37.06 1.27 -43.46
C CYS A 214 37.49 1.00 -44.90
N GLY A 215 36.91 -0.04 -45.48
CA GLY A 215 37.15 -0.43 -46.86
C GLY A 215 37.78 -1.81 -46.97
N ALA A 216 37.34 -2.62 -47.95
CA ALA A 216 38.01 -3.91 -48.17
C ALA A 216 39.49 -3.72 -48.49
N SER A 217 39.86 -2.48 -48.85
CA SER A 217 41.25 -2.13 -49.11
C SER A 217 42.17 -2.50 -47.95
N ARG A 218 41.66 -2.50 -46.69
CA ARG A 218 42.56 -2.49 -45.53
C ARG A 218 42.81 -3.89 -44.98
N PRO A 219 44.06 -4.25 -44.64
CA PRO A 219 44.28 -5.53 -43.97
C PRO A 219 43.81 -5.47 -42.52
N THR A 220 43.44 -6.65 -41.99
CA THR A 220 43.04 -6.76 -40.61
C THR A 220 44.28 -7.07 -39.76
N LYS A 221 44.26 -6.63 -38.51
CA LYS A 221 45.27 -7.00 -37.52
C LYS A 221 45.04 -8.41 -37.01
N PRO A 222 46.03 -8.99 -36.32
CA PRO A 222 45.90 -10.38 -35.87
C PRO A 222 44.81 -10.59 -34.82
N SER A 223 44.14 -11.73 -34.96
CA SER A 223 43.08 -12.17 -34.06
C SER A 223 43.62 -12.47 -32.66
N LEU A 224 42.90 -11.99 -31.64
CA LEU A 224 43.26 -12.24 -30.25
C LEU A 224 42.67 -13.54 -29.70
N LEU A 225 41.87 -14.26 -30.49
CA LEU A 225 41.38 -15.56 -30.05
C LEU A 225 42.46 -16.50 -29.52
N PRO A 226 43.68 -16.59 -30.09
CA PRO A 226 44.68 -17.51 -29.49
C PRO A 226 45.05 -17.14 -28.06
N ALA A 227 45.36 -15.86 -27.80
CA ALA A 227 45.73 -15.47 -26.43
C ALA A 227 44.59 -15.74 -25.46
N LEU A 228 43.37 -15.37 -25.83
CA LEU A 228 42.21 -15.64 -24.97
C LEU A 228 42.08 -17.14 -24.70
N ILE A 229 42.08 -17.96 -25.76
CA ILE A 229 41.89 -19.40 -25.55
C ILE A 229 43.03 -19.96 -24.69
N ASP A 230 44.24 -19.44 -24.87
CA ASP A 230 45.36 -19.93 -24.08
C ASP A 230 45.16 -19.59 -22.61
N ILE A 231 44.99 -18.30 -22.29
CA ILE A 231 44.90 -17.83 -20.92
C ILE A 231 43.71 -18.47 -20.19
N TRP A 232 42.59 -18.61 -20.86
CA TRP A 232 41.39 -19.13 -20.19
C TRP A 232 41.36 -20.64 -20.10
N SER A 233 42.10 -21.37 -20.94
CA SER A 233 42.10 -22.81 -20.77
C SER A 233 43.04 -23.27 -19.67
N THR A 234 44.16 -22.58 -19.48
CA THR A 234 45.09 -22.95 -18.41
C THR A 234 44.63 -22.50 -17.03
N SER A 235 43.74 -21.50 -16.93
CA SER A 235 43.38 -21.00 -15.61
C SER A 235 41.89 -21.01 -15.32
N SER A 236 41.09 -21.77 -16.06
CA SER A 236 39.67 -21.88 -15.77
C SER A 236 39.11 -23.07 -16.53
N GLU A 237 37.82 -23.34 -16.33
CA GLU A 237 37.13 -24.41 -17.04
C GLU A 237 36.19 -23.87 -18.11
N LEU A 238 36.38 -22.61 -18.53
CA LEU A 238 35.41 -21.97 -19.43
C LEU A 238 35.27 -22.70 -20.74
N LEU A 239 36.30 -23.43 -21.16
CA LEU A 239 36.31 -24.06 -22.48
C LEU A 239 36.16 -25.57 -22.38
N ASP A 240 35.31 -26.04 -21.45
CA ASP A 240 35.00 -27.47 -21.34
C ASP A 240 33.50 -27.71 -21.34
N PRO A 263 52.33 -21.55 -23.20
CA PRO A 263 51.43 -21.29 -22.09
C PRO A 263 51.73 -19.89 -21.73
N PHE A 264 50.89 -18.97 -22.18
CA PHE A 264 51.12 -17.54 -21.93
C PHE A 264 51.06 -17.16 -20.45
N PHE A 265 50.11 -17.73 -19.74
CA PHE A 265 49.96 -17.42 -18.32
C PHE A 265 49.94 -18.65 -17.43
N SER A 266 50.74 -18.62 -16.37
CA SER A 266 50.79 -19.71 -15.41
C SER A 266 50.22 -19.12 -14.14
N PRO A 267 49.16 -19.75 -13.59
CA PRO A 267 48.61 -19.13 -12.40
C PRO A 267 49.35 -19.60 -11.17
N PRO A 268 49.41 -18.78 -10.12
CA PRO A 268 49.97 -19.25 -8.85
C PRO A 268 49.10 -20.36 -8.26
N LEU A 269 49.70 -21.05 -7.30
CA LEU A 269 48.91 -21.94 -6.48
C LEU A 269 48.18 -21.09 -5.43
N GLN A 270 47.20 -21.69 -4.78
CA GLN A 270 46.29 -20.96 -3.90
C GLN A 270 45.44 -19.94 -4.66
N ALA A 271 45.26 -20.15 -5.98
CA ALA A 271 44.38 -19.30 -6.78
C ALA A 271 43.25 -20.15 -7.36
N ASP A 272 42.08 -19.53 -7.52
CA ASP A 272 40.91 -20.28 -7.98
C ASP A 272 41.08 -20.49 -9.47
N THR A 273 41.77 -21.58 -9.85
CA THR A 273 41.98 -21.88 -11.27
C THR A 273 40.77 -22.52 -11.93
N SER A 274 39.56 -22.33 -11.38
CA SER A 274 38.34 -22.72 -12.06
C SER A 274 37.54 -21.54 -12.58
N GLN A 275 37.93 -20.31 -12.22
CA GLN A 275 37.16 -19.13 -12.58
C GLN A 275 37.94 -18.15 -13.44
N GLY A 276 39.18 -18.47 -13.80
CA GLY A 276 39.96 -17.66 -14.71
C GLY A 276 40.22 -16.28 -14.16
N PRO A 277 40.88 -15.42 -14.97
CA PRO A 277 41.21 -14.06 -14.53
C PRO A 277 39.99 -13.16 -14.55
N CYS A 278 38.91 -13.61 -13.90
CA CYS A 278 37.62 -12.96 -14.00
C CYS A 278 37.55 -11.61 -13.33
N LEU A 279 38.57 -11.21 -12.56
CA LEU A 279 38.55 -9.86 -11.97
C LEU A 279 38.90 -8.78 -12.99
N MET A 280 39.07 -9.17 -14.25
CA MET A 280 39.21 -8.27 -15.40
C MET A 280 37.95 -8.21 -16.27
N HIS A 281 36.90 -8.90 -15.87
CA HIS A 281 35.61 -9.05 -16.49
C HIS A 281 34.56 -8.22 -15.77
N PRO A 282 33.47 -7.78 -16.44
CA PRO A 282 32.48 -6.93 -15.75
C PRO A 282 31.82 -7.60 -14.57
N THR A 283 31.60 -8.93 -14.60
CA THR A 283 30.86 -9.59 -13.54
C THR A 283 31.72 -10.12 -12.40
N LEU A 284 33.04 -10.02 -12.51
CA LEU A 284 33.99 -10.29 -11.42
C LEU A 284 33.88 -11.72 -10.88
N GLY A 285 33.53 -12.67 -11.73
CA GLY A 285 33.44 -14.06 -11.30
C GLY A 285 32.90 -14.91 -12.43
N LEU A 286 33.00 -16.22 -12.27
CA LEU A 286 32.55 -17.14 -13.32
C LEU A 286 31.58 -18.14 -12.73
N ARG A 287 30.28 -17.92 -12.95
CA ARG A 287 29.24 -18.82 -12.47
C ARG A 287 28.59 -19.43 -13.70
N TYR A 288 28.07 -20.63 -13.59
CA TYR A 288 27.35 -21.30 -14.65
C TYR A 288 25.98 -21.53 -14.29
N LYS A 289 25.10 -21.39 -15.22
CA LYS A 289 23.74 -21.72 -15.01
C LYS A 289 23.13 -22.02 -16.35
N ASN A 290 22.40 -23.09 -16.47
CA ASN A 290 21.67 -23.39 -17.67
C ASN A 290 22.39 -23.34 -18.96
N GLY A 291 23.55 -23.89 -19.06
CA GLY A 291 24.28 -23.88 -20.31
C GLY A 291 24.91 -22.57 -20.70
N THR A 292 24.90 -21.55 -19.83
CA THR A 292 25.62 -20.30 -20.01
C THR A 292 26.55 -20.10 -18.83
N ALA A 293 27.38 -19.07 -18.91
CA ALA A 293 28.29 -18.74 -17.83
C ALA A 293 28.33 -17.23 -17.67
N SER A 294 28.72 -16.75 -16.48
CA SER A 294 28.72 -15.30 -16.34
C SER A 294 29.76 -14.63 -17.24
N VAL A 295 30.72 -15.38 -17.80
CA VAL A 295 31.64 -14.83 -18.80
C VAL A 295 31.12 -15.26 -20.17
N CYS A 296 30.65 -14.31 -20.96
CA CYS A 296 30.09 -14.65 -22.26
C CYS A 296 31.20 -14.76 -23.27
N LEU A 297 31.26 -15.91 -23.97
CA LEU A 297 32.35 -16.15 -24.90
C LEU A 297 32.14 -15.41 -26.22
N LEU A 298 30.89 -15.23 -26.64
CA LEU A 298 30.63 -14.48 -27.85
C LEU A 298 30.89 -12.99 -27.64
N CYS A 299 30.75 -12.46 -26.42
CA CYS A 299 31.18 -11.08 -26.23
C CYS A 299 32.68 -10.96 -26.29
N GLU A 300 33.39 -11.99 -25.86
CA GLU A 300 34.85 -12.00 -26.01
C GLU A 300 35.25 -11.93 -27.48
N CYS A 301 34.54 -12.67 -28.33
CA CYS A 301 34.84 -12.64 -29.76
C CYS A 301 34.61 -11.26 -30.36
N LEU A 302 33.61 -10.52 -29.88
CA LEU A 302 33.37 -9.18 -30.41
C LEU A 302 34.63 -8.33 -30.33
N ALA A 303 35.41 -8.49 -29.26
CA ALA A 303 36.63 -7.71 -29.09
C ALA A 303 37.89 -8.43 -29.54
N ALA A 304 37.82 -9.75 -29.73
CA ALA A 304 39.03 -10.51 -29.98
C ALA A 304 39.19 -10.90 -31.44
N HIS A 305 38.18 -10.69 -32.26
CA HIS A 305 38.22 -11.20 -33.59
C HIS A 305 37.55 -10.25 -34.59
N PRO A 306 38.15 -10.11 -35.78
CA PRO A 306 37.70 -9.05 -36.69
C PRO A 306 36.34 -9.29 -37.34
N GLU A 307 35.93 -10.53 -37.53
CA GLU A 307 34.64 -10.75 -38.21
C GLU A 307 33.54 -11.23 -37.27
N ALA A 308 33.78 -11.22 -35.96
CA ALA A 308 32.77 -11.65 -35.00
C ALA A 308 31.58 -10.69 -34.97
N PRO A 309 31.76 -9.36 -34.94
CA PRO A 309 30.58 -8.48 -35.00
C PRO A 309 29.63 -8.80 -36.15
N LYS A 310 30.11 -8.89 -37.39
CA LYS A 310 29.17 -9.14 -38.48
C LYS A 310 28.70 -10.59 -38.57
N ALA A 311 29.52 -11.57 -38.22
CA ALA A 311 29.07 -12.96 -38.24
C ALA A 311 27.94 -13.20 -37.24
N LEU A 312 28.01 -12.57 -36.06
CA LEU A 312 26.95 -12.77 -35.08
C LEU A 312 25.67 -12.12 -35.57
N GLN A 313 25.76 -10.91 -36.16
CA GLN A 313 24.58 -10.27 -36.74
C GLN A 313 24.02 -11.08 -37.91
N THR A 314 24.90 -11.68 -38.70
CA THR A 314 24.42 -12.54 -39.77
C THR A 314 23.82 -13.82 -39.21
N LEU A 315 24.40 -14.36 -38.13
CA LEU A 315 23.80 -15.50 -37.45
C LEU A 315 22.43 -15.15 -36.88
N GLN A 316 22.32 -13.97 -36.26
CA GLN A 316 21.02 -13.52 -35.75
C GLN A 316 20.02 -13.40 -36.89
N CYS A 317 20.47 -12.85 -38.02
CA CYS A 317 19.61 -12.73 -39.19
C CYS A 317 19.20 -14.11 -39.70
N GLU A 318 20.14 -15.05 -39.69
CA GLU A 318 19.86 -16.40 -40.17
C GLU A 318 18.89 -17.15 -39.24
N VAL A 319 19.07 -17.02 -37.91
CA VAL A 319 18.21 -17.73 -36.96
C VAL A 319 16.76 -17.24 -37.08
N MET A 320 16.56 -15.93 -37.23
CA MET A 320 15.22 -15.38 -37.38
C MET A 320 14.58 -15.79 -38.72
N GLY A 321 15.34 -15.68 -39.81
CA GLY A 321 14.75 -15.68 -41.15
C GLY A 321 14.65 -17.01 -41.87
N HIS A 322 15.58 -17.95 -41.62
CA HIS A 322 15.59 -19.26 -42.28
C HIS A 322 14.43 -20.19 -41.94
N ILE A 323 14.15 -20.37 -40.66
CA ILE A 323 12.97 -21.11 -40.24
C ILE A 323 11.78 -20.14 -40.27
N GLU A 324 10.65 -20.59 -40.83
CA GLU A 324 9.42 -19.80 -40.90
C GLU A 324 8.30 -20.42 -40.07
N ASN A 325 8.61 -21.46 -39.29
CA ASN A 325 7.70 -22.04 -38.31
C ASN A 325 7.85 -21.37 -36.96
N ASN A 326 7.05 -21.84 -36.02
CA ASN A 326 7.09 -21.40 -34.63
C ASN A 326 8.08 -22.22 -33.83
N VAL A 327 9.22 -22.50 -34.40
CA VAL A 327 10.25 -23.21 -33.66
C VAL A 327 10.92 -22.20 -32.74
N LYS A 328 11.18 -22.63 -31.50
CA LYS A 328 11.71 -21.77 -30.45
C LYS A 328 13.15 -21.41 -30.73
N LEU A 329 13.59 -20.29 -30.17
CA LEU A 329 14.88 -19.72 -30.54
C LEU A 329 16.05 -20.68 -30.31
N VAL A 330 16.00 -21.49 -29.24
CA VAL A 330 17.14 -22.38 -28.97
C VAL A 330 17.17 -23.55 -29.96
N ASP A 331 15.99 -23.98 -30.42
CA ASP A 331 15.91 -24.96 -31.51
C ASP A 331 16.30 -24.33 -32.86
N ARG A 332 15.88 -23.09 -33.12
CA ARG A 332 16.31 -22.43 -34.36
C ARG A 332 17.82 -22.34 -34.45
N ILE A 333 18.47 -22.00 -33.35
CA ILE A 333 19.92 -21.89 -33.31
C ILE A 333 20.57 -23.24 -33.57
N ALA A 334 20.04 -24.30 -32.96
CA ALA A 334 20.59 -25.64 -33.18
C ALA A 334 20.42 -26.06 -34.63
N PHE A 335 19.27 -25.75 -35.25
CA PHE A 335 19.04 -26.12 -36.64
C PHE A 335 20.03 -25.42 -37.57
N VAL A 336 20.25 -24.10 -37.36
CA VAL A 336 21.17 -23.36 -38.19
C VAL A 336 22.59 -23.88 -38.03
N LEU A 337 23.00 -24.21 -36.81
CA LEU A 337 24.37 -24.63 -36.58
C LEU A 337 24.59 -26.15 -36.63
N ASP A 338 23.53 -26.96 -36.76
CA ASP A 338 23.76 -28.39 -36.88
C ASP A 338 24.42 -28.69 -38.22
N ASN A 339 24.08 -27.96 -39.26
CA ASN A 339 24.69 -28.22 -40.53
C ASN A 339 26.17 -28.03 -40.38
N PRO A 340 26.95 -28.90 -41.00
CA PRO A 340 28.40 -28.99 -41.03
C PRO A 340 29.03 -27.86 -41.78
N PHE A 341 28.32 -27.22 -42.68
CA PHE A 341 28.87 -26.11 -43.43
C PHE A 341 28.32 -24.82 -42.93
N ALA A 342 27.95 -24.80 -41.67
CA ALA A 342 27.35 -23.65 -41.08
C ALA A 342 28.18 -22.45 -41.08
N MET A 343 27.52 -21.34 -41.20
CA MET A 343 28.22 -20.04 -41.20
C MET A 343 29.36 -19.85 -42.21
N PRO A 344 29.09 -20.07 -43.51
CA PRO A 344 30.21 -19.95 -44.46
C PRO A 344 30.74 -18.52 -44.64
N TYR A 345 30.02 -17.49 -44.19
CA TYR A 345 30.50 -16.10 -44.23
C TYR A 345 31.66 -15.85 -43.30
N VAL A 346 32.05 -16.83 -42.48
CA VAL A 346 33.14 -16.67 -41.53
C VAL A 346 34.38 -17.21 -42.22
N SER A 347 35.40 -16.35 -42.34
CA SER A 347 36.62 -16.73 -43.02
C SER A 347 37.43 -17.69 -42.16
N ASP A 348 37.91 -17.19 -41.03
CA ASP A 348 38.72 -17.93 -40.06
C ASP A 348 38.00 -19.19 -39.55
N PRO A 349 38.51 -20.39 -39.85
CA PRO A 349 37.81 -21.60 -39.36
C PRO A 349 37.85 -21.76 -37.84
N LEU A 350 38.77 -21.06 -37.15
CA LEU A 350 38.81 -21.15 -35.69
C LEU A 350 37.56 -20.54 -35.07
N LEU A 351 37.25 -19.29 -35.45
CA LEU A 351 36.04 -18.62 -34.99
C LEU A 351 34.79 -19.41 -35.37
N ARG A 352 34.76 -20.00 -36.57
CA ARG A 352 33.62 -20.83 -36.93
C ARG A 352 33.42 -21.96 -35.93
N GLU A 353 34.49 -22.67 -35.59
CA GLU A 353 34.35 -23.78 -34.66
C GLU A 353 34.01 -23.30 -33.26
N LEU A 354 34.52 -22.14 -32.87
CA LEU A 354 34.17 -21.61 -31.54
C LEU A 354 32.66 -21.36 -31.44
N ILE A 355 32.11 -20.56 -32.35
CA ILE A 355 30.69 -20.27 -32.33
C ILE A 355 29.88 -21.55 -32.41
N ARG A 356 30.27 -22.45 -33.32
CA ARG A 356 29.50 -23.68 -33.48
C ARG A 356 29.61 -24.57 -32.25
N GLY A 357 30.65 -24.39 -31.46
CA GLY A 357 30.76 -25.16 -30.24
C GLY A 357 29.99 -24.60 -29.08
N CYS A 358 29.66 -23.30 -29.11
CA CYS A 358 28.85 -22.73 -28.05
C CYS A 358 27.52 -23.48 -27.97
N THR A 359 26.95 -23.51 -26.77
CA THR A 359 25.66 -24.11 -26.56
C THR A 359 24.56 -23.23 -27.17
N PRO A 360 23.41 -23.79 -27.53
CA PRO A 360 22.33 -22.93 -28.01
C PRO A 360 21.90 -21.93 -26.96
N GLN A 361 22.06 -22.26 -25.68
CA GLN A 361 21.76 -21.29 -24.63
C GLN A 361 22.74 -20.12 -24.64
N GLU A 362 24.03 -20.38 -24.84
CA GLU A 362 24.98 -19.27 -24.93
C GLU A 362 24.59 -18.32 -26.06
N ILE A 363 24.18 -18.89 -27.20
CA ILE A 363 23.85 -18.09 -28.37
C ILE A 363 22.51 -17.38 -28.18
N HIS A 364 21.51 -18.09 -27.66
CA HIS A 364 20.25 -17.44 -27.33
C HIS A 364 20.50 -16.31 -26.36
N LYS A 365 21.27 -16.56 -25.29
CA LYS A 365 21.55 -15.52 -24.30
C LYS A 365 22.16 -14.28 -24.93
N HIS A 366 23.14 -14.47 -25.83
CA HIS A 366 23.92 -13.35 -26.37
C HIS A 366 23.15 -12.56 -27.44
N LEU A 367 22.35 -13.24 -28.26
CA LEU A 367 21.69 -12.55 -29.36
C LEU A 367 20.32 -11.98 -28.98
N PHE A 368 19.61 -12.59 -28.04
CA PHE A 368 18.21 -12.25 -27.83
C PHE A 368 17.84 -11.89 -26.40
N CYS A 369 18.67 -12.21 -25.39
CA CYS A 369 18.28 -12.07 -23.99
C CYS A 369 19.14 -11.08 -23.21
N ASP A 370 20.45 -11.29 -23.11
CA ASP A 370 21.21 -10.57 -22.10
C ASP A 370 21.36 -9.09 -22.47
N PRO A 371 21.10 -8.18 -21.53
CA PRO A 371 21.23 -6.77 -21.87
C PRO A 371 22.67 -6.31 -21.99
N LEU A 372 23.62 -6.93 -21.31
CA LEU A 372 25.02 -6.54 -21.52
C LEU A 372 25.52 -7.05 -22.87
N CYS A 373 25.07 -8.23 -23.31
CA CYS A 373 25.40 -8.70 -24.66
C CYS A 373 24.82 -7.77 -25.70
N ALA A 374 23.60 -7.28 -25.47
CA ALA A 374 23.02 -6.35 -26.43
C ALA A 374 23.84 -5.07 -26.48
N LEU A 375 24.22 -4.55 -25.32
CA LEU A 375 25.01 -3.32 -25.29
C LEU A 375 26.37 -3.50 -25.96
N ASN A 376 27.04 -4.63 -25.69
CA ASN A 376 28.37 -4.87 -26.28
C ASN A 376 28.31 -4.91 -27.80
N ALA A 377 27.30 -5.61 -28.36
CA ALA A 377 27.13 -5.67 -29.81
C ALA A 377 26.81 -4.29 -30.42
N LYS A 378 26.12 -3.41 -29.68
CA LYS A 378 25.77 -2.10 -30.23
C LYS A 378 26.95 -1.15 -30.19
N VAL A 379 27.86 -1.34 -29.27
CA VAL A 379 28.96 -0.40 -29.08
C VAL A 379 30.18 -0.73 -29.93
N VAL A 380 30.38 -2.01 -30.29
CA VAL A 380 31.64 -2.44 -30.90
C VAL A 380 31.72 -1.90 -32.33
N SER A 381 32.95 -1.61 -32.75
CA SER A 381 33.26 -1.34 -34.16
C SER A 381 34.41 -2.26 -34.59
N GLU A 382 34.10 -3.32 -35.34
CA GLU A 382 35.17 -4.22 -35.80
C GLU A 382 36.18 -3.49 -36.68
N ASP A 383 35.78 -2.40 -37.36
CA ASP A 383 36.70 -1.67 -38.22
C ASP A 383 37.76 -0.95 -37.41
N VAL A 384 37.35 -0.14 -36.43
CA VAL A 384 38.32 0.53 -35.57
C VAL A 384 39.27 -0.50 -34.96
N LEU A 385 38.72 -1.60 -34.44
CA LEU A 385 39.50 -2.51 -33.62
C LEU A 385 40.49 -3.33 -34.45
N PHE A 386 40.10 -3.74 -35.66
CA PHE A 386 40.90 -4.75 -36.32
C PHE A 386 41.43 -4.38 -37.70
N ARG A 387 40.95 -3.33 -38.35
CA ARG A 387 41.51 -2.96 -39.62
C ARG A 387 42.71 -2.05 -39.45
N LEU A 388 43.74 -2.29 -40.25
CA LEU A 388 44.98 -1.56 -40.09
C LEU A 388 44.79 -0.12 -40.56
N PRO A 389 45.19 0.86 -39.77
CA PRO A 389 44.88 2.23 -40.14
C PRO A 389 45.66 2.68 -41.38
N ARG A 390 45.05 3.59 -42.13
CA ARG A 390 45.76 4.29 -43.18
C ARG A 390 46.61 5.37 -42.53
N GLU A 391 47.92 5.35 -42.81
CA GLU A 391 48.83 6.18 -42.04
C GLU A 391 48.53 7.67 -42.22
N GLN A 392 48.06 8.08 -43.40
CA GLN A 392 47.78 9.49 -43.63
C GLN A 392 46.55 9.96 -42.85
N GLU A 393 45.47 9.18 -42.89
CA GLU A 393 44.25 9.54 -42.20
C GLU A 393 44.32 9.28 -40.69
N TYR A 394 45.05 8.22 -40.27
CA TYR A 394 45.23 7.96 -38.85
C TYR A 394 45.89 9.14 -38.15
N LYS A 395 46.84 9.80 -38.81
CA LYS A 395 47.49 10.97 -38.23
C LYS A 395 46.50 12.08 -37.97
N LYS A 396 45.45 12.18 -38.79
CA LYS A 396 44.42 13.18 -38.56
C LYS A 396 43.54 12.80 -37.36
N LEU A 397 43.25 11.51 -37.22
CA LEU A 397 42.49 11.04 -36.06
C LEU A 397 43.21 11.38 -34.77
N ARG A 398 44.50 11.00 -34.67
CA ARG A 398 45.30 11.27 -33.48
C ARG A 398 45.31 12.76 -33.17
N ALA A 399 45.51 13.58 -34.19
CA ALA A 399 45.55 15.02 -33.99
C ALA A 399 44.22 15.54 -33.46
N SER A 400 43.11 15.08 -34.04
CA SER A 400 41.81 15.59 -33.62
C SER A 400 41.45 15.10 -32.23
N ALA A 401 41.57 13.78 -32.00
CA ALA A 401 41.11 13.20 -30.74
C ALA A 401 41.96 13.69 -29.56
N ALA A 402 43.26 13.86 -29.77
CA ALA A 402 44.10 14.41 -28.71
C ALA A 402 43.68 15.83 -28.36
N ALA A 403 43.10 16.58 -29.34
CA ALA A 403 42.46 17.90 -29.17
C ALA A 403 41.08 17.82 -28.48
N GLY A 404 40.69 16.63 -28.05
CA GLY A 404 39.45 16.46 -27.32
C GLY A 404 38.24 16.45 -28.23
N GLN A 405 38.30 15.72 -29.34
CA GLN A 405 37.31 15.91 -30.38
C GLN A 405 36.48 14.68 -30.69
N LEU A 406 37.02 13.50 -30.53
CA LEU A 406 36.31 12.31 -30.94
C LEU A 406 35.80 11.50 -29.77
N LEU A 407 36.02 12.01 -28.54
CA LEU A 407 35.82 11.28 -27.30
C LEU A 407 34.63 11.78 -26.51
N ASP A 408 33.74 12.54 -27.12
CA ASP A 408 32.58 12.95 -26.34
C ASP A 408 31.53 11.86 -26.29
N ALA A 409 31.50 10.94 -27.27
CA ALA A 409 30.50 9.89 -27.23
C ALA A 409 30.78 8.84 -28.31
N ASN A 410 30.42 7.61 -28.02
CA ASN A 410 30.41 6.56 -29.03
C ASN A 410 29.20 6.79 -29.90
N THR A 411 29.43 7.09 -31.18
CA THR A 411 28.38 7.48 -32.11
C THR A 411 27.55 6.31 -32.60
N LEU A 412 27.89 5.06 -32.24
CA LEU A 412 27.04 3.91 -32.53
C LEU A 412 25.97 3.71 -31.45
N PHE A 413 26.38 3.81 -30.18
CA PHE A 413 25.51 3.76 -29.03
C PHE A 413 26.20 4.27 -27.80
N ASP A 414 25.64 5.23 -27.08
CA ASP A 414 26.26 5.73 -25.85
C ASP A 414 25.17 6.27 -24.93
N CYS A 415 24.94 5.60 -23.79
CA CYS A 415 23.93 6.07 -22.85
C CYS A 415 24.28 5.58 -21.44
N GLU A 416 24.65 6.52 -20.55
CA GLU A 416 24.99 6.11 -19.19
C GLU A 416 23.76 5.66 -18.41
N VAL A 417 22.56 6.11 -18.78
CA VAL A 417 21.33 5.62 -18.16
C VAL A 417 21.15 4.12 -18.43
N VAL A 418 21.13 3.74 -19.71
CA VAL A 418 21.03 2.30 -20.02
C VAL A 418 22.26 1.54 -19.54
N GLN A 419 23.46 2.12 -19.68
CA GLN A 419 24.62 1.40 -19.18
C GLN A 419 24.43 1.04 -17.71
N THR A 420 23.99 2.02 -16.92
CA THR A 420 23.85 1.83 -15.48
C THR A 420 22.82 0.75 -15.16
N LEU A 421 21.69 0.76 -15.84
CA LEU A 421 20.69 -0.27 -15.65
C LEU A 421 21.21 -1.65 -16.04
N VAL A 422 22.11 -1.69 -17.02
CA VAL A 422 22.71 -2.97 -17.39
C VAL A 422 23.59 -3.49 -16.26
N PHE A 423 24.32 -2.61 -15.57
CA PHE A 423 25.14 -3.10 -14.45
C PHE A 423 24.28 -3.49 -13.27
N LEU A 424 23.22 -2.73 -13.02
CA LEU A 424 22.28 -3.11 -11.98
C LEU A 424 21.69 -4.49 -12.26
N PHE A 425 21.24 -4.75 -13.50
CA PHE A 425 20.64 -6.05 -13.81
C PHE A 425 21.63 -7.19 -13.62
N LYS A 426 22.84 -7.06 -14.17
CA LYS A 426 23.86 -8.07 -13.92
C LYS A 426 24.09 -8.25 -12.41
N GLY A 427 23.90 -7.17 -11.63
CA GLY A 427 24.15 -7.25 -10.20
C GLY A 427 23.12 -8.10 -9.48
N LEU A 428 21.83 -7.92 -9.80
CA LEU A 428 20.84 -8.77 -9.16
C LEU A 428 21.00 -10.21 -9.60
N GLN A 429 21.57 -10.40 -10.79
CA GLN A 429 21.80 -11.71 -11.39
C GLN A 429 22.99 -12.45 -10.77
N ASN A 430 23.97 -11.73 -10.22
CA ASN A 430 25.22 -12.30 -9.72
C ASN A 430 25.40 -12.08 -8.22
N ALA A 431 24.34 -11.69 -7.51
CA ALA A 431 24.55 -11.26 -6.13
C ALA A 431 23.21 -11.21 -5.43
N ARG A 432 23.26 -11.26 -4.10
CA ARG A 432 22.04 -11.14 -3.31
C ARG A 432 21.61 -9.69 -3.35
N VAL A 433 20.39 -9.45 -3.84
CA VAL A 433 19.78 -8.13 -3.85
C VAL A 433 18.34 -8.31 -3.45
N GLY A 434 17.83 -7.40 -2.62
CA GLY A 434 16.47 -7.47 -2.12
C GLY A 434 15.52 -7.67 -3.27
N LYS A 435 14.42 -8.41 -3.06
CA LYS A 435 13.58 -8.71 -4.21
C LYS A 435 12.80 -7.49 -4.70
N THR A 436 12.48 -6.54 -3.81
CA THR A 436 11.72 -5.38 -4.30
C THR A 436 12.59 -4.42 -5.13
N THR A 437 13.81 -4.13 -4.69
CA THR A 437 14.67 -3.33 -5.56
C THR A 437 15.08 -4.14 -6.76
N SER A 438 15.02 -5.47 -6.66
CA SER A 438 15.27 -6.33 -7.81
C SER A 438 14.19 -6.13 -8.88
N LEU A 439 12.92 -6.08 -8.49
CA LEU A 439 11.88 -5.94 -9.49
C LEU A 439 11.71 -4.51 -9.98
N ASP A 440 12.19 -3.51 -9.25
CA ASP A 440 12.11 -2.14 -9.75
C ASP A 440 13.10 -1.96 -10.90
N ILE A 441 14.32 -2.47 -10.73
CA ILE A 441 15.33 -2.45 -11.77
C ILE A 441 14.83 -3.17 -13.02
N ILE A 442 14.32 -4.40 -12.86
CA ILE A 442 13.81 -5.13 -14.02
C ILE A 442 12.73 -4.33 -14.71
N ARG A 443 11.87 -3.68 -13.93
CA ARG A 443 10.78 -2.88 -14.53
C ARG A 443 11.32 -1.65 -15.23
N GLU A 444 12.27 -0.94 -14.61
CA GLU A 444 12.85 0.24 -15.24
C GLU A 444 13.69 -0.17 -16.44
N LEU A 445 14.41 -1.30 -16.36
CA LEU A 445 15.24 -1.74 -17.47
C LEU A 445 14.39 -2.12 -18.68
N THR A 446 13.25 -2.75 -18.47
CA THR A 446 12.40 -3.04 -19.61
C THR A 446 11.96 -1.76 -20.29
N ALA A 447 11.61 -0.75 -19.50
CA ALA A 447 11.15 0.52 -20.06
C ALA A 447 12.22 1.14 -20.94
N GLN A 448 13.45 1.22 -20.44
CA GLN A 448 14.51 1.86 -21.20
C GLN A 448 14.90 1.04 -22.43
N LEU A 449 14.90 -0.29 -22.32
CA LEU A 449 15.16 -1.14 -23.47
C LEU A 449 14.23 -0.80 -24.62
N LYS A 450 12.95 -0.60 -24.31
CA LYS A 450 11.98 -0.33 -25.35
C LYS A 450 12.06 1.12 -25.84
N ARG A 451 12.31 2.08 -24.94
CA ARG A 451 12.55 3.45 -25.41
C ARG A 451 13.74 3.52 -26.36
N HIS A 452 14.67 2.60 -26.25
CA HIS A 452 15.88 2.61 -27.08
C HIS A 452 15.81 1.62 -28.23
N ARG A 453 14.67 1.07 -28.51
CA ARG A 453 14.57 0.15 -29.61
C ARG A 453 15.51 -1.03 -29.50
N LEU A 454 15.75 -1.51 -28.31
CA LEU A 454 16.59 -2.68 -28.10
C LEU A 454 15.65 -3.83 -27.85
N ASP A 455 15.62 -4.79 -28.77
CA ASP A 455 14.63 -5.85 -28.74
C ASP A 455 15.22 -7.07 -28.06
N LEU A 456 14.86 -7.28 -26.80
CA LEU A 456 15.31 -8.43 -26.03
C LEU A 456 14.13 -9.21 -25.51
N ALA A 457 14.39 -10.45 -25.10
CA ALA A 457 13.45 -11.15 -24.25
C ALA A 457 13.29 -10.35 -22.97
N HIS A 458 12.22 -10.64 -22.22
CA HIS A 458 11.94 -9.81 -21.04
C HIS A 458 13.01 -10.03 -19.98
N PRO A 459 13.54 -8.97 -19.37
CA PRO A 459 14.63 -9.16 -18.40
C PRO A 459 14.27 -10.13 -17.28
N SER A 460 13.00 -10.27 -16.92
CA SER A 460 12.67 -11.28 -15.91
C SER A 460 12.92 -12.70 -16.41
N GLN A 461 12.55 -13.02 -17.66
CA GLN A 461 12.88 -14.32 -18.22
C GLN A 461 14.38 -14.52 -18.26
N THR A 462 15.12 -13.52 -18.70
CA THR A 462 16.57 -13.67 -18.79
C THR A 462 17.17 -13.94 -17.43
N SER A 463 16.75 -13.18 -16.41
CA SER A 463 17.31 -13.35 -15.08
C SER A 463 16.99 -14.73 -14.50
N HIS A 464 15.80 -15.26 -14.80
CA HIS A 464 15.47 -16.61 -14.37
C HIS A 464 16.31 -17.64 -15.12
N LEU A 465 16.50 -17.47 -16.43
CA LEU A 465 17.02 -18.52 -17.30
C LEU A 465 18.54 -18.71 -17.19
N TYR A 466 19.34 -17.62 -17.23
CA TYR A 466 20.76 -17.72 -17.59
C TYR A 466 21.66 -17.01 -16.59
N ALA A 467 22.96 -17.32 -16.67
CA ALA A 467 23.96 -16.68 -15.83
C ALA A 467 24.42 -15.40 -16.46
N PHE B 2 31.11 49.54 18.82
CA PHE B 2 31.20 48.11 19.10
C PHE B 2 31.04 47.29 17.86
N VAL B 3 31.95 46.39 17.64
CA VAL B 3 31.89 45.60 16.41
C VAL B 3 32.08 44.12 16.74
N PRO B 4 31.21 43.23 16.28
CA PRO B 4 31.39 41.79 16.54
C PRO B 4 32.50 41.21 15.68
N TRP B 5 32.81 39.95 15.94
CA TRP B 5 33.79 39.19 15.16
C TRP B 5 35.19 39.82 15.23
N GLN B 6 35.60 40.18 16.44
CA GLN B 6 36.91 40.78 16.68
C GLN B 6 37.72 39.81 17.50
N LEU B 7 38.84 39.32 16.93
CA LEU B 7 39.71 38.41 17.68
C LEU B 7 40.02 38.96 19.08
N GLY B 8 40.23 40.28 19.18
CA GLY B 8 40.48 40.88 20.48
C GLY B 8 39.38 40.60 21.47
N THR B 9 38.12 40.59 21.02
CA THR B 9 37.03 40.35 21.95
C THR B 9 37.15 38.96 22.54
N ILE B 10 37.59 37.99 21.74
CA ILE B 10 37.83 36.64 22.24
C ILE B 10 38.95 36.66 23.26
N THR B 11 40.06 37.32 22.91
CA THR B 11 41.23 37.31 23.80
C THR B 11 40.94 37.94 25.16
N ARG B 12 40.26 39.08 25.20
CA ARG B 12 40.07 39.69 26.51
C ARG B 12 39.19 38.84 27.42
N HIS B 13 38.25 38.07 26.85
CA HIS B 13 37.32 37.27 27.65
C HIS B 13 37.71 35.79 27.73
N ARG B 14 38.99 35.47 27.56
CA ARG B 14 39.45 34.10 27.67
C ARG B 14 38.97 33.40 28.93
N ASP B 15 38.74 34.13 30.02
CA ASP B 15 38.32 33.49 31.27
C ASP B 15 36.91 32.91 31.15
N GLU B 16 35.93 33.76 30.83
CA GLU B 16 34.56 33.27 30.68
C GLU B 16 34.48 32.24 29.56
N LEU B 17 35.17 32.48 28.45
CA LEU B 17 35.14 31.54 27.34
C LEU B 17 35.78 30.20 27.69
N GLN B 18 36.78 30.19 28.57
CA GLN B 18 37.30 28.91 29.03
C GLN B 18 36.24 28.15 29.82
N LYS B 19 35.42 28.86 30.61
CA LYS B 19 34.37 28.10 31.29
C LYS B 19 33.36 27.54 30.28
N LEU B 20 33.08 28.29 29.21
CA LEU B 20 32.16 27.80 28.17
C LEU B 20 32.74 26.60 27.42
N LEU B 21 34.02 26.69 27.02
CA LEU B 21 34.65 25.58 26.34
C LEU B 21 34.68 24.35 27.23
N ALA B 22 34.94 24.51 28.54
CA ALA B 22 34.95 23.35 29.42
C ALA B 22 33.56 22.72 29.48
N ALA B 23 32.52 23.55 29.61
CA ALA B 23 31.15 23.06 29.61
C ALA B 23 30.66 22.56 28.23
N SER B 24 31.50 22.59 27.19
CA SER B 24 31.07 22.14 25.87
C SER B 24 31.78 20.89 25.34
N LEU B 25 32.50 20.14 26.17
CA LEU B 25 33.00 18.83 25.76
C LEU B 25 32.11 17.71 26.28
N LEU B 26 32.16 16.58 25.59
CA LEU B 26 31.37 15.43 25.96
C LEU B 26 32.06 14.64 27.07
N PRO B 27 31.30 13.88 27.85
CA PRO B 27 31.90 13.00 28.87
C PRO B 27 32.71 11.88 28.25
N GLU B 28 33.84 11.51 28.91
CA GLU B 28 34.73 10.47 28.39
C GLU B 28 34.07 9.09 28.43
N HIS B 29 33.48 8.72 29.56
CA HIS B 29 32.87 7.40 29.73
C HIS B 29 31.43 7.60 30.20
N PRO B 30 30.54 7.94 29.28
CA PRO B 30 29.15 8.24 29.67
C PRO B 30 28.46 7.03 30.26
N GLU B 31 28.87 5.84 29.83
CA GLU B 31 28.23 4.60 30.24
C GLU B 31 28.43 4.29 31.72
N GLU B 32 29.36 4.97 32.39
CA GLU B 32 29.66 4.68 33.80
C GLU B 32 28.99 5.63 34.79
N SER B 33 28.25 6.64 34.33
CA SER B 33 27.44 7.49 35.20
C SER B 33 25.98 7.39 34.79
N LEU B 34 25.08 7.45 35.78
CA LEU B 34 23.65 7.34 35.49
C LEU B 34 23.12 8.59 34.79
N GLY B 35 23.80 9.72 34.98
CA GLY B 35 23.44 10.97 34.35
C GLY B 35 24.62 11.91 34.47
N ASN B 36 24.41 13.12 33.96
CA ASN B 36 25.44 14.15 33.92
C ASN B 36 24.77 15.50 33.90
N PRO B 37 25.10 16.41 34.81
CA PRO B 37 24.35 17.68 34.86
C PRO B 37 24.47 18.51 33.60
N ILE B 38 25.62 18.48 32.91
CA ILE B 38 25.77 19.23 31.65
C ILE B 38 24.91 18.61 30.54
N MET B 39 25.04 17.30 30.32
CA MET B 39 24.17 16.69 29.32
C MET B 39 22.71 16.87 29.68
N THR B 40 22.37 16.89 30.98
CA THR B 40 20.99 17.10 31.37
C THR B 40 20.53 18.51 31.05
N GLN B 41 21.41 19.50 31.23
CA GLN B 41 21.00 20.88 30.95
C GLN B 41 20.89 21.13 29.45
N ILE B 42 21.86 20.64 28.68
CA ILE B 42 21.76 20.76 27.23
C ILE B 42 20.52 20.07 26.72
N HIS B 43 20.29 18.87 27.24
CA HIS B 43 19.13 18.09 26.82
C HIS B 43 17.88 18.89 27.14
N GLN B 44 17.88 19.58 28.26
CA GLN B 44 16.70 20.36 28.64
C GLN B 44 16.51 21.57 27.73
N SER B 45 17.62 22.15 27.26
CA SER B 45 17.49 23.30 26.34
C SER B 45 16.83 22.89 25.03
N LEU B 46 16.91 21.61 24.64
CA LEU B 46 16.32 21.09 23.41
C LEU B 46 14.92 20.54 23.63
N GLN B 47 14.27 20.91 24.72
CA GLN B 47 12.91 20.42 24.65
C GLN B 47 11.98 21.54 24.21
N PRO B 48 11.03 21.25 23.32
CA PRO B 48 10.36 22.35 22.59
C PRO B 48 9.65 23.36 23.47
N SER B 49 9.27 22.99 24.69
CA SER B 49 8.58 23.90 25.60
C SER B 49 9.49 24.42 26.69
N SER B 50 10.82 24.22 26.56
CA SER B 50 11.76 24.82 27.48
C SER B 50 12.01 26.27 27.08
N PRO B 51 12.25 27.14 28.04
CA PRO B 51 12.53 28.54 27.70
C PRO B 51 13.87 28.65 26.99
N CYS B 52 14.04 29.77 26.25
CA CYS B 52 15.33 30.11 25.66
C CYS B 52 16.16 30.80 26.74
N ARG B 53 17.27 30.20 27.15
CA ARG B 53 18.02 30.80 28.25
C ARG B 53 18.54 32.20 27.88
N VAL B 54 18.93 32.41 26.63
CA VAL B 54 19.45 33.72 26.23
C VAL B 54 18.34 34.77 26.18
N CYS B 55 17.16 34.41 25.64
CA CYS B 55 16.04 35.36 25.71
C CYS B 55 15.70 35.70 27.16
N GLN B 56 15.84 34.72 28.07
CA GLN B 56 15.50 34.97 29.47
C GLN B 56 16.55 35.86 30.14
N LEU B 57 17.82 35.62 29.81
CA LEU B 57 18.89 36.51 30.28
C LEU B 57 18.64 37.95 29.84
N LEU B 58 18.32 38.15 28.56
CA LEU B 58 18.07 39.50 28.07
C LEU B 58 16.87 40.14 28.78
N PHE B 59 15.79 39.38 28.90
CA PHE B 59 14.53 39.86 29.46
C PHE B 59 14.71 40.32 30.89
N SER B 60 15.51 39.58 31.65
CA SER B 60 15.77 39.93 33.02
C SER B 60 16.44 41.30 33.03
N LEU B 61 17.31 41.59 32.09
CA LEU B 61 18.12 42.80 32.18
C LEU B 61 17.37 44.13 32.12
N VAL B 62 16.23 44.05 31.52
CA VAL B 62 15.51 45.23 31.28
C VAL B 62 14.22 45.40 31.97
N ARG B 63 13.74 44.46 32.75
CA ARG B 63 12.50 44.74 33.42
C ARG B 63 12.74 45.76 34.51
N PRO B 68 20.32 50.88 29.48
CA PRO B 68 20.84 51.91 28.60
C PRO B 68 20.06 51.95 27.37
N MET B 69 20.63 52.52 26.33
CA MET B 69 20.01 52.57 25.01
C MET B 69 21.07 52.31 23.95
N GLY B 70 22.23 51.84 24.36
CA GLY B 70 23.30 51.62 23.42
C GLY B 70 23.53 50.18 23.55
N PHE B 71 22.83 49.65 24.52
CA PHE B 71 22.80 48.26 24.69
C PHE B 71 21.99 47.67 23.55
N PHE B 72 20.85 48.26 23.21
CA PHE B 72 20.05 47.61 22.18
C PHE B 72 20.72 47.66 20.82
N GLU B 73 21.53 48.67 20.59
CA GLU B 73 22.16 48.80 19.29
C GLU B 73 23.41 47.92 19.19
N ASP B 74 24.09 47.67 20.32
CA ASP B 74 25.22 46.75 20.29
C ASP B 74 24.72 45.31 20.19
N TYR B 75 23.63 45.02 20.91
CA TYR B 75 23.02 43.71 20.79
C TYR B 75 22.49 43.48 19.38
N ALA B 76 21.82 44.48 18.79
CA ALA B 76 21.30 44.34 17.44
C ALA B 76 22.42 44.21 16.41
N CYS B 77 23.60 44.78 16.68
CA CYS B 77 24.69 44.49 15.75
C CYS B 77 25.13 43.04 15.86
N LEU B 78 25.25 42.53 17.10
CA LEU B 78 25.59 41.12 17.26
C LEU B 78 24.63 40.25 16.46
N CYS B 79 23.34 40.55 16.59
CA CYS B 79 22.31 39.84 15.84
C CYS B 79 22.54 39.95 14.33
N PHE B 80 22.80 41.15 13.82
CA PHE B 80 23.01 41.28 12.37
C PHE B 80 24.19 40.41 11.91
N PHE B 81 25.26 40.38 12.70
CA PHE B 81 26.43 39.57 12.32
C PHE B 81 26.08 38.10 12.30
N CYS B 82 25.34 37.63 13.30
CA CYS B 82 24.97 36.21 13.29
C CYS B 82 24.11 35.90 12.07
N LEU B 83 23.16 36.80 11.76
CA LEU B 83 22.30 36.64 10.60
C LEU B 83 23.09 36.45 9.32
N TYR B 84 24.30 37.02 9.23
CA TYR B 84 25.08 36.82 8.01
C TYR B 84 26.28 35.90 8.24
N ALA B 85 26.19 35.03 9.25
CA ALA B 85 27.27 34.12 9.63
C ALA B 85 26.84 32.68 9.46
N PRO B 86 27.76 31.79 9.11
CA PRO B 86 27.41 30.37 9.00
C PRO B 86 27.11 29.77 10.36
N HIS B 87 26.48 28.60 10.31
CA HIS B 87 26.20 27.78 11.49
CA HIS B 87 26.23 27.79 11.55
C HIS B 87 27.36 26.67 11.88
N CYS B 88 28.22 27.12 12.79
CA CYS B 88 29.42 26.32 13.03
C CYS B 88 29.94 26.60 14.45
N TRP B 89 31.11 26.03 14.77
CA TRP B 89 31.70 26.30 16.07
C TRP B 89 32.19 27.74 16.17
N THR B 90 32.88 28.24 15.13
CA THR B 90 33.44 29.59 15.18
C THR B 90 32.36 30.64 15.40
N SER B 91 31.21 30.50 14.75
CA SER B 91 30.17 31.52 14.94
C SER B 91 29.64 31.49 16.37
N THR B 92 29.58 30.30 16.99
CA THR B 92 29.12 30.21 18.37
C THR B 92 30.13 30.82 19.32
N MET B 93 31.41 30.56 19.07
CA MET B 93 32.50 31.17 19.83
C MET B 93 32.43 32.70 19.74
N ALA B 94 32.34 33.24 18.52
CA ALA B 94 32.30 34.68 18.32
C ALA B 94 31.09 35.30 19.00
N ALA B 95 29.90 34.70 18.82
CA ALA B 95 28.72 35.22 19.49
C ALA B 95 28.86 35.17 21.01
N ALA B 96 29.54 34.14 21.54
CA ALA B 96 29.77 34.07 22.98
C ALA B 96 30.65 35.24 23.43
N ALA B 97 31.79 35.43 22.76
CA ALA B 97 32.71 36.52 23.09
C ALA B 97 32.01 37.87 23.02
N ASP B 98 31.30 38.14 21.93
CA ASP B 98 30.62 39.44 21.80
C ASP B 98 29.46 39.58 22.77
N LEU B 99 28.85 38.50 23.24
CA LEU B 99 27.85 38.65 24.29
C LEU B 99 28.49 39.01 25.62
N CYS B 100 29.62 38.37 25.95
CA CYS B 100 30.44 38.82 27.08
C CYS B 100 30.72 40.30 27.00
N GLU B 101 31.29 40.75 25.87
CA GLU B 101 31.65 42.15 25.68
C GLU B 101 30.46 43.07 25.81
N ILE B 102 29.31 42.74 25.20
CA ILE B 102 28.14 43.61 25.33
C ILE B 102 27.72 43.74 26.78
N MET B 103 27.85 42.68 27.56
CA MET B 103 27.39 42.91 28.92
C MET B 103 28.46 43.53 29.81
N HIS B 104 29.75 43.33 29.52
CA HIS B 104 30.72 44.12 30.27
C HIS B 104 30.58 45.60 29.94
N LEU B 105 30.13 45.94 28.72
CA LEU B 105 29.90 47.35 28.37
C LEU B 105 28.67 47.91 29.05
N HIS B 106 27.54 47.19 29.02
CA HIS B 106 26.29 47.85 29.39
C HIS B 106 25.65 47.39 30.69
N PHE B 107 26.06 46.22 31.20
CA PHE B 107 25.57 45.69 32.46
C PHE B 107 26.79 45.20 33.25
N PRO B 108 27.58 46.13 33.81
CA PRO B 108 28.80 45.62 34.47
C PRO B 108 28.60 45.27 35.95
N GLU B 109 27.59 45.87 36.59
CA GLU B 109 27.33 45.61 38.01
C GLU B 109 26.34 44.48 38.26
N GLU B 110 25.64 44.03 37.24
CA GLU B 110 24.73 42.92 37.46
C GLU B 110 25.52 41.64 37.67
N GLU B 111 25.01 40.79 38.54
CA GLU B 111 25.62 39.53 38.91
C GLU B 111 25.69 38.56 37.72
N ALA B 112 24.70 38.62 36.84
CA ALA B 112 24.61 37.79 35.64
C ALA B 112 25.76 37.96 34.64
N THR B 113 26.38 39.12 34.63
CA THR B 113 27.49 39.47 33.77
C THR B 113 28.73 38.61 33.96
N TYR B 114 28.95 38.12 35.16
CA TYR B 114 30.14 37.32 35.47
C TYR B 114 29.73 35.91 35.86
N GLY B 115 30.52 34.93 35.46
CA GLY B 115 30.09 33.55 35.56
C GLY B 115 28.94 33.33 34.61
N LEU B 116 29.13 33.81 33.37
CA LEU B 116 28.09 33.78 32.35
C LEU B 116 27.87 32.38 31.79
N PHE B 117 28.93 31.63 31.59
CA PHE B 117 28.80 30.34 30.93
C PHE B 117 29.10 29.22 31.91
N GLY B 118 28.55 28.07 31.58
CA GLY B 118 28.74 26.90 32.40
C GLY B 118 27.43 26.41 32.96
N PRO B 119 27.51 25.38 33.80
CA PRO B 119 26.29 24.74 34.29
C PRO B 119 25.53 25.69 35.19
N GLY B 120 24.24 25.73 34.99
CA GLY B 120 23.38 26.63 35.71
C GLY B 120 23.26 27.95 35.00
N ARG B 121 24.08 28.15 34.00
CA ARG B 121 24.10 29.37 33.22
C ARG B 121 23.99 29.02 31.76
N LEU B 122 24.48 29.87 30.88
CA LEU B 122 24.40 29.61 29.44
C LEU B 122 25.33 28.56 28.94
N MET B 123 24.87 27.76 27.98
CA MET B 123 25.63 26.68 27.36
C MET B 123 25.84 26.97 25.89
N GLY B 124 26.75 26.20 25.28
CA GLY B 124 26.93 26.29 23.84
C GLY B 124 25.62 26.13 23.10
N ILE B 125 24.80 25.17 23.54
CA ILE B 125 23.54 24.90 22.84
C ILE B 125 22.60 26.10 22.90
N ASP B 126 22.64 26.87 23.99
CA ASP B 126 21.73 28.01 24.14
C ASP B 126 22.08 29.14 23.17
N LEU B 127 23.38 29.39 22.96
CA LEU B 127 23.82 30.33 21.93
C LEU B 127 23.45 29.84 20.54
N GLN B 128 23.69 28.55 20.27
CA GLN B 128 23.31 28.00 18.96
C GLN B 128 21.83 28.21 18.68
N LEU B 129 20.99 27.89 19.68
CA LEU B 129 19.55 27.98 19.47
C LEU B 129 19.10 29.41 19.28
N HIS B 130 19.60 30.33 20.10
CA HIS B 130 19.10 31.72 20.05
C HIS B 130 19.60 32.43 18.79
N PHE B 131 20.89 32.31 18.49
CA PHE B 131 21.47 33.15 17.44
C PHE B 131 21.47 32.51 16.06
N PHE B 132 21.37 31.18 15.97
CA PHE B 132 21.55 30.51 14.67
C PHE B 132 20.45 29.52 14.28
N VAL B 133 20.07 28.61 15.17
CA VAL B 133 19.04 27.63 14.81
C VAL B 133 17.68 28.30 14.74
N GLN B 134 17.25 28.90 15.85
CA GLN B 134 15.92 29.49 15.93
C GLN B 134 15.88 30.97 15.57
N LYS B 135 17.01 31.67 15.66
CA LYS B 135 17.09 33.11 15.32
C LYS B 135 16.04 33.96 16.05
N CYS B 136 16.08 33.96 17.39
CA CYS B 136 15.02 34.62 18.14
C CYS B 136 14.91 36.11 17.82
N PHE B 137 15.95 36.71 17.25
CA PHE B 137 16.00 38.17 17.06
C PHE B 137 15.33 38.65 15.79
N LYS B 138 15.02 37.75 14.84
CA LYS B 138 14.42 38.17 13.59
C LYS B 138 13.07 38.79 13.85
N THR B 139 12.78 39.91 13.18
CA THR B 139 11.47 40.53 13.36
C THR B 139 10.45 39.78 12.51
N THR B 140 9.47 39.18 13.17
CA THR B 140 8.54 38.30 12.49
C THR B 140 7.12 38.79 12.68
N ALA B 141 6.32 38.67 11.62
CA ALA B 141 4.94 39.06 11.72
C ALA B 141 4.22 38.12 12.67
N ALA B 142 3.22 38.66 13.38
CA ALA B 142 2.48 37.85 14.34
C ALA B 142 1.81 36.64 13.66
N GLU B 143 1.24 36.84 12.47
CA GLU B 143 0.52 35.73 11.85
C GLU B 143 1.43 34.55 11.49
N LYS B 144 2.76 34.74 11.52
CA LYS B 144 3.70 33.67 11.18
C LYS B 144 4.15 32.86 12.39
N ILE B 145 3.70 33.18 13.60
CA ILE B 145 4.35 32.61 14.76
C ILE B 145 4.02 31.12 14.88
N LEU B 146 2.73 30.79 14.85
CA LEU B 146 2.33 29.39 15.00
C LEU B 146 3.03 28.54 13.96
N GLY B 147 2.98 28.94 12.69
CA GLY B 147 3.70 28.21 11.66
C GLY B 147 5.15 28.01 11.99
N ILE B 148 5.84 29.08 12.40
CA ILE B 148 7.26 28.96 12.73
C ILE B 148 7.47 27.97 13.88
N SER B 149 6.56 27.98 14.86
CA SER B 149 6.77 27.10 16.00
C SER B 149 6.76 25.64 15.56
N ASN B 150 5.94 25.29 14.57
CA ASN B 150 5.96 23.91 14.08
C ASN B 150 7.35 23.54 13.60
N LEU B 151 7.94 24.39 12.75
CA LEU B 151 9.27 24.10 12.22
C LEU B 151 10.29 24.07 13.34
N GLN B 152 10.19 24.96 14.31
CA GLN B 152 11.17 24.91 15.40
C GLN B 152 11.03 23.62 16.19
N PHE B 153 9.79 23.17 16.39
CA PHE B 153 9.56 21.89 17.04
C PHE B 153 10.40 20.81 16.38
N LEU B 154 10.25 20.66 15.05
CA LEU B 154 10.99 19.63 14.34
C LEU B 154 12.48 19.80 14.54
N LYS B 155 12.98 21.04 14.46
CA LYS B 155 14.41 21.24 14.61
C LYS B 155 14.87 20.72 15.95
N SER B 156 14.20 21.13 17.04
CA SER B 156 14.61 20.67 18.36
C SER B 156 14.68 19.16 18.40
N GLU B 157 13.65 18.50 17.87
CA GLU B 157 13.63 17.05 18.01
C GLU B 157 14.87 16.46 17.38
N PHE B 158 15.15 16.85 16.14
CA PHE B 158 16.24 16.16 15.48
C PHE B 158 17.58 16.57 16.05
N ILE B 159 17.70 17.81 16.54
CA ILE B 159 18.97 18.15 17.17
C ILE B 159 19.14 17.35 18.44
N ARG B 160 18.06 17.22 19.22
CA ARG B 160 18.15 16.40 20.42
C ARG B 160 18.50 14.96 20.06
N GLY B 161 18.02 14.47 18.90
CA GLY B 161 18.42 13.15 18.47
C GLY B 161 19.92 13.03 18.32
N MET B 162 20.54 14.03 17.68
CA MET B 162 21.98 13.99 17.49
C MET B 162 22.71 14.01 18.83
N LEU B 163 22.09 14.61 19.84
CA LEU B 163 22.71 14.62 21.16
C LEU B 163 22.63 13.23 21.78
N THR B 164 21.45 12.61 21.73
CA THR B 164 21.24 11.37 22.47
C THR B 164 21.54 10.14 21.64
N GLY B 165 21.42 10.21 20.33
CA GLY B 165 21.70 9.10 19.48
C GLY B 165 20.48 8.54 18.80
N THR B 166 19.30 8.85 19.30
CA THR B 166 18.06 8.36 18.71
C THR B 166 16.98 9.44 18.67
N ILE B 167 16.05 9.30 17.73
CA ILE B 167 14.97 10.25 17.57
C ILE B 167 13.61 9.59 17.79
N THR B 168 12.78 10.20 18.63
CA THR B 168 11.46 9.66 18.93
C THR B 168 10.43 10.17 17.93
N PHE B 173 7.54 13.50 11.90
CA PHE B 173 7.78 14.26 10.68
C PHE B 173 6.64 14.22 9.64
N LYS B 174 6.28 13.01 9.19
CA LYS B 174 5.21 12.84 8.21
C LYS B 174 3.89 13.41 8.71
N THR B 175 3.64 13.27 10.02
CA THR B 175 2.45 13.88 10.58
C THR B 175 2.53 15.40 10.51
N SER B 176 3.68 15.98 10.92
CA SER B 176 3.76 17.43 11.13
C SER B 176 4.04 18.23 9.87
N TRP B 177 4.60 17.60 8.83
CA TRP B 177 5.07 18.35 7.68
C TRP B 177 3.90 18.77 6.80
N PRO B 190 5.09 31.55 -1.68
CA PRO B 190 6.41 30.93 -1.79
C PRO B 190 7.11 30.99 -0.45
N CYS B 191 7.97 30.01 -0.21
CA CYS B 191 8.59 29.98 1.11
C CYS B 191 9.57 31.15 1.33
N CYS B 192 10.25 31.61 0.29
CA CYS B 192 11.31 32.58 0.44
C CYS B 192 11.51 33.32 -0.88
N GLN B 193 12.54 34.18 -0.94
CA GLN B 193 12.74 34.95 -2.15
C GLN B 193 13.20 34.09 -3.32
N ILE B 194 13.84 32.94 -3.05
CA ILE B 194 14.33 32.11 -4.15
C ILE B 194 13.17 31.53 -4.93
N THR B 195 12.14 31.04 -4.24
CA THR B 195 10.98 30.46 -4.90
C THR B 195 9.93 31.48 -5.26
N ASP B 196 10.01 32.70 -4.74
CA ASP B 196 9.18 33.78 -5.25
C ASP B 196 9.88 34.36 -6.46
N THR B 197 9.68 33.70 -7.60
CA THR B 197 10.34 34.06 -8.84
C THR B 197 9.71 35.28 -9.52
N THR B 198 8.77 35.92 -8.83
CA THR B 198 8.35 37.28 -9.16
C THR B 198 9.45 38.29 -8.89
N THR B 199 10.34 37.98 -7.95
CA THR B 199 11.43 38.85 -7.53
C THR B 199 12.67 38.58 -8.36
N ALA B 200 13.60 39.55 -8.36
CA ALA B 200 14.84 39.33 -9.08
C ALA B 200 15.77 38.48 -8.22
N PRO B 201 16.51 37.55 -8.83
CA PRO B 201 17.36 36.65 -8.03
C PRO B 201 18.33 37.45 -7.17
N ALA B 202 18.51 37.03 -5.95
CA ALA B 202 19.27 37.79 -5.00
C ALA B 202 20.64 38.14 -5.47
N SER B 203 20.98 39.39 -5.22
CA SER B 203 22.27 39.92 -5.55
C SER B 203 23.21 40.10 -4.39
N GLY B 204 22.78 40.66 -3.28
CA GLY B 204 23.71 40.88 -2.21
C GLY B 204 23.17 41.33 -0.89
N ILE B 205 24.07 41.69 0.01
CA ILE B 205 23.70 42.20 1.33
C ILE B 205 22.91 43.49 1.20
N PRO B 206 22.15 43.91 2.22
CA PRO B 206 21.32 45.10 2.08
C PRO B 206 22.15 46.30 1.68
N GLU B 207 21.48 47.37 1.25
CA GLU B 207 22.21 48.55 0.84
C GLU B 207 22.99 49.13 2.03
N LEU B 208 22.35 49.27 3.21
CA LEU B 208 23.03 49.85 4.37
C LEU B 208 24.29 49.07 4.71
N ALA B 209 24.25 47.74 4.66
CA ALA B 209 25.48 47.04 4.95
C ALA B 209 26.48 47.16 3.81
N ARG B 210 26.01 47.33 2.56
CA ARG B 210 26.97 47.50 1.48
C ARG B 210 27.75 48.79 1.66
N ALA B 211 27.04 49.87 1.99
CA ALA B 211 27.70 51.13 2.32
C ALA B 211 28.63 50.98 3.50
N THR B 212 28.25 50.16 4.49
CA THR B 212 29.05 50.10 5.71
C THR B 212 30.31 49.25 5.57
N PHE B 213 30.32 48.22 4.72
CA PHE B 213 31.38 47.23 4.74
C PHE B 213 32.10 47.05 3.42
N CYS B 214 31.48 47.40 2.30
CA CYS B 214 32.03 47.02 1.00
C CYS B 214 32.88 48.12 0.39
N GLY B 215 33.76 47.70 -0.51
CA GLY B 215 34.72 48.54 -1.20
C GLY B 215 36.12 48.02 -0.88
N ALA B 216 37.01 47.96 -1.87
CA ALA B 216 38.37 47.49 -1.60
C ALA B 216 39.04 48.38 -0.57
N SER B 217 38.49 49.58 -0.42
CA SER B 217 38.92 50.61 0.53
C SER B 217 39.04 50.10 1.96
N ARG B 218 38.30 48.98 2.34
CA ARG B 218 38.14 48.67 3.76
C ARG B 218 39.15 47.62 4.19
N PRO B 219 39.81 47.82 5.32
CA PRO B 219 40.72 46.80 5.85
C PRO B 219 39.97 45.65 6.49
N THR B 220 40.64 44.50 6.57
CA THR B 220 40.07 43.31 7.18
C THR B 220 40.34 43.31 8.68
N LYS B 221 39.44 42.67 9.44
CA LYS B 221 39.68 42.35 10.84
C LYS B 221 40.57 41.11 10.93
N PRO B 222 41.12 40.81 12.12
CA PRO B 222 42.04 39.68 12.24
C PRO B 222 41.37 38.33 11.97
N SER B 223 42.12 37.43 11.36
CA SER B 223 41.64 36.08 11.10
C SER B 223 41.43 35.32 12.40
N LEU B 224 40.31 34.61 12.48
CA LEU B 224 40.03 33.80 13.66
C LEU B 224 40.61 32.40 13.56
N LEU B 225 41.26 32.08 12.43
CA LEU B 225 41.89 30.78 12.25
C LEU B 225 42.86 30.36 13.36
N PRO B 226 43.74 31.23 13.90
CA PRO B 226 44.67 30.76 14.94
C PRO B 226 43.97 30.25 16.19
N ALA B 227 42.96 30.98 16.67
CA ALA B 227 42.21 30.56 17.86
C ALA B 227 41.49 29.23 17.62
N LEU B 228 40.86 29.08 16.45
CA LEU B 228 40.24 27.81 16.09
C LEU B 228 41.24 26.67 16.15
N ILE B 229 42.37 26.81 15.45
CA ILE B 229 43.34 25.72 15.39
C ILE B 229 43.87 25.42 16.80
N ASP B 230 44.07 26.47 17.61
CA ASP B 230 44.55 26.27 18.97
C ASP B 230 43.58 25.40 19.78
N ILE B 231 42.33 25.86 19.89
CA ILE B 231 41.36 25.18 20.76
C ILE B 231 41.10 23.77 20.29
N TRP B 232 40.98 23.56 18.98
CA TRP B 232 40.62 22.23 18.51
C TRP B 232 41.81 21.28 18.46
N SER B 233 43.04 21.78 18.35
CA SER B 233 44.18 20.87 18.43
C SER B 233 44.52 20.51 19.87
N THR B 234 44.30 21.42 20.83
CA THR B 234 44.55 21.03 22.21
C THR B 234 43.42 20.19 22.80
N SER B 235 42.21 20.22 22.23
CA SER B 235 41.11 19.49 22.86
C SER B 235 40.44 18.45 21.97
N SER B 236 41.05 18.06 20.85
CA SER B 236 40.51 16.98 20.03
C SER B 236 41.58 16.59 19.03
N GLU B 237 41.32 15.51 18.28
CA GLU B 237 42.27 15.12 17.24
C GLU B 237 41.72 15.41 15.84
N LEU B 238 40.91 16.46 15.73
CA LEU B 238 40.33 16.82 14.47
C LEU B 238 41.35 17.31 13.51
N LEU B 239 42.41 17.89 14.03
CA LEU B 239 43.46 18.46 13.22
C LEU B 239 44.64 17.55 12.99
N ASP B 240 44.46 16.26 13.19
CA ASP B 240 45.51 15.29 12.96
C ASP B 240 45.07 14.38 11.82
N PRO B 263 48.58 28.08 25.45
CA PRO B 263 47.39 27.21 25.42
C PRO B 263 46.13 27.95 25.82
N PHE B 264 45.30 28.33 24.85
CA PHE B 264 44.09 29.09 25.11
C PHE B 264 43.07 28.34 25.96
N PHE B 265 42.89 27.06 25.67
CA PHE B 265 41.93 26.26 26.41
C PHE B 265 42.56 25.00 27.02
N SER B 266 42.30 24.78 28.30
CA SER B 266 42.80 23.61 28.99
C SER B 266 41.56 22.77 29.28
N PRO B 267 41.55 21.52 28.80
CA PRO B 267 40.34 20.74 29.06
C PRO B 267 40.48 19.98 30.36
N PRO B 268 39.40 19.76 31.09
CA PRO B 268 39.51 18.89 32.27
C PRO B 268 39.75 17.45 31.84
N LEU B 269 40.35 16.66 32.73
CA LEU B 269 40.29 15.23 32.47
C LEU B 269 38.94 14.74 32.99
N GLN B 270 38.60 13.50 32.67
CA GLN B 270 37.22 13.00 32.76
C GLN B 270 36.31 13.74 31.78
N ALA B 271 36.93 14.30 30.72
CA ALA B 271 36.28 14.88 29.56
C ALA B 271 36.83 14.21 28.31
N ASP B 272 36.00 14.16 27.27
CA ASP B 272 36.37 13.50 26.01
C ASP B 272 37.25 14.45 25.20
N THR B 273 38.56 14.33 25.36
CA THR B 273 39.53 15.12 24.61
C THR B 273 39.78 14.58 23.22
N SER B 274 38.86 13.78 22.69
CA SER B 274 38.94 13.34 21.31
C SER B 274 37.91 14.01 20.40
N GLN B 275 36.93 14.72 20.97
CA GLN B 275 35.81 15.27 20.23
C GLN B 275 35.66 16.78 20.34
N GLY B 276 36.53 17.46 21.06
CA GLY B 276 36.53 18.91 21.09
C GLY B 276 35.25 19.49 21.69
N PRO B 277 35.13 20.86 21.70
CA PRO B 277 33.94 21.51 22.23
C PRO B 277 32.76 21.41 21.29
N CYS B 278 32.45 20.18 20.87
CA CYS B 278 31.46 19.96 19.83
C CYS B 278 30.06 20.29 20.27
N LEU B 279 29.81 20.53 21.56
CA LEU B 279 28.46 20.94 21.96
C LEU B 279 28.20 22.42 21.63
N MET B 280 29.15 23.06 20.95
CA MET B 280 28.96 24.39 20.39
C MET B 280 28.80 24.34 18.88
N HIS B 281 28.82 23.18 18.30
CA HIS B 281 28.69 22.90 16.88
C HIS B 281 27.31 22.30 16.58
N PRO B 282 26.78 22.47 15.36
CA PRO B 282 25.42 21.97 15.07
C PRO B 282 25.23 20.47 15.24
N THR B 283 26.25 19.63 14.98
CA THR B 283 26.07 18.18 15.01
C THR B 283 26.33 17.56 16.38
N LEU B 284 26.75 18.37 17.36
CA LEU B 284 26.83 17.95 18.75
C LEU B 284 27.72 16.73 18.93
N GLY B 285 28.76 16.62 18.13
CA GLY B 285 29.66 15.49 18.24
C GLY B 285 30.68 15.53 17.12
N LEU B 286 31.68 14.69 17.23
CA LEU B 286 32.70 14.56 16.21
C LEU B 286 32.84 13.11 15.80
N ARG B 287 32.43 12.77 14.61
CA ARG B 287 32.46 11.40 14.19
C ARG B 287 33.10 11.29 12.87
N TYR B 288 33.65 10.15 12.53
CA TYR B 288 34.33 10.16 11.26
C TYR B 288 33.88 9.19 10.28
N LYS B 289 33.86 9.55 9.03
CA LYS B 289 33.51 8.64 7.99
C LYS B 289 34.10 9.00 6.65
N ASN B 290 34.71 8.08 5.95
CA ASN B 290 35.23 8.27 4.63
C ASN B 290 36.09 9.46 4.40
N GLY B 291 36.99 9.74 5.27
CA GLY B 291 37.84 10.89 5.10
C GLY B 291 37.19 12.21 5.45
N THR B 292 35.98 12.20 5.99
CA THR B 292 35.30 13.39 6.47
C THR B 292 34.99 13.25 7.95
N ALA B 293 34.57 14.35 8.56
CA ALA B 293 34.19 14.36 9.97
C ALA B 293 32.92 15.19 10.14
N SER B 294 32.18 14.93 11.22
CA SER B 294 30.93 15.64 11.39
C SER B 294 31.11 17.13 11.60
N VAL B 295 32.33 17.58 11.96
CA VAL B 295 32.66 19.00 12.05
C VAL B 295 33.39 19.35 10.77
N CYS B 296 32.77 20.18 9.93
CA CYS B 296 33.35 20.54 8.65
C CYS B 296 34.28 21.72 8.84
N LEU B 297 35.52 21.56 8.42
CA LEU B 297 36.53 22.58 8.69
C LEU B 297 36.39 23.77 7.76
N LEU B 298 35.92 23.54 6.53
CA LEU B 298 35.71 24.64 5.59
C LEU B 298 34.56 25.54 6.02
N CYS B 299 33.57 25.00 6.75
CA CYS B 299 32.53 25.86 7.30
C CYS B 299 33.11 26.74 8.41
N GLU B 300 34.03 26.18 9.20
CA GLU B 300 34.79 26.99 10.14
C GLU B 300 35.52 28.10 9.41
N CYS B 301 36.16 27.80 8.29
CA CYS B 301 36.85 28.86 7.54
C CYS B 301 35.88 29.93 7.06
N LEU B 302 34.70 29.53 6.57
CA LEU B 302 33.72 30.53 6.15
C LEU B 302 33.44 31.51 7.28
N ALA B 303 33.47 31.04 8.52
CA ALA B 303 33.17 31.98 9.61
C ALA B 303 34.42 32.62 10.25
N ALA B 304 35.61 32.07 10.02
CA ALA B 304 36.81 32.45 10.74
C ALA B 304 37.79 33.26 9.93
N HIS B 305 37.59 33.41 8.61
CA HIS B 305 38.62 34.02 7.79
C HIS B 305 38.07 34.86 6.66
N PRO B 306 38.67 36.04 6.40
CA PRO B 306 38.05 36.99 5.46
C PRO B 306 38.10 36.56 4.01
N GLU B 307 38.98 35.67 3.60
CA GLU B 307 39.01 35.29 2.20
C GLU B 307 38.39 33.92 1.94
N ALA B 308 37.81 33.28 2.95
CA ALA B 308 37.37 31.90 2.74
C ALA B 308 36.15 31.79 1.83
N PRO B 309 35.03 32.55 2.04
CA PRO B 309 33.89 32.40 1.12
C PRO B 309 34.26 32.48 -0.36
N LYS B 310 34.91 33.57 -0.78
CA LYS B 310 35.22 33.68 -2.21
C LYS B 310 36.37 32.76 -2.61
N ALA B 311 37.31 32.47 -1.71
CA ALA B 311 38.37 31.53 -2.05
C ALA B 311 37.80 30.18 -2.38
N LEU B 312 36.84 29.72 -1.58
CA LEU B 312 36.25 28.41 -1.85
C LEU B 312 35.36 28.45 -3.07
N GLN B 313 34.62 29.54 -3.30
CA GLN B 313 33.82 29.56 -4.52
C GLN B 313 34.73 29.55 -5.76
N THR B 314 35.90 30.17 -5.66
CA THR B 314 36.85 30.10 -6.77
C THR B 314 37.44 28.71 -6.91
N LEU B 315 37.70 28.03 -5.79
CA LEU B 315 38.15 26.64 -5.84
C LEU B 315 37.12 25.74 -6.52
N GLN B 316 35.84 25.93 -6.19
CA GLN B 316 34.81 25.15 -6.87
C GLN B 316 34.85 25.41 -8.36
N CYS B 317 35.01 26.68 -8.73
CA CYS B 317 35.06 27.02 -10.14
C CYS B 317 36.24 26.35 -10.82
N GLU B 318 37.38 26.28 -10.14
CA GLU B 318 38.55 25.62 -10.72
C GLU B 318 38.33 24.11 -10.87
N VAL B 319 37.72 23.49 -9.86
CA VAL B 319 37.46 22.04 -9.91
C VAL B 319 36.54 21.71 -11.08
N MET B 320 35.48 22.49 -11.26
CA MET B 320 34.55 22.23 -12.35
C MET B 320 35.19 22.54 -13.70
N GLY B 321 35.85 23.69 -13.82
CA GLY B 321 36.14 24.26 -15.14
C GLY B 321 37.48 23.94 -15.76
N HIS B 322 38.49 23.66 -14.94
CA HIS B 322 39.83 23.46 -15.49
C HIS B 322 39.96 22.11 -16.19
N ILE B 323 39.63 21.02 -15.50
CA ILE B 323 39.61 19.71 -16.14
C ILE B 323 38.37 19.65 -17.02
N GLU B 324 38.54 19.15 -18.25
CA GLU B 324 37.48 19.09 -19.25
C GLU B 324 37.13 17.66 -19.64
N ASN B 325 37.67 16.66 -18.91
CA ASN B 325 37.37 15.23 -18.99
C ASN B 325 36.24 14.82 -18.04
N ASN B 326 35.91 13.54 -18.11
CA ASN B 326 35.02 12.88 -17.15
C ASN B 326 35.77 12.42 -15.92
N VAL B 327 36.71 13.21 -15.41
CA VAL B 327 37.39 12.89 -14.16
C VAL B 327 36.47 13.26 -12.99
N LYS B 328 36.35 12.36 -12.01
CA LYS B 328 35.42 12.51 -10.88
C LYS B 328 35.86 13.60 -9.91
N LEU B 329 34.88 14.14 -9.18
CA LEU B 329 35.14 15.33 -8.38
C LEU B 329 36.26 15.12 -7.36
N VAL B 330 36.40 13.93 -6.77
CA VAL B 330 37.46 13.81 -5.76
C VAL B 330 38.84 13.80 -6.44
N ASP B 331 38.91 13.24 -7.67
CA ASP B 331 40.16 13.33 -8.44
C ASP B 331 40.38 14.73 -8.98
N ARG B 332 39.33 15.43 -9.45
CA ARG B 332 39.53 16.81 -9.89
C ARG B 332 40.06 17.68 -8.77
N ILE B 333 39.50 17.52 -7.56
CA ILE B 333 39.98 18.28 -6.41
C ILE B 333 41.43 17.93 -6.11
N ALA B 334 41.77 16.64 -6.14
CA ALA B 334 43.16 16.28 -5.88
C ALA B 334 44.09 16.87 -6.95
N PHE B 335 43.67 16.84 -8.22
CA PHE B 335 44.49 17.39 -9.29
C PHE B 335 44.71 18.87 -9.09
N VAL B 336 43.64 19.60 -8.76
CA VAL B 336 43.77 21.05 -8.56
C VAL B 336 44.76 21.31 -7.43
N LEU B 337 44.67 20.55 -6.33
CA LEU B 337 45.46 20.89 -5.16
C LEU B 337 46.82 20.20 -5.09
N ASP B 338 47.17 19.34 -6.06
CA ASP B 338 48.53 18.81 -6.03
C ASP B 338 49.53 19.89 -6.44
N ASN B 339 49.07 20.84 -7.23
CA ASN B 339 49.92 21.89 -7.65
C ASN B 339 50.43 22.41 -6.33
N PRO B 340 51.75 22.60 -6.22
CA PRO B 340 52.43 23.14 -5.05
C PRO B 340 52.17 24.60 -4.90
N PHE B 341 51.84 25.27 -5.98
CA PHE B 341 51.56 26.67 -5.96
C PHE B 341 50.06 26.86 -6.17
N ALA B 342 49.27 25.96 -5.61
CA ALA B 342 47.83 26.03 -5.80
C ALA B 342 47.12 27.17 -5.15
N MET B 343 45.97 27.47 -5.64
CA MET B 343 45.22 28.57 -4.98
C MET B 343 45.92 29.91 -4.73
N PRO B 344 46.49 30.51 -5.79
CA PRO B 344 47.25 31.76 -5.79
C PRO B 344 46.44 32.89 -5.28
N TYR B 345 45.12 32.79 -5.37
CA TYR B 345 44.19 33.83 -4.98
C TYR B 345 43.99 34.12 -3.51
N VAL B 346 44.57 33.31 -2.66
CA VAL B 346 44.50 33.46 -1.24
C VAL B 346 45.80 34.04 -0.73
N SER B 347 45.76 35.15 -0.05
CA SER B 347 46.99 35.76 0.43
C SER B 347 47.56 34.98 1.61
N ASP B 348 46.79 34.91 2.70
CA ASP B 348 47.19 34.25 3.93
C ASP B 348 47.62 32.80 3.66
N PRO B 349 48.90 32.48 3.85
CA PRO B 349 49.34 31.08 3.63
C PRO B 349 48.75 30.11 4.62
N LEU B 350 48.24 30.56 5.78
CA LEU B 350 47.64 29.64 6.74
C LEU B 350 46.38 29.03 6.15
N LEU B 351 45.48 29.89 5.65
CA LEU B 351 44.26 29.42 5.01
C LEU B 351 44.58 28.55 3.79
N ARG B 352 45.55 28.96 2.97
CA ARG B 352 45.89 28.13 1.81
C ARG B 352 46.33 26.75 2.25
N GLU B 353 47.19 26.71 3.28
CA GLU B 353 47.73 25.45 3.76
C GLU B 353 46.64 24.58 4.36
N LEU B 354 45.67 25.21 5.05
CA LEU B 354 44.55 24.48 5.65
C LEU B 354 43.71 23.82 4.57
N ILE B 355 43.26 24.59 3.58
CA ILE B 355 42.48 24.01 2.49
C ILE B 355 43.27 22.92 1.77
N ARG B 356 44.56 23.14 1.48
CA ARG B 356 45.32 22.10 0.79
C ARG B 356 45.52 20.86 1.65
N GLY B 357 45.43 20.99 2.97
CA GLY B 357 45.55 19.82 3.83
C GLY B 357 44.30 19.00 3.96
N CYS B 358 43.13 19.59 3.68
CA CYS B 358 41.89 18.84 3.71
C CYS B 358 41.98 17.67 2.72
N THR B 359 41.34 16.58 3.06
CA THR B 359 41.25 15.48 2.11
C THR B 359 40.29 15.83 0.98
N PRO B 360 40.42 15.19 -0.17
CA PRO B 360 39.45 15.47 -1.25
C PRO B 360 38.02 15.14 -0.86
N GLN B 361 37.80 14.21 0.06
CA GLN B 361 36.45 13.96 0.53
C GLN B 361 35.89 15.15 1.29
N GLU B 362 36.69 15.81 2.14
CA GLU B 362 36.18 16.97 2.88
C GLU B 362 35.76 18.07 1.92
N ILE B 363 36.59 18.33 0.91
CA ILE B 363 36.30 19.42 -0.02
C ILE B 363 35.14 19.02 -0.93
N HIS B 364 35.09 17.76 -1.36
CA HIS B 364 33.95 17.25 -2.10
C HIS B 364 32.67 17.41 -1.31
N LYS B 365 32.66 16.94 -0.06
CA LYS B 365 31.46 17.04 0.77
C LYS B 365 31.00 18.47 0.91
N HIS B 366 31.94 19.39 1.12
CA HIS B 366 31.59 20.77 1.42
C HIS B 366 31.14 21.53 0.18
N LEU B 367 31.77 21.31 -0.96
CA LEU B 367 31.43 22.09 -2.13
C LEU B 367 30.27 21.51 -2.92
N PHE B 368 30.05 20.19 -2.84
CA PHE B 368 29.12 19.55 -3.75
C PHE B 368 28.07 18.66 -3.10
N CYS B 369 28.21 18.26 -1.82
CA CYS B 369 27.35 17.23 -1.24
C CYS B 369 26.54 17.69 -0.03
N ASP B 370 27.18 18.15 1.03
CA ASP B 370 26.50 18.29 2.30
C ASP B 370 25.54 19.45 2.20
N PRO B 371 24.28 19.29 2.64
CA PRO B 371 23.31 20.40 2.54
C PRO B 371 23.54 21.49 3.59
N LEU B 372 24.13 21.16 4.75
CA LEU B 372 24.46 22.22 5.70
C LEU B 372 25.63 23.04 5.19
N CYS B 373 26.59 22.40 4.52
CA CYS B 373 27.68 23.15 3.91
C CYS B 373 27.17 24.12 2.85
N ALA B 374 26.22 23.65 2.02
CA ALA B 374 25.63 24.49 1.00
C ALA B 374 24.92 25.67 1.62
N LEU B 375 24.16 25.41 2.69
CA LEU B 375 23.48 26.52 3.36
C LEU B 375 24.47 27.51 3.96
N ASN B 376 25.53 27.01 4.61
CA ASN B 376 26.52 27.89 5.23
C ASN B 376 27.17 28.78 4.19
N ALA B 377 27.48 28.27 3.02
CA ALA B 377 28.10 29.09 2.01
C ALA B 377 27.16 30.13 1.45
N LYS B 378 25.90 29.79 1.31
CA LYS B 378 24.88 30.70 0.83
C LYS B 378 24.59 31.82 1.76
N VAL B 379 24.54 31.51 3.01
CA VAL B 379 24.28 32.44 4.05
C VAL B 379 25.35 33.49 4.39
N VAL B 380 26.61 33.12 4.30
CA VAL B 380 27.70 33.94 4.83
C VAL B 380 27.90 35.20 3.99
N SER B 381 28.26 36.29 4.66
CA SER B 381 28.78 37.49 4.02
C SER B 381 30.13 37.80 4.64
N GLU B 382 31.20 37.54 3.89
CA GLU B 382 32.54 37.84 4.40
C GLU B 382 32.75 39.33 4.64
N ASP B 383 32.05 40.20 3.91
CA ASP B 383 32.22 41.64 4.11
C ASP B 383 31.68 42.06 5.47
N VAL B 384 30.44 41.71 5.78
CA VAL B 384 29.88 42.03 7.09
C VAL B 384 30.80 41.54 8.19
N LEU B 385 31.24 40.29 8.06
CA LEU B 385 31.91 39.66 9.18
C LEU B 385 33.30 40.25 9.40
N PHE B 386 34.02 40.56 8.32
CA PHE B 386 35.45 40.79 8.46
C PHE B 386 35.96 42.13 7.92
N ARG B 387 35.14 42.90 7.20
CA ARG B 387 35.57 44.22 6.77
C ARG B 387 35.25 45.22 7.87
N LEU B 388 36.19 46.12 8.09
CA LEU B 388 36.10 47.08 9.17
C LEU B 388 35.05 48.13 8.81
N PRO B 389 34.09 48.40 9.68
CA PRO B 389 32.98 49.30 9.29
C PRO B 389 33.38 50.78 9.21
N ARG B 390 32.71 51.48 8.29
CA ARG B 390 32.78 52.93 8.20
C ARG B 390 31.85 53.54 9.25
N GLU B 391 32.39 54.35 10.18
CA GLU B 391 31.65 54.68 11.40
C GLU B 391 30.39 55.50 11.14
N GLN B 392 30.43 56.45 10.20
CA GLN B 392 29.26 57.29 9.96
C GLN B 392 28.11 56.47 9.41
N GLU B 393 28.41 55.53 8.51
CA GLU B 393 27.40 54.63 7.97
C GLU B 393 27.01 53.54 8.96
N TYR B 394 27.99 53.05 9.74
CA TYR B 394 27.71 52.08 10.79
C TYR B 394 26.69 52.61 11.80
N LYS B 395 26.72 53.92 12.10
CA LYS B 395 25.70 54.46 12.99
C LYS B 395 24.32 54.32 12.37
N LYS B 396 24.25 54.42 11.04
CA LYS B 396 22.98 54.30 10.32
C LYS B 396 22.50 52.85 10.35
N LEU B 397 23.43 51.91 10.20
CA LEU B 397 23.13 50.49 10.34
C LEU B 397 22.55 50.19 11.71
N ARG B 398 23.25 50.60 12.78
CA ARG B 398 22.83 50.35 14.16
C ARG B 398 21.45 50.90 14.43
N ALA B 399 21.19 52.14 13.99
CA ALA B 399 19.88 52.74 14.18
C ALA B 399 18.81 51.91 13.48
N SER B 400 19.11 51.42 12.28
CA SER B 400 18.12 50.64 11.55
C SER B 400 17.88 49.31 12.25
N ALA B 401 18.96 48.61 12.63
CA ALA B 401 18.83 47.27 13.21
C ALA B 401 18.12 47.29 14.56
N ALA B 402 18.42 48.27 15.42
CA ALA B 402 17.68 48.37 16.66
C ALA B 402 16.22 48.76 16.42
N ALA B 403 15.93 49.46 15.32
CA ALA B 403 14.53 49.70 14.97
C ALA B 403 13.85 48.46 14.44
N GLY B 404 14.56 47.35 14.39
CA GLY B 404 14.04 46.09 13.91
C GLY B 404 14.05 45.95 12.42
N GLN B 405 14.59 46.93 11.69
CA GLN B 405 14.38 46.98 10.25
C GLN B 405 15.35 46.09 9.46
N LEU B 406 16.59 45.87 9.93
CA LEU B 406 17.51 45.01 9.19
C LEU B 406 17.46 43.54 9.58
N LEU B 407 16.55 43.15 10.47
CA LEU B 407 16.53 41.80 10.99
C LEU B 407 15.34 40.99 10.48
N ASP B 408 14.75 41.40 9.35
CA ASP B 408 13.61 40.68 8.77
C ASP B 408 14.04 39.38 8.11
N ALA B 409 15.22 39.36 7.48
CA ALA B 409 15.70 38.19 6.74
C ALA B 409 17.09 38.41 6.19
N ASN B 410 17.87 37.35 6.06
CA ASN B 410 19.16 37.43 5.39
C ASN B 410 18.91 37.58 3.89
N THR B 411 19.38 38.69 3.28
CA THR B 411 19.04 38.92 1.87
C THR B 411 19.82 38.06 0.90
N LEU B 412 20.80 37.29 1.37
CA LEU B 412 21.45 36.35 0.46
C LEU B 412 20.69 35.04 0.38
N PHE B 413 20.26 34.50 1.50
CA PHE B 413 19.47 33.30 1.60
C PHE B 413 18.80 33.22 2.95
N ASP B 414 17.49 33.07 3.02
CA ASP B 414 16.77 32.93 4.29
C ASP B 414 15.52 32.10 4.03
N CYS B 415 15.50 30.86 4.54
CA CYS B 415 14.36 29.96 4.33
C CYS B 415 14.29 28.94 5.45
N GLU B 416 13.31 29.07 6.35
CA GLU B 416 13.26 28.14 7.47
C GLU B 416 12.90 26.72 7.03
N VAL B 417 12.15 26.56 5.94
CA VAL B 417 11.86 25.21 5.45
C VAL B 417 13.14 24.49 5.09
N VAL B 418 13.98 25.11 4.25
CA VAL B 418 15.22 24.45 3.88
C VAL B 418 16.12 24.26 5.10
N GLN B 419 16.14 25.25 6.01
CA GLN B 419 16.94 25.07 7.23
C GLN B 419 16.47 23.84 7.99
N THR B 420 15.15 23.68 8.14
CA THR B 420 14.62 22.55 8.91
C THR B 420 14.98 21.24 8.25
N LEU B 421 14.83 21.15 6.95
CA LEU B 421 15.21 19.91 6.28
C LEU B 421 16.69 19.63 6.41
N VAL B 422 17.52 20.67 6.42
CA VAL B 422 18.95 20.43 6.56
C VAL B 422 19.24 19.83 7.92
N PHE B 423 18.55 20.31 8.96
CA PHE B 423 18.83 19.77 10.29
C PHE B 423 18.27 18.37 10.43
N LEU B 424 17.10 18.11 9.84
CA LEU B 424 16.56 16.76 9.80
C LEU B 424 17.54 15.81 9.12
N PHE B 425 18.13 16.23 7.99
CA PHE B 425 19.08 15.39 7.27
C PHE B 425 20.31 15.11 8.13
N LYS B 426 20.92 16.16 8.70
CA LYS B 426 22.07 15.93 9.57
C LYS B 426 21.73 14.99 10.71
N GLY B 427 20.49 15.07 11.21
CA GLY B 427 20.11 14.21 12.32
C GLY B 427 19.98 12.75 11.90
N LEU B 428 19.32 12.50 10.78
CA LEU B 428 19.22 11.11 10.32
C LEU B 428 20.60 10.57 9.99
N GLN B 429 21.50 11.44 9.59
CA GLN B 429 22.84 11.00 9.26
C GLN B 429 23.63 10.63 10.51
N ASN B 430 23.32 11.26 11.65
CA ASN B 430 24.16 11.08 12.84
C ASN B 430 23.42 10.45 14.01
N ALA B 431 22.30 9.76 13.77
CA ALA B 431 21.48 9.25 14.86
C ALA B 431 20.52 8.20 14.32
N ARG B 432 20.04 7.35 15.23
CA ARG B 432 19.12 6.29 14.84
C ARG B 432 17.78 6.94 14.51
N VAL B 433 17.32 6.73 13.28
CA VAL B 433 16.04 7.22 12.76
C VAL B 433 15.40 6.15 11.89
N GLY B 434 14.08 5.96 12.02
CA GLY B 434 13.36 4.95 11.26
C GLY B 434 13.63 5.01 9.77
N LYS B 435 13.67 3.87 9.09
CA LYS B 435 14.13 3.87 7.70
C LYS B 435 13.14 4.58 6.78
N THR B 436 11.85 4.50 7.07
CA THR B 436 10.93 5.21 6.19
C THR B 436 10.94 6.71 6.47
N THR B 437 11.06 7.15 7.73
CA THR B 437 11.13 8.62 7.90
C THR B 437 12.45 9.16 7.34
N SER B 438 13.49 8.31 7.28
CA SER B 438 14.72 8.73 6.59
C SER B 438 14.47 8.90 5.09
N LEU B 439 13.77 7.96 4.46
CA LEU B 439 13.59 8.14 3.03
C LEU B 439 12.59 9.25 2.74
N ASP B 440 11.73 9.57 3.70
CA ASP B 440 10.78 10.68 3.48
C ASP B 440 11.51 12.01 3.54
N ILE B 441 12.36 12.17 4.56
CA ILE B 441 13.19 13.36 4.65
C ILE B 441 14.04 13.51 3.39
N ILE B 442 14.67 12.42 2.94
CA ILE B 442 15.52 12.52 1.76
C ILE B 442 14.73 12.95 0.53
N ARG B 443 13.53 12.42 0.34
CA ARG B 443 12.78 12.82 -0.85
C ARG B 443 12.38 14.28 -0.77
N GLU B 444 11.90 14.72 0.40
CA GLU B 444 11.48 16.11 0.54
C GLU B 444 12.67 17.05 0.40
N LEU B 445 13.81 16.67 0.95
CA LEU B 445 15.00 17.50 0.86
C LEU B 445 15.48 17.61 -0.57
N THR B 446 15.44 16.50 -1.34
CA THR B 446 15.81 16.61 -2.75
C THR B 446 14.86 17.52 -3.51
N ALA B 447 13.56 17.39 -3.25
CA ALA B 447 12.60 18.25 -3.94
C ALA B 447 12.89 19.71 -3.64
N GLN B 448 13.13 20.05 -2.37
CA GLN B 448 13.39 21.45 -2.04
C GLN B 448 14.73 21.92 -2.59
N LEU B 449 15.75 21.06 -2.58
CA LEU B 449 17.03 21.44 -3.15
C LEU B 449 16.87 21.88 -4.59
N LYS B 450 16.10 21.14 -5.39
CA LYS B 450 15.95 21.55 -6.78
C LYS B 450 15.11 22.80 -6.89
N ARG B 451 14.02 22.88 -6.13
CA ARG B 451 13.15 24.05 -6.16
C ARG B 451 13.89 25.33 -5.75
N HIS B 452 14.97 25.21 -4.99
CA HIS B 452 15.76 26.36 -4.58
C HIS B 452 17.02 26.51 -5.43
N ARG B 453 17.12 25.78 -6.51
CA ARG B 453 18.28 25.91 -7.35
C ARG B 453 19.61 25.70 -6.66
N LEU B 454 19.71 24.74 -5.76
CA LEU B 454 20.94 24.48 -5.09
C LEU B 454 21.35 23.18 -5.70
N ASP B 455 22.52 23.08 -6.27
CA ASP B 455 22.89 21.86 -6.90
C ASP B 455 23.85 21.09 -6.15
N LEU B 456 23.36 20.00 -5.63
CA LEU B 456 24.16 19.08 -4.83
C LEU B 456 24.03 17.67 -5.36
N ALA B 457 24.96 16.81 -4.95
CA ALA B 457 24.76 15.39 -5.17
C ALA B 457 23.49 14.93 -4.46
N HIS B 458 23.01 13.77 -4.83
CA HIS B 458 21.76 13.31 -4.27
C HIS B 458 21.93 13.07 -2.78
N PRO B 459 21.01 13.55 -1.92
CA PRO B 459 21.21 13.39 -0.48
C PRO B 459 21.36 11.95 -0.04
N SER B 460 20.80 10.98 -0.76
CA SER B 460 20.99 9.58 -0.37
C SER B 460 22.44 9.15 -0.55
N GLN B 461 23.04 9.53 -1.68
CA GLN B 461 24.46 9.30 -1.85
C GLN B 461 25.26 9.99 -0.75
N THR B 462 24.87 11.21 -0.38
CA THR B 462 25.63 11.91 0.64
C THR B 462 25.56 11.17 1.98
N SER B 463 24.38 10.76 2.40
CA SER B 463 24.26 10.06 3.69
C SER B 463 24.97 8.70 3.68
N HIS B 464 25.02 8.03 2.52
CA HIS B 464 25.83 6.81 2.41
C HIS B 464 27.31 7.16 2.56
N LEU B 465 27.76 8.23 1.89
CA LEU B 465 29.20 8.45 1.73
C LEU B 465 29.84 9.09 2.96
N TYR B 466 29.22 10.09 3.56
CA TYR B 466 29.96 11.01 4.42
C TYR B 466 29.29 11.23 5.79
N ALA B 467 30.06 11.83 6.69
CA ALA B 467 29.60 12.19 8.03
C ALA B 467 28.92 13.55 8.03
N PHE C 2 -35.70 32.41 38.85
CA PHE C 2 -34.60 31.46 38.94
C PHE C 2 -33.50 31.73 37.94
N VAL C 3 -32.29 31.79 38.42
CA VAL C 3 -31.15 32.08 37.55
C VAL C 3 -30.01 31.09 37.80
N PRO C 4 -29.45 30.46 36.77
CA PRO C 4 -28.36 29.48 36.94
C PRO C 4 -27.02 30.15 37.25
N TRP C 5 -26.01 29.31 37.50
CA TRP C 5 -24.64 29.78 37.74
C TRP C 5 -24.55 30.72 38.95
N GLN C 6 -25.15 30.33 40.06
CA GLN C 6 -25.12 31.13 41.27
C GLN C 6 -24.39 30.39 42.38
N LEU C 7 -23.29 30.96 42.86
CA LEU C 7 -22.58 30.38 43.99
C LEU C 7 -23.54 30.06 45.14
N GLY C 8 -24.52 30.93 45.35
CA GLY C 8 -25.50 30.67 46.40
C GLY C 8 -26.18 29.33 46.25
N THR C 9 -26.51 28.95 45.00
CA THR C 9 -27.18 27.67 44.75
C THR C 9 -26.28 26.49 45.11
N ILE C 10 -25.03 26.58 44.77
CA ILE C 10 -24.10 25.55 45.08
C ILE C 10 -23.98 25.39 46.54
N THR C 11 -23.82 26.48 47.27
CA THR C 11 -23.72 26.36 48.73
C THR C 11 -24.98 25.85 49.40
N ARG C 12 -26.11 26.26 48.89
CA ARG C 12 -27.33 25.79 49.41
C ARG C 12 -27.43 24.28 49.28
N HIS C 13 -26.92 23.72 48.20
CA HIS C 13 -27.09 22.28 48.01
C HIS C 13 -25.83 21.48 48.31
N ARG C 14 -24.92 22.06 49.10
CA ARG C 14 -23.69 21.39 49.51
C ARG C 14 -23.86 19.95 49.98
N ASP C 15 -25.02 19.57 50.53
CA ASP C 15 -25.17 18.19 50.99
C ASP C 15 -25.20 17.22 49.82
N GLU C 16 -26.13 17.45 48.89
CA GLU C 16 -26.20 16.61 47.70
C GLU C 16 -24.90 16.69 46.91
N LEU C 17 -24.35 17.90 46.77
CA LEU C 17 -23.13 18.06 45.99
C LEU C 17 -21.94 17.34 46.62
N GLN C 18 -21.90 17.22 47.95
CA GLN C 18 -20.87 16.39 48.56
C GLN C 18 -21.05 14.93 48.20
N LYS C 19 -22.29 14.46 48.13
CA LYS C 19 -22.41 13.07 47.68
C LYS C 19 -21.97 12.90 46.21
N LEU C 20 -22.25 13.90 45.36
CA LEU C 20 -21.79 13.86 43.96
C LEU C 20 -20.27 13.91 43.84
N LEU C 21 -19.65 14.82 44.58
CA LEU C 21 -18.19 14.93 44.58
C LEU C 21 -17.55 13.63 45.05
N ALA C 22 -18.09 13.00 46.10
CA ALA C 22 -17.52 11.73 46.56
C ALA C 22 -17.63 10.67 45.48
N ALA C 23 -18.78 10.59 44.82
CA ALA C 23 -18.93 9.66 43.71
C ALA C 23 -18.13 10.06 42.48
N SER C 24 -17.40 11.18 42.51
CA SER C 24 -16.65 11.60 41.34
C SER C 24 -15.14 11.51 41.51
N LEU C 25 -14.66 10.83 42.55
CA LEU C 25 -13.24 10.60 42.74
C LEU C 25 -12.89 9.20 42.26
N LEU C 26 -11.65 9.02 41.85
CA LEU C 26 -11.24 7.70 41.37
C LEU C 26 -10.87 6.80 42.55
N PRO C 27 -10.94 5.48 42.36
CA PRO C 27 -10.51 4.55 43.42
C PRO C 27 -9.01 4.60 43.69
N GLU C 28 -8.64 4.49 44.97
CA GLU C 28 -7.23 4.63 45.36
C GLU C 28 -6.40 3.47 44.81
N HIS C 29 -6.88 2.23 44.96
CA HIS C 29 -6.15 1.04 44.51
C HIS C 29 -7.09 0.14 43.68
N PRO C 30 -7.30 0.47 42.41
CA PRO C 30 -8.25 -0.31 41.60
C PRO C 30 -7.83 -1.76 41.39
N GLU C 31 -6.52 -2.02 41.28
CA GLU C 31 -6.01 -3.35 40.96
C GLU C 31 -6.24 -4.37 42.08
N GLU C 32 -6.58 -3.89 43.28
CA GLU C 32 -6.76 -4.77 44.43
C GLU C 32 -8.21 -5.16 44.65
N SER C 33 -9.12 -4.64 43.82
CA SER C 33 -10.53 -5.04 43.82
C SER C 33 -10.91 -5.51 42.42
N LEU C 34 -11.83 -6.49 42.35
CA LEU C 34 -12.29 -7.02 41.08
C LEU C 34 -13.19 -6.03 40.34
N GLY C 35 -13.84 -5.12 41.07
CA GLY C 35 -14.67 -4.11 40.44
C GLY C 35 -14.98 -3.02 41.44
N ASN C 36 -15.75 -2.05 40.98
CA ASN C 36 -16.12 -0.91 41.80
C ASN C 36 -17.42 -0.33 41.26
N PRO C 37 -18.48 -0.21 42.08
CA PRO C 37 -19.77 0.23 41.54
C PRO C 37 -19.76 1.62 40.90
N ILE C 38 -18.90 2.53 41.36
CA ILE C 38 -18.85 3.86 40.76
C ILE C 38 -18.33 3.77 39.32
N MET C 39 -17.16 3.13 39.14
CA MET C 39 -16.65 2.97 37.78
C MET C 39 -17.59 2.17 36.91
N THR C 40 -18.30 1.19 37.50
CA THR C 40 -19.20 0.34 36.72
C THR C 40 -20.37 1.15 36.16
N GLN C 41 -20.90 2.07 36.98
CA GLN C 41 -22.01 2.90 36.50
C GLN C 41 -21.54 3.95 35.50
N ILE C 42 -20.38 4.57 35.74
CA ILE C 42 -19.86 5.52 34.77
C ILE C 42 -19.62 4.84 33.42
N HIS C 43 -19.06 3.66 33.46
CA HIS C 43 -18.78 2.90 32.27
C HIS C 43 -20.07 2.55 31.59
N GLN C 44 -21.09 2.23 32.34
CA GLN C 44 -22.39 1.93 31.74
C GLN C 44 -23.04 3.16 31.11
N SER C 45 -22.84 4.32 31.72
CA SER C 45 -23.41 5.50 31.10
C SER C 45 -22.74 5.81 29.77
N LEU C 46 -21.51 5.36 29.59
CA LEU C 46 -20.75 5.63 28.37
C LEU C 46 -20.91 4.54 27.31
N GLN C 47 -21.96 3.74 27.38
CA GLN C 47 -22.18 2.85 26.25
C GLN C 47 -23.30 3.35 25.36
N PRO C 48 -23.09 3.31 24.04
CA PRO C 48 -23.89 4.14 23.14
C PRO C 48 -25.37 3.83 23.21
N SER C 49 -25.73 2.62 23.59
CA SER C 49 -27.14 2.23 23.58
C SER C 49 -27.73 2.16 24.98
N SER C 50 -27.02 2.75 26.01
CA SER C 50 -27.59 2.95 27.33
C SER C 50 -28.50 4.17 27.34
N PRO C 51 -29.53 4.18 28.17
CA PRO C 51 -30.37 5.37 28.28
C PRO C 51 -29.59 6.51 28.92
N CYS C 52 -30.07 7.72 28.68
CA CYS C 52 -29.54 8.89 29.36
C CYS C 52 -30.23 9.04 30.71
N ARG C 53 -29.48 8.91 31.79
CA ARG C 53 -30.10 8.96 33.10
C ARG C 53 -30.77 10.29 33.37
N VAL C 54 -30.24 11.39 32.84
CA VAL C 54 -30.91 12.68 33.04
C VAL C 54 -32.17 12.79 32.19
N CYS C 55 -32.12 12.35 30.94
CA CYS C 55 -33.35 12.35 30.13
C CYS C 55 -34.41 11.47 30.77
N GLN C 56 -34.00 10.34 31.35
CA GLN C 56 -34.96 9.43 31.96
C GLN C 56 -35.51 10.03 33.26
N LEU C 57 -34.65 10.70 34.05
CA LEU C 57 -35.14 11.41 35.24
C LEU C 57 -36.20 12.43 34.87
N LEU C 58 -35.91 13.28 33.88
CA LEU C 58 -36.86 14.32 33.50
C LEU C 58 -38.15 13.71 32.98
N PHE C 59 -38.06 12.64 32.19
CA PHE C 59 -39.30 12.03 31.71
C PHE C 59 -40.15 11.46 32.85
N SER C 60 -39.53 10.79 33.84
CA SER C 60 -40.27 10.24 34.97
C SER C 60 -41.04 11.33 35.72
N LEU C 61 -40.49 12.54 35.77
CA LEU C 61 -41.09 13.66 36.50
C LEU C 61 -42.21 14.36 35.71
N VAL C 62 -42.56 13.87 34.57
CA VAL C 62 -43.56 14.57 33.89
C VAL C 62 -44.66 13.66 33.55
N ARG C 63 -44.37 12.40 33.34
CA ARG C 63 -45.45 11.50 33.06
C ARG C 63 -46.35 11.36 34.31
N PRO C 68 -46.81 21.77 35.29
CA PRO C 68 -46.14 22.80 36.09
C PRO C 68 -45.21 23.56 35.19
N MET C 69 -45.69 24.61 34.55
CA MET C 69 -44.93 25.39 33.58
C MET C 69 -43.67 26.05 34.05
N GLY C 70 -43.61 26.49 35.29
CA GLY C 70 -42.40 27.09 35.78
C GLY C 70 -41.21 26.18 35.63
N PHE C 71 -41.45 24.89 35.65
CA PHE C 71 -40.41 23.97 35.46
C PHE C 71 -39.88 23.99 34.06
N PHE C 72 -40.71 24.04 33.04
CA PHE C 72 -40.00 23.99 31.76
C PHE C 72 -39.20 25.26 31.49
N GLU C 73 -39.65 26.40 32.00
CA GLU C 73 -38.96 27.65 31.78
C GLU C 73 -37.67 27.71 32.57
N ASP C 74 -37.66 27.09 33.75
CA ASP C 74 -36.44 27.03 34.52
C ASP C 74 -35.49 25.99 33.99
N TYR C 75 -36.02 24.82 33.60
CA TYR C 75 -35.14 23.83 33.00
C TYR C 75 -34.48 24.42 31.75
N ALA C 76 -35.27 25.13 30.93
CA ALA C 76 -34.73 25.74 29.74
C ALA C 76 -33.72 26.83 30.05
N CYS C 77 -33.83 27.53 31.19
CA CYS C 77 -32.75 28.46 31.49
C CYS C 77 -31.45 27.73 31.76
N LEU C 78 -31.53 26.63 32.52
CA LEU C 78 -30.35 25.81 32.76
C LEU C 78 -29.71 25.35 31.45
N CYS C 79 -30.54 24.81 30.54
CA CYS C 79 -30.04 24.37 29.24
C CYS C 79 -29.37 25.52 28.48
N PHE C 80 -29.97 26.71 28.45
CA PHE C 80 -29.38 27.85 27.74
C PHE C 80 -28.01 28.20 28.31
N PHE C 81 -27.90 28.21 29.64
CA PHE C 81 -26.62 28.51 30.28
C PHE C 81 -25.57 27.46 29.94
N CYS C 82 -25.96 26.19 29.96
CA CYS C 82 -25.02 25.13 29.60
C CYS C 82 -24.56 25.30 28.18
N LEU C 83 -25.49 25.58 27.29
CA LEU C 83 -25.17 25.82 25.89
C LEU C 83 -24.11 26.90 25.73
N TYR C 84 -24.05 27.87 26.64
CA TYR C 84 -23.06 28.94 26.49
C TYR C 84 -21.92 28.84 27.50
N ALA C 85 -21.63 27.62 27.99
CA ALA C 85 -20.57 27.31 28.96
C ALA C 85 -19.57 26.29 28.42
N PRO C 86 -18.31 26.38 28.82
CA PRO C 86 -17.31 25.38 28.38
C PRO C 86 -17.57 24.05 29.05
N HIS C 87 -16.76 23.07 28.69
N HIS C 87 -16.84 23.02 28.63
CA HIS C 87 -16.90 21.77 29.25
CA HIS C 87 -16.96 21.73 29.27
C HIS C 87 -15.78 21.70 30.25
C HIS C 87 -15.81 21.73 30.25
N CYS C 88 -16.11 21.60 31.53
CA CYS C 88 -15.05 21.54 32.53
C CYS C 88 -15.68 21.05 33.83
N TRP C 89 -14.88 21.00 34.89
CA TRP C 89 -15.46 20.62 36.17
C TRP C 89 -16.46 21.66 36.64
N THR C 90 -16.11 22.95 36.52
CA THR C 90 -16.97 24.01 37.05
C THR C 90 -18.36 24.00 36.40
N SER C 91 -18.45 23.77 35.09
CA SER C 91 -19.77 23.76 34.47
C SER C 91 -20.60 22.57 34.94
N THR C 92 -19.97 21.42 35.21
CA THR C 92 -20.71 20.26 35.72
C THR C 92 -21.15 20.49 37.16
N MET C 93 -20.28 21.10 37.97
CA MET C 93 -20.64 21.50 39.33
C MET C 93 -21.83 22.44 39.33
N ALA C 94 -21.75 23.52 38.54
CA ALA C 94 -22.83 24.49 38.48
C ALA C 94 -24.13 23.85 38.00
N ALA C 95 -24.07 23.03 36.94
CA ALA C 95 -25.28 22.34 36.47
C ALA C 95 -25.82 21.34 37.50
N ALA C 96 -24.95 20.66 38.26
CA ALA C 96 -25.45 19.75 39.29
C ALA C 96 -26.23 20.52 40.34
N ALA C 97 -25.62 21.61 40.84
CA ALA C 97 -26.28 22.46 41.83
C ALA C 97 -27.60 23.01 41.30
N ASP C 98 -27.61 23.53 40.08
CA ASP C 98 -28.85 24.13 39.58
C ASP C 98 -29.92 23.07 39.28
N LEU C 99 -29.53 21.82 39.00
CA LEU C 99 -30.55 20.79 38.85
C LEU C 99 -31.15 20.42 40.19
N CYS C 100 -30.33 20.33 41.24
CA CYS C 100 -30.85 20.23 42.60
C CYS C 100 -31.91 21.29 42.85
N GLU C 101 -31.55 22.55 42.60
CA GLU C 101 -32.45 23.67 42.85
C GLU C 101 -33.76 23.53 42.09
N ILE C 102 -33.70 23.20 40.79
CA ILE C 102 -34.94 23.07 40.01
C ILE C 102 -35.82 21.96 40.56
N MET C 103 -35.20 20.91 41.11
CA MET C 103 -36.00 19.81 41.64
C MET C 103 -36.65 20.21 42.98
N HIS C 104 -35.95 20.99 43.80
CA HIS C 104 -36.56 21.49 45.02
C HIS C 104 -37.63 22.55 44.77
N LEU C 105 -37.51 23.31 43.68
CA LEU C 105 -38.52 24.32 43.41
C LEU C 105 -39.83 23.67 42.93
N HIS C 106 -39.73 22.71 42.00
CA HIS C 106 -40.93 22.27 41.31
C HIS C 106 -41.38 20.86 41.63
N PHE C 107 -40.52 20.08 42.29
CA PHE C 107 -40.82 18.73 42.72
C PHE C 107 -40.33 18.56 44.15
N PRO C 108 -41.02 19.18 45.13
CA PRO C 108 -40.48 19.06 46.50
C PRO C 108 -40.87 17.81 47.27
N GLU C 109 -42.00 17.22 46.95
CA GLU C 109 -42.34 16.02 47.66
C GLU C 109 -41.98 14.74 46.91
N GLU C 110 -41.34 14.85 45.76
CA GLU C 110 -40.94 13.69 44.99
C GLU C 110 -39.74 13.01 45.54
N GLU C 111 -39.82 11.70 45.60
CA GLU C 111 -38.77 10.89 46.17
C GLU C 111 -37.53 11.12 45.36
N ALA C 112 -37.66 11.20 44.04
CA ALA C 112 -36.56 11.41 43.10
C ALA C 112 -35.76 12.69 43.37
N THR C 113 -36.30 13.63 44.16
CA THR C 113 -35.66 14.93 44.40
C THR C 113 -34.51 14.87 45.39
N TYR C 114 -34.50 13.86 46.28
CA TYR C 114 -33.51 13.73 47.34
C TYR C 114 -32.64 12.52 47.08
N GLY C 115 -31.34 12.64 47.37
CA GLY C 115 -30.38 11.63 46.96
C GLY C 115 -30.33 11.62 45.46
N LEU C 116 -30.20 12.82 44.89
CA LEU C 116 -30.24 12.99 43.44
C LEU C 116 -28.98 12.43 42.80
N PHE C 117 -27.85 12.58 43.47
CA PHE C 117 -26.53 12.19 42.99
C PHE C 117 -26.03 11.04 43.83
N GLY C 118 -25.05 10.33 43.30
CA GLY C 118 -24.45 9.22 44.01
C GLY C 118 -24.62 7.91 43.30
N PRO C 119 -24.21 6.81 43.94
CA PRO C 119 -24.28 5.49 43.27
C PRO C 119 -25.72 5.07 43.07
N GLY C 120 -26.05 4.73 41.85
CA GLY C 120 -27.39 4.33 41.50
C GLY C 120 -28.30 5.46 41.13
N ARG C 121 -27.81 6.66 41.26
CA ARG C 121 -28.53 7.83 40.89
C ARG C 121 -27.69 8.57 39.85
N LEU C 122 -27.81 9.87 39.72
CA LEU C 122 -27.00 10.56 38.75
C LEU C 122 -25.59 10.73 39.14
N MET C 123 -24.70 10.66 38.18
CA MET C 123 -23.29 10.86 38.39
C MET C 123 -22.77 11.95 37.47
N GLY C 124 -21.53 12.38 37.77
CA GLY C 124 -20.91 13.41 36.96
C GLY C 124 -20.95 13.12 35.48
N ILE C 125 -20.70 11.86 35.10
CA ILE C 125 -20.72 11.54 33.66
C ILE C 125 -22.12 11.69 33.08
N ASP C 126 -23.18 11.44 33.86
CA ASP C 126 -24.54 11.59 33.34
C ASP C 126 -24.88 13.06 33.08
N LEU C 127 -24.43 13.95 33.97
CA LEU C 127 -24.56 15.39 33.75
C LEU C 127 -23.74 15.82 32.54
N GLN C 128 -22.47 15.40 32.47
CA GLN C 128 -21.65 15.78 31.32
C GLN C 128 -22.29 15.36 30.02
N LEU C 129 -22.78 14.12 29.95
CA LEU C 129 -23.35 13.66 28.70
C LEU C 129 -24.59 14.45 28.33
N HIS C 130 -25.49 14.69 29.29
CA HIS C 130 -26.75 15.33 28.93
C HIS C 130 -26.55 16.80 28.58
N PHE C 131 -25.81 17.53 29.40
CA PHE C 131 -25.77 18.98 29.23
C PHE C 131 -24.64 19.48 28.33
N PHE C 132 -23.55 18.71 28.15
CA PHE C 132 -22.37 19.25 27.47
C PHE C 132 -21.84 18.40 26.30
N VAL C 133 -21.67 17.08 26.48
CA VAL C 133 -21.15 16.29 25.39
C VAL C 133 -22.22 16.11 24.30
N GLN C 134 -23.38 15.54 24.65
CA GLN C 134 -24.39 15.21 23.67
C GLN C 134 -25.44 16.31 23.47
N LYS C 135 -25.59 17.20 24.47
CA LYS C 135 -26.58 18.30 24.40
C LYS C 135 -28.02 17.85 24.13
N CYS C 136 -28.57 16.99 24.98
CA CYS C 136 -29.88 16.40 24.74
C CYS C 136 -30.98 17.45 24.62
N PHE C 137 -30.75 18.67 25.10
CA PHE C 137 -31.79 19.69 25.16
C PHE C 137 -31.94 20.47 23.86
N LYS C 138 -30.95 20.40 22.97
CA LYS C 138 -31.02 21.19 21.75
C LYS C 138 -32.21 20.75 20.91
N THR C 139 -32.90 21.71 20.34
CA THR C 139 -33.98 21.39 19.43
C THR C 139 -33.37 21.04 18.09
N THR C 140 -33.52 19.80 17.64
CA THR C 140 -32.91 19.36 16.39
C THR C 140 -33.99 18.78 15.48
N ALA C 141 -33.81 18.99 14.18
CA ALA C 141 -34.71 18.46 13.19
C ALA C 141 -34.60 16.94 13.15
N ALA C 142 -35.72 16.28 12.83
CA ALA C 142 -35.76 14.81 12.84
C ALA C 142 -34.78 14.21 11.85
N GLU C 143 -34.67 14.78 10.64
CA GLU C 143 -33.82 14.14 9.64
C GLU C 143 -32.36 14.15 10.04
N LYS C 144 -31.98 14.96 11.03
CA LYS C 144 -30.59 15.05 11.47
C LYS C 144 -30.26 14.08 12.59
N ILE C 145 -31.24 13.30 13.07
CA ILE C 145 -31.00 12.49 14.26
C ILE C 145 -30.04 11.35 13.94
N LEU C 146 -30.28 10.60 12.86
CA LEU C 146 -29.41 9.46 12.56
C LEU C 146 -27.96 9.87 12.46
N GLY C 147 -27.66 10.88 11.64
CA GLY C 147 -26.29 11.36 11.56
C GLY C 147 -25.74 11.69 12.93
N ILE C 148 -26.53 12.39 13.75
CA ILE C 148 -26.07 12.76 15.08
C ILE C 148 -25.70 11.51 15.87
N SER C 149 -26.49 10.44 15.74
CA SER C 149 -26.18 9.27 16.54
C SER C 149 -24.81 8.69 16.17
N ASN C 150 -24.42 8.80 14.89
CA ASN C 150 -23.08 8.36 14.49
C ASN C 150 -22.02 9.11 15.27
N LEU C 151 -22.09 10.44 15.26
CA LEU C 151 -21.09 11.23 15.99
C LEU C 151 -21.15 10.91 17.47
N GLN C 152 -22.37 10.76 18.03
CA GLN C 152 -22.44 10.47 19.46
C GLN C 152 -21.78 9.14 19.76
N PHE C 153 -21.96 8.15 18.89
CA PHE C 153 -21.27 6.88 19.04
C PHE C 153 -19.77 7.10 19.25
N LEU C 154 -19.14 7.79 18.31
CA LEU C 154 -17.70 7.98 18.42
C LEU C 154 -17.33 8.66 19.73
N LYS C 155 -18.09 9.68 20.13
CA LYS C 155 -17.75 10.39 21.35
C LYS C 155 -17.78 9.45 22.53
N SER C 156 -18.88 8.70 22.69
CA SER C 156 -18.98 7.77 23.80
C SER C 156 -17.81 6.80 23.80
N GLU C 157 -17.43 6.30 22.62
CA GLU C 157 -16.32 5.36 22.59
C GLU C 157 -15.06 6.00 23.13
N PHE C 158 -14.72 7.19 22.60
CA PHE C 158 -13.42 7.73 22.97
C PHE C 158 -13.42 8.26 24.39
N ILE C 159 -14.54 8.80 24.86
CA ILE C 159 -14.60 9.17 26.27
C ILE C 159 -14.48 7.93 27.14
N ARG C 160 -15.17 6.84 26.79
CA ARG C 160 -15.03 5.65 27.62
C ARG C 160 -13.59 5.17 27.64
N GLY C 161 -12.86 5.35 26.52
CA GLY C 161 -11.45 5.00 26.53
C GLY C 161 -10.69 5.77 27.59
N MET C 162 -10.96 7.07 27.69
CA MET C 162 -10.30 7.87 28.70
C MET C 162 -10.58 7.32 30.09
N LEU C 163 -11.73 6.68 30.28
CA LEU C 163 -12.02 6.09 31.57
C LEU C 163 -11.22 4.82 31.79
N THR C 164 -11.15 3.95 30.79
CA THR C 164 -10.56 2.64 30.96
C THR C 164 -9.10 2.59 30.57
N GLY C 165 -8.66 3.43 29.64
CA GLY C 165 -7.28 3.48 29.23
C GLY C 165 -7.04 3.04 27.80
N THR C 166 -7.96 2.30 27.17
CA THR C 166 -7.76 1.85 25.79
C THR C 166 -9.07 1.89 25.00
N ILE C 167 -8.92 1.98 23.68
CA ILE C 167 -10.04 1.97 22.72
C ILE C 167 -10.12 0.61 22.03
N THR C 168 -11.16 0.43 21.21
CA THR C 168 -11.44 -0.81 20.47
C THR C 168 -10.93 -0.77 19.01
N PHE C 173 -12.68 3.79 13.37
CA PHE C 173 -12.71 5.21 12.97
C PHE C 173 -12.64 5.44 11.46
N LYS C 174 -11.61 4.89 10.80
CA LYS C 174 -11.48 5.12 9.36
C LYS C 174 -12.74 4.70 8.61
N THR C 175 -13.38 3.61 9.05
CA THR C 175 -14.66 3.21 8.49
C THR C 175 -15.77 4.21 8.81
N SER C 176 -15.84 4.68 10.06
CA SER C 176 -17.02 5.37 10.58
C SER C 176 -17.08 6.86 10.21
N TRP C 177 -15.99 7.46 9.76
CA TRP C 177 -16.00 8.89 9.53
C TRP C 177 -16.74 9.19 8.22
N THR C 189 -24.45 19.00 3.04
CA THR C 189 -24.80 19.87 4.16
C THR C 189 -23.56 20.37 4.86
N PRO C 190 -23.50 21.68 5.12
CA PRO C 190 -22.42 22.18 5.97
C PRO C 190 -22.57 21.69 7.40
N CYS C 191 -21.43 21.49 8.06
CA CYS C 191 -21.48 20.97 9.42
C CYS C 191 -22.06 22.00 10.37
N CYS C 192 -21.79 23.29 10.14
CA CYS C 192 -22.20 24.35 11.05
C CYS C 192 -22.33 25.67 10.30
N GLN C 193 -22.66 26.72 11.05
CA GLN C 193 -22.76 28.06 10.45
C GLN C 193 -21.46 28.52 9.81
N ILE C 194 -20.31 28.11 10.36
CA ILE C 194 -19.04 28.62 9.84
C ILE C 194 -18.81 28.12 8.43
N THR C 195 -19.14 26.85 8.15
CA THR C 195 -18.93 26.26 6.82
C THR C 195 -20.20 26.26 5.97
N ASP C 196 -21.18 27.09 6.32
CA ASP C 196 -22.38 27.28 5.51
C ASP C 196 -22.29 28.69 4.93
N THR C 197 -22.20 28.77 3.60
CA THR C 197 -22.09 30.06 2.92
C THR C 197 -23.45 30.72 2.71
N THR C 198 -24.53 29.95 2.84
CA THR C 198 -25.89 30.49 2.99
C THR C 198 -25.98 31.52 4.12
N THR C 199 -25.19 31.28 5.16
CA THR C 199 -25.20 32.00 6.44
C THR C 199 -24.83 33.48 6.52
N ALA C 200 -25.64 34.19 7.32
CA ALA C 200 -25.41 35.58 7.66
C ALA C 200 -24.56 35.28 8.87
N PRO C 201 -23.31 35.76 8.86
CA PRO C 201 -22.34 35.32 9.88
C PRO C 201 -22.78 35.65 11.31
N ALA C 202 -21.93 35.20 12.23
CA ALA C 202 -22.20 35.31 13.65
C ALA C 202 -22.05 36.68 14.25
N SER C 203 -23.19 37.26 14.57
CA SER C 203 -23.20 38.55 15.20
C SER C 203 -22.65 38.53 16.62
N GLY C 204 -23.05 37.53 17.38
CA GLY C 204 -22.71 37.39 18.79
C GLY C 204 -23.81 36.60 19.43
N ILE C 205 -24.11 36.81 20.70
CA ILE C 205 -25.19 36.07 21.32
C ILE C 205 -26.56 36.47 20.83
N PRO C 206 -27.53 35.61 21.01
CA PRO C 206 -28.82 35.97 20.40
C PRO C 206 -29.35 37.32 20.91
N GLU C 207 -30.28 37.91 20.19
CA GLU C 207 -30.80 39.19 20.59
C GLU C 207 -31.53 39.19 21.93
N LEU C 208 -32.41 38.25 22.17
CA LEU C 208 -33.09 38.22 23.47
C LEU C 208 -32.10 38.09 24.62
N ALA C 209 -31.05 37.29 24.42
CA ALA C 209 -30.05 37.13 25.47
C ALA C 209 -29.19 38.38 25.61
N ARG C 210 -28.82 39.02 24.50
CA ARG C 210 -28.11 40.29 24.59
C ARG C 210 -28.92 41.31 25.40
N ALA C 211 -30.21 41.46 25.07
CA ALA C 211 -31.12 42.30 25.84
C ALA C 211 -31.12 41.92 27.32
N THR C 212 -31.06 40.62 27.63
CA THR C 212 -31.19 40.23 29.03
C THR C 212 -29.90 40.40 29.84
N PHE C 213 -28.71 40.28 29.22
CA PHE C 213 -27.45 40.17 29.96
C PHE C 213 -26.42 41.23 29.65
N CYS C 214 -26.46 41.86 28.49
CA CYS C 214 -25.37 42.71 28.07
C CYS C 214 -25.60 44.18 28.40
N GLY C 215 -24.50 44.93 28.44
CA GLY C 215 -24.56 46.33 28.77
C GLY C 215 -23.70 46.62 29.98
N ALA C 216 -23.07 47.76 30.06
CA ALA C 216 -22.20 48.00 31.18
C ALA C 216 -22.97 48.15 32.44
N SER C 217 -24.26 48.38 32.28
CA SER C 217 -25.11 48.58 33.41
C SER C 217 -25.05 47.43 34.38
N ARG C 218 -25.09 46.21 33.86
CA ARG C 218 -25.13 45.02 34.68
C ARG C 218 -24.00 44.69 35.60
N PRO C 219 -24.34 44.20 36.75
CA PRO C 219 -23.54 43.71 37.87
C PRO C 219 -23.42 42.22 37.71
N THR C 220 -22.31 41.63 38.14
CA THR C 220 -22.07 40.26 37.94
C THR C 220 -22.38 39.42 39.11
N LYS C 221 -22.72 38.17 38.88
CA LYS C 221 -22.95 37.23 39.95
C LYS C 221 -21.60 36.88 40.57
N PRO C 222 -21.60 36.26 41.76
CA PRO C 222 -20.32 35.95 42.45
C PRO C 222 -19.44 34.94 41.72
N SER C 223 -18.13 35.14 41.83
CA SER C 223 -17.16 34.23 41.23
C SER C 223 -17.18 32.88 41.92
N LEU C 224 -17.12 31.83 41.10
CA LEU C 224 -17.08 30.44 41.55
C LEU C 224 -15.66 29.98 41.83
N LEU C 225 -14.66 30.82 41.56
CA LEU C 225 -13.27 30.47 41.86
C LEU C 225 -13.06 29.98 43.28
N PRO C 226 -13.68 30.56 44.30
CA PRO C 226 -13.46 30.01 45.65
C PRO C 226 -13.89 28.57 45.78
N ALA C 227 -15.07 28.22 45.25
CA ALA C 227 -15.56 26.83 45.35
C ALA C 227 -14.60 25.87 44.67
N LEU C 228 -14.16 26.22 43.45
CA LEU C 228 -13.17 25.44 42.73
C LEU C 228 -11.89 25.26 43.53
N ILE C 229 -11.31 26.35 44.03
CA ILE C 229 -10.03 26.25 44.74
C ILE C 229 -10.18 25.40 46.00
N ASP C 230 -11.30 25.55 46.71
CA ASP C 230 -11.52 24.76 47.92
C ASP C 230 -11.58 23.27 47.59
N ILE C 231 -12.50 22.89 46.68
CA ILE C 231 -12.72 21.48 46.37
C ILE C 231 -11.45 20.84 45.80
N TRP C 232 -10.78 21.54 44.87
CA TRP C 232 -9.65 20.89 44.23
C TRP C 232 -8.41 20.89 45.12
N SER C 233 -8.28 21.82 46.08
CA SER C 233 -7.16 21.71 46.99
C SER C 233 -7.40 20.69 48.08
N THR C 234 -8.66 20.49 48.53
CA THR C 234 -8.83 19.46 49.54
C THR C 234 -8.81 18.04 48.97
N SER C 235 -9.05 17.86 47.66
CA SER C 235 -9.11 16.49 47.13
C SER C 235 -8.17 16.18 45.97
N SER C 236 -7.15 17.01 45.71
CA SER C 236 -6.20 16.74 44.64
C SER C 236 -4.96 17.60 44.84
N GLU C 237 -3.95 17.38 43.97
CA GLU C 237 -2.72 18.17 44.01
C GLU C 237 -2.64 19.17 42.87
N LEU C 238 -3.77 19.51 42.27
CA LEU C 238 -3.77 20.38 41.09
C LEU C 238 -3.19 21.75 41.37
N LEU C 239 -3.39 22.19 42.58
CA LEU C 239 -2.99 23.48 42.99
C LEU C 239 -1.78 23.41 43.87
N PRO C 263 -14.54 23.89 55.17
CA PRO C 263 -14.10 22.88 54.18
C PRO C 263 -15.27 22.28 53.41
N PHE C 264 -15.31 22.73 52.15
CA PHE C 264 -16.55 22.34 51.48
C PHE C 264 -16.74 20.85 51.21
N PHE C 265 -15.67 20.20 50.76
CA PHE C 265 -15.78 18.77 50.46
C PHE C 265 -14.87 17.90 51.31
N SER C 266 -15.39 16.87 51.94
CA SER C 266 -14.52 16.03 52.69
C SER C 266 -14.48 14.71 52.01
N PRO C 267 -13.34 14.36 51.47
CA PRO C 267 -13.23 13.10 50.75
C PRO C 267 -13.10 11.89 51.56
N PRO C 268 -13.57 10.79 51.06
CA PRO C 268 -13.47 9.53 51.77
C PRO C 268 -12.12 8.89 51.72
N LEU C 269 -11.84 8.00 52.65
CA LEU C 269 -10.64 7.18 52.60
C LEU C 269 -10.90 6.05 51.61
N GLN C 270 -9.82 5.38 51.21
CA GLN C 270 -9.88 4.42 50.10
C GLN C 270 -10.33 5.08 48.79
N ALA C 271 -10.23 6.41 48.71
CA ALA C 271 -10.51 7.14 47.49
C ALA C 271 -9.26 7.91 47.07
N ASP C 272 -9.08 8.05 45.76
CA ASP C 272 -7.86 8.64 45.20
C ASP C 272 -7.91 10.16 45.35
N THR C 273 -7.34 10.67 46.45
CA THR C 273 -7.23 12.10 46.71
C THR C 273 -6.04 12.77 45.98
N SER C 274 -5.52 12.17 44.91
CA SER C 274 -4.52 12.83 44.08
C SER C 274 -5.09 13.33 42.75
N GLN C 275 -6.31 12.96 42.40
CA GLN C 275 -6.86 13.29 41.11
C GLN C 275 -8.14 14.12 41.18
N GLY C 276 -8.62 14.44 42.39
CA GLY C 276 -9.74 15.33 42.53
C GLY C 276 -11.00 14.75 41.95
N PRO C 277 -12.08 15.52 41.95
CA PRO C 277 -13.34 14.98 41.42
C PRO C 277 -13.31 14.94 39.91
N CYS C 278 -12.29 14.29 39.35
CA CYS C 278 -12.10 14.38 37.91
C CYS C 278 -13.18 13.65 37.12
N LEU C 279 -14.00 12.80 37.76
CA LEU C 279 -15.04 12.15 36.94
C LEU C 279 -16.21 13.09 36.58
N MET C 280 -16.06 14.37 36.93
CA MET C 280 -16.96 15.43 36.52
C MET C 280 -16.35 16.29 35.43
N HIS C 281 -15.16 15.95 35.02
CA HIS C 281 -14.37 16.62 34.03
C HIS C 281 -14.35 15.82 32.72
N PRO C 282 -14.16 16.47 31.56
CA PRO C 282 -14.18 15.73 30.28
C PRO C 282 -13.10 14.65 30.14
N THR C 283 -11.89 14.81 30.71
CA THR C 283 -10.85 13.82 30.47
C THR C 283 -10.88 12.70 31.50
N LEU C 284 -11.77 12.79 32.50
CA LEU C 284 -12.05 11.69 33.43
C LEU C 284 -10.78 11.21 34.14
N GLY C 285 -9.85 12.13 34.40
CA GLY C 285 -8.62 11.82 35.09
C GLY C 285 -7.66 13.01 35.15
N LEU C 286 -6.66 12.96 36.00
CA LEU C 286 -5.68 14.02 36.08
C LEU C 286 -4.33 13.43 35.91
N ARG C 287 -3.64 13.82 34.87
CA ARG C 287 -2.33 13.26 34.59
C ARG C 287 -1.38 14.38 34.39
N TYR C 288 -0.10 14.20 34.66
CA TYR C 288 0.65 15.43 34.40
C TYR C 288 1.68 15.25 33.39
N LYS C 289 1.91 16.25 32.58
CA LYS C 289 2.94 16.17 31.61
C LYS C 289 3.47 17.49 31.19
N ASN C 290 4.77 17.67 31.20
CA ASN C 290 5.43 18.85 30.71
C ASN C 290 4.91 20.11 31.27
N GLY C 291 4.69 20.17 32.53
CA GLY C 291 4.20 21.40 33.12
C GLY C 291 2.75 21.70 32.85
N THR C 292 2.00 20.76 32.24
CA THR C 292 0.55 20.89 32.09
C THR C 292 -0.15 19.72 32.77
N ALA C 293 -1.48 19.82 32.86
CA ALA C 293 -2.26 18.77 33.49
C ALA C 293 -3.49 18.50 32.63
N SER C 294 -4.08 17.32 32.78
CA SER C 294 -5.24 17.03 31.96
C SER C 294 -6.44 17.87 32.37
N VAL C 295 -6.45 18.46 33.57
CA VAL C 295 -7.49 19.41 33.97
C VAL C 295 -6.91 20.80 33.77
N CYS C 296 -7.45 21.52 32.80
CA CYS C 296 -6.94 22.85 32.50
C CYS C 296 -7.60 23.83 33.45
N LEU C 297 -6.80 24.58 34.20
CA LEU C 297 -7.34 25.48 35.21
C LEU C 297 -7.90 26.73 34.57
N LEU C 298 -7.33 27.17 33.45
CA LEU C 298 -7.84 28.35 32.77
C LEU C 298 -9.21 28.08 32.12
N CYS C 299 -9.51 26.83 31.73
CA CYS C 299 -10.87 26.54 31.27
C CYS C 299 -11.85 26.55 32.42
N GLU C 300 -11.40 26.07 33.59
CA GLU C 300 -12.21 26.21 34.78
C GLU C 300 -12.54 27.68 35.01
N CYS C 301 -11.55 28.56 34.81
CA CYS C 301 -11.80 29.99 34.98
C CYS C 301 -12.79 30.50 33.94
N LEU C 302 -12.70 30.02 32.70
CA LEU C 302 -13.67 30.44 31.67
C LEU C 302 -15.09 30.19 32.16
N ALA C 303 -15.29 29.12 32.91
CA ALA C 303 -16.64 28.89 33.40
C ALA C 303 -16.87 29.42 34.81
N ALA C 304 -15.81 29.75 35.53
CA ALA C 304 -15.89 30.06 36.95
C ALA C 304 -15.75 31.54 37.30
N HIS C 305 -15.42 32.41 36.33
CA HIS C 305 -15.14 33.81 36.67
C HIS C 305 -15.60 34.78 35.57
N PRO C 306 -16.20 35.91 35.96
CA PRO C 306 -16.89 36.76 34.96
C PRO C 306 -15.97 37.46 34.00
N GLU C 307 -14.71 37.72 34.35
CA GLU C 307 -13.82 38.42 33.43
C GLU C 307 -12.77 37.49 32.84
N ALA C 308 -12.88 36.17 33.04
CA ALA C 308 -11.87 35.25 32.50
C ALA C 308 -11.88 35.18 30.98
N PRO C 309 -13.03 35.04 30.30
CA PRO C 309 -13.00 35.05 28.82
C PRO C 309 -12.25 36.23 28.21
N LYS C 310 -12.60 37.46 28.62
CA LYS C 310 -12.01 38.65 28.01
C LYS C 310 -10.57 38.86 28.47
N ALA C 311 -10.25 38.53 29.72
CA ALA C 311 -8.86 38.62 30.17
C ALA C 311 -7.96 37.68 29.38
N LEU C 312 -8.42 36.45 29.13
CA LEU C 312 -7.59 35.51 28.39
C LEU C 312 -7.46 35.92 26.93
N GLN C 313 -8.52 36.44 26.30
CA GLN C 313 -8.35 36.91 24.93
C GLN C 313 -7.41 38.12 24.84
N THR C 314 -7.51 39.07 25.78
CA THR C 314 -6.60 40.21 25.68
C THR C 314 -5.17 39.81 26.03
N LEU C 315 -5.00 38.87 26.97
CA LEU C 315 -3.68 38.30 27.21
C LEU C 315 -3.10 37.69 25.94
N GLN C 316 -3.93 36.99 25.15
CA GLN C 316 -3.46 36.46 23.88
C GLN C 316 -2.99 37.56 22.95
N CYS C 317 -3.76 38.66 22.86
CA CYS C 317 -3.33 39.78 22.02
C CYS C 317 -2.01 40.35 22.49
N GLU C 318 -1.80 40.40 23.80
CA GLU C 318 -0.55 40.92 24.33
C GLU C 318 0.61 40.01 24.00
N VAL C 319 0.41 38.69 24.13
CA VAL C 319 1.44 37.72 23.79
C VAL C 319 1.83 37.82 22.33
N MET C 320 0.83 37.93 21.43
CA MET C 320 1.09 38.01 20.00
C MET C 320 1.67 39.36 19.58
N GLY C 321 1.12 40.45 20.08
CA GLY C 321 1.30 41.77 19.50
C GLY C 321 2.37 42.66 20.08
N HIS C 322 2.71 42.45 21.36
CA HIS C 322 3.65 43.36 22.02
C HIS C 322 5.09 43.12 21.58
N ILE C 323 5.55 41.87 21.68
CA ILE C 323 6.86 41.50 21.17
C ILE C 323 6.80 41.42 19.65
N GLU C 324 7.81 41.95 18.99
CA GLU C 324 7.87 41.97 17.53
C GLU C 324 9.01 41.10 16.99
N ASN C 325 9.71 40.38 17.87
CA ASN C 325 10.74 39.39 17.57
C ASN C 325 10.16 38.00 17.37
N ASN C 326 11.07 37.08 17.05
CA ASN C 326 10.84 35.66 16.95
C ASN C 326 11.00 34.98 18.30
N VAL C 327 10.46 35.57 19.37
CA VAL C 327 10.50 34.91 20.66
C VAL C 327 9.42 33.84 20.70
N LYS C 328 9.74 32.66 21.21
CA LYS C 328 8.78 31.57 21.20
C LYS C 328 7.64 31.86 22.16
N LEU C 329 6.50 31.25 21.90
CA LEU C 329 5.29 31.61 22.63
C LEU C 329 5.44 31.43 24.14
N VAL C 330 6.18 30.40 24.59
CA VAL C 330 6.21 30.23 26.05
C VAL C 330 7.06 31.32 26.67
N ASP C 331 8.09 31.79 25.95
CA ASP C 331 8.86 32.92 26.44
C ASP C 331 8.07 34.21 26.34
N ARG C 332 7.31 34.40 25.26
CA ARG C 332 6.48 35.60 25.19
C ARG C 332 5.54 35.69 26.38
N ILE C 333 4.92 34.56 26.74
CA ILE C 333 4.03 34.51 27.89
C ILE C 333 4.79 34.84 29.17
N ALA C 334 5.98 34.26 29.34
CA ALA C 334 6.77 34.54 30.53
C ALA C 334 7.13 36.03 30.62
N PHE C 335 7.47 36.67 29.51
CA PHE C 335 7.80 38.08 29.55
C PHE C 335 6.58 38.92 29.94
N VAL C 336 5.43 38.64 29.33
CA VAL C 336 4.22 39.41 29.66
C VAL C 336 3.85 39.25 31.14
N LEU C 337 3.95 38.03 31.67
CA LEU C 337 3.50 37.77 33.04
C LEU C 337 4.59 37.89 34.10
N ASP C 338 5.84 38.16 33.72
CA ASP C 338 6.84 38.45 34.73
C ASP C 338 6.61 39.81 35.37
N ASN C 339 6.07 40.73 34.57
CA ASN C 339 5.85 42.09 35.04
C ASN C 339 5.01 42.02 36.29
N PRO C 340 5.36 42.83 37.29
CA PRO C 340 4.63 42.72 38.57
C PRO C 340 3.25 43.32 38.50
N PHE C 341 3.03 44.28 37.61
CA PHE C 341 1.73 44.85 37.32
C PHE C 341 1.08 44.29 36.05
N ALA C 342 1.46 43.06 35.68
CA ALA C 342 0.91 42.39 34.50
C ALA C 342 -0.61 42.34 34.55
N MET C 343 -1.23 42.38 33.36
CA MET C 343 -2.70 42.28 33.22
C MET C 343 -3.54 43.26 34.04
N PRO C 344 -3.28 44.57 33.91
CA PRO C 344 -4.02 45.54 34.72
C PRO C 344 -5.50 45.59 34.39
N TYR C 345 -5.90 45.09 33.22
CA TYR C 345 -7.30 45.01 32.81
C TYR C 345 -8.11 44.02 33.63
N VAL C 346 -7.49 43.26 34.53
CA VAL C 346 -8.19 42.31 35.38
C VAL C 346 -8.41 42.98 36.73
N SER C 347 -9.68 43.16 37.13
CA SER C 347 -9.95 43.86 38.38
C SER C 347 -9.70 42.95 39.59
N ASP C 348 -10.46 41.84 39.68
CA ASP C 348 -10.37 40.87 40.77
C ASP C 348 -8.95 40.33 40.93
N PRO C 349 -8.30 40.62 42.05
CA PRO C 349 -6.90 40.18 42.22
C PRO C 349 -6.74 38.68 42.29
N LEU C 350 -7.80 37.93 42.61
CA LEU C 350 -7.66 36.48 42.69
C LEU C 350 -7.42 35.87 41.32
N LEU C 351 -8.25 36.22 40.35
CA LEU C 351 -8.04 35.71 39.00
C LEU C 351 -6.68 36.11 38.45
N ARG C 352 -6.25 37.36 38.69
CA ARG C 352 -4.93 37.77 38.23
C ARG C 352 -3.83 36.92 38.87
N GLU C 353 -3.88 36.72 40.18
CA GLU C 353 -2.83 35.95 40.84
C GLU C 353 -2.84 34.50 40.39
N LEU C 354 -4.03 33.98 40.10
CA LEU C 354 -4.18 32.62 39.59
C LEU C 354 -3.55 32.49 38.21
N ILE C 355 -4.00 33.31 37.24
CA ILE C 355 -3.43 33.26 35.88
C ILE C 355 -1.93 33.47 35.93
N ARG C 356 -1.47 34.46 36.69
CA ARG C 356 -0.03 34.71 36.76
C ARG C 356 0.71 33.55 37.41
N GLY C 357 0.03 32.73 38.22
CA GLY C 357 0.70 31.57 38.79
C GLY C 357 0.83 30.38 37.87
N CYS C 358 -0.01 30.30 36.84
CA CYS C 358 0.12 29.22 35.88
C CYS C 358 1.49 29.23 35.22
N THR C 359 1.99 28.04 34.88
CA THR C 359 3.25 27.92 34.17
C THR C 359 3.05 28.40 32.73
N PRO C 360 4.12 28.79 32.05
CA PRO C 360 3.97 29.19 30.63
C PRO C 360 3.47 28.07 29.74
N GLN C 361 3.75 26.81 30.09
CA GLN C 361 3.21 25.69 29.31
C GLN C 361 1.69 25.61 29.39
N GLU C 362 1.11 25.84 30.57
CA GLU C 362 -0.35 25.81 30.71
C GLU C 362 -1.00 26.86 29.84
N ILE C 363 -0.44 28.06 29.84
CA ILE C 363 -1.03 29.16 29.09
C ILE C 363 -0.79 28.97 27.60
N HIS C 364 0.40 28.51 27.21
CA HIS C 364 0.63 28.15 25.82
C HIS C 364 -0.40 27.13 25.37
N LYS C 365 -0.58 26.05 26.15
CA LYS C 365 -1.53 25.02 25.80
C LYS C 365 -2.92 25.59 25.62
N HIS C 366 -3.36 26.46 26.55
CA HIS C 366 -4.75 26.91 26.55
C HIS C 366 -5.02 27.90 25.43
N LEU C 367 -4.07 28.80 25.16
CA LEU C 367 -4.29 29.85 24.17
C LEU C 367 -3.92 29.44 22.75
N PHE C 368 -2.95 28.59 22.59
CA PHE C 368 -2.48 28.24 21.30
C PHE C 368 -2.44 26.81 20.83
N CYS C 369 -2.53 25.83 21.69
CA CYS C 369 -2.39 24.48 21.25
C CYS C 369 -3.57 23.50 21.37
N ASP C 370 -4.12 23.30 22.53
CA ASP C 370 -5.17 22.33 22.72
C ASP C 370 -6.47 22.67 22.07
N PRO C 371 -7.08 21.72 21.36
CA PRO C 371 -8.34 22.01 20.67
C PRO C 371 -9.58 22.05 21.56
N LEU C 372 -9.56 21.37 22.71
CA LEU C 372 -10.68 21.52 23.63
C LEU C 372 -10.67 22.89 24.30
N CYS C 373 -9.47 23.43 24.59
CA CYS C 373 -9.35 24.80 25.06
C CYS C 373 -9.86 25.79 24.04
N ALA C 374 -9.54 25.57 22.76
CA ALA C 374 -10.04 26.47 21.72
C ALA C 374 -11.54 26.40 21.64
N LEU C 375 -12.10 25.19 21.67
CA LEU C 375 -13.56 25.06 21.63
C LEU C 375 -14.22 25.75 22.83
N ASN C 376 -13.65 25.54 24.03
CA ASN C 376 -14.19 26.16 25.24
C ASN C 376 -14.17 27.69 25.15
N ALA C 377 -13.04 28.26 24.71
CA ALA C 377 -12.97 29.70 24.54
C ALA C 377 -13.93 30.20 23.48
N LYS C 378 -14.18 29.44 22.39
CA LYS C 378 -15.09 29.95 21.36
C LYS C 378 -16.55 29.86 21.80
N VAL C 379 -16.86 28.95 22.72
CA VAL C 379 -18.24 28.67 23.11
C VAL C 379 -18.75 29.55 24.26
N VAL C 380 -17.88 29.98 25.18
CA VAL C 380 -18.31 30.61 26.43
C VAL C 380 -18.86 32.01 26.18
N SER C 381 -19.90 32.37 26.95
CA SER C 381 -20.41 33.74 27.00
C SER C 381 -20.45 34.19 28.45
N GLU C 382 -19.45 34.99 28.86
CA GLU C 382 -19.40 35.47 30.23
C GLU C 382 -20.61 36.35 30.57
N ASP C 383 -21.21 37.00 29.56
CA ASP C 383 -22.39 37.81 29.84
C ASP C 383 -23.55 36.92 30.25
N VAL C 384 -23.88 35.90 29.44
CA VAL C 384 -24.91 34.94 29.84
C VAL C 384 -24.58 34.35 31.20
N LEU C 385 -23.34 33.91 31.39
CA LEU C 385 -23.04 33.11 32.57
C LEU C 385 -23.06 33.94 33.84
N PHE C 386 -22.54 35.16 33.80
CA PHE C 386 -22.22 35.86 35.05
C PHE C 386 -22.86 37.24 35.21
N ARG C 387 -23.40 37.85 34.17
CA ARG C 387 -24.08 39.12 34.41
C ARG C 387 -25.49 38.84 34.87
N LEU C 388 -25.93 39.64 35.82
CA LEU C 388 -27.24 39.44 36.41
C LEU C 388 -28.32 39.88 35.43
N PRO C 389 -29.35 39.08 35.21
CA PRO C 389 -30.35 39.42 34.17
C PRO C 389 -31.32 40.53 34.56
N ARG C 390 -31.76 41.26 33.55
CA ARG C 390 -32.88 42.20 33.68
C ARG C 390 -34.15 41.39 33.62
N GLU C 391 -34.95 41.44 34.69
CA GLU C 391 -36.00 40.43 34.84
C GLU C 391 -37.09 40.58 33.77
N GLN C 392 -37.36 41.79 33.30
CA GLN C 392 -38.40 41.96 32.31
C GLN C 392 -38.02 41.28 31.00
N GLU C 393 -36.76 41.42 30.58
CA GLU C 393 -36.32 40.76 29.36
C GLU C 393 -36.01 39.29 29.61
N TYR C 394 -35.55 38.95 30.81
CA TYR C 394 -35.36 37.55 31.17
C TYR C 394 -36.65 36.76 31.06
N LYS C 395 -37.78 37.37 31.45
CA LYS C 395 -39.05 36.64 31.36
C LYS C 395 -39.38 36.31 29.92
N LYS C 396 -39.02 37.22 29.00
CA LYS C 396 -39.24 36.97 27.58
C LYS C 396 -38.25 35.94 27.05
N LEU C 397 -37.02 35.98 27.55
CA LEU C 397 -36.04 34.95 27.21
C LEU C 397 -36.57 33.56 27.55
N ARG C 398 -37.01 33.37 28.81
CA ARG C 398 -37.60 32.11 29.25
C ARG C 398 -38.82 31.75 28.41
N ALA C 399 -39.67 32.73 28.10
CA ALA C 399 -40.84 32.43 27.28
C ALA C 399 -40.41 31.87 25.93
N SER C 400 -39.38 32.46 25.33
CA SER C 400 -38.95 31.97 24.02
C SER C 400 -38.27 30.61 24.14
N ALA C 401 -37.38 30.46 25.13
CA ALA C 401 -36.56 29.25 25.24
C ALA C 401 -37.39 28.02 25.64
N ALA C 402 -38.35 28.16 26.56
CA ALA C 402 -39.19 27.01 26.89
C ALA C 402 -40.04 26.59 25.70
N ALA C 403 -40.34 27.54 24.80
CA ALA C 403 -40.92 27.31 23.48
C ALA C 403 -39.90 26.73 22.50
N GLY C 404 -38.69 26.40 22.98
CA GLY C 404 -37.64 25.75 22.21
C GLY C 404 -36.83 26.66 21.31
N GLN C 405 -37.13 27.96 21.28
CA GLN C 405 -36.68 28.81 20.20
C GLN C 405 -35.21 29.19 20.30
N LEU C 406 -34.61 29.09 21.48
CA LEU C 406 -33.25 29.57 21.63
C LEU C 406 -32.25 28.44 21.79
N LEU C 407 -32.69 27.18 21.67
CA LEU C 407 -31.85 26.03 21.96
C LEU C 407 -31.49 25.25 20.72
N ASP C 408 -31.63 25.85 19.55
CA ASP C 408 -31.27 25.11 18.35
C ASP C 408 -29.76 25.06 18.12
N ALA C 409 -29.01 26.04 18.63
CA ALA C 409 -27.56 26.07 18.44
C ALA C 409 -26.92 27.23 19.20
N ASN C 410 -25.68 27.06 19.61
CA ASN C 410 -24.91 28.16 20.19
C ASN C 410 -24.49 29.10 19.06
N THR C 411 -24.94 30.34 19.10
CA THR C 411 -24.67 31.23 17.97
C THR C 411 -23.25 31.79 17.97
N LEU C 412 -22.45 31.55 19.01
CA LEU C 412 -21.05 31.94 18.97
C LEU C 412 -20.21 30.88 18.24
N PHE C 413 -20.46 29.61 18.51
CA PHE C 413 -19.85 28.49 17.82
C PHE C 413 -20.58 27.20 18.10
N ASP C 414 -20.99 26.42 17.13
CA ASP C 414 -21.63 25.14 17.42
C ASP C 414 -21.38 24.23 16.24
N CYS C 415 -20.63 23.14 16.45
CA CYS C 415 -20.32 22.23 15.36
C CYS C 415 -20.03 20.86 15.94
N GLU C 416 -20.93 19.89 15.71
CA GLU C 416 -20.69 18.58 16.28
C GLU C 416 -19.51 17.85 15.64
N VAL C 417 -19.18 18.17 14.39
CA VAL C 417 -17.99 17.56 13.78
C VAL C 417 -16.74 17.94 14.55
N VAL C 418 -16.51 19.24 14.73
CA VAL C 418 -15.33 19.69 15.45
C VAL C 418 -15.35 19.21 16.91
N GLN C 419 -16.52 19.25 17.55
CA GLN C 419 -16.58 18.72 18.91
C GLN C 419 -16.16 17.25 18.94
N THR C 420 -16.68 16.47 18.00
CA THR C 420 -16.40 15.04 17.98
C THR C 420 -14.92 14.81 17.80
N LEU C 421 -14.31 15.51 16.84
CA LEU C 421 -12.88 15.37 16.60
C LEU C 421 -12.09 15.78 17.83
N VAL C 422 -12.57 16.80 18.56
CA VAL C 422 -11.87 17.25 19.76
C VAL C 422 -11.88 16.16 20.83
N PHE C 423 -13.00 15.45 20.98
CA PHE C 423 -13.00 14.38 21.99
C PHE C 423 -12.13 13.22 21.54
N LEU C 424 -12.11 12.94 20.23
CA LEU C 424 -11.22 11.93 19.69
C LEU C 424 -9.75 12.27 19.96
N PHE C 425 -9.37 13.53 19.76
CA PHE C 425 -8.00 13.92 20.02
C PHE C 425 -7.65 13.80 21.49
N LYS C 426 -8.49 14.38 22.37
CA LYS C 426 -8.25 14.16 23.79
C LYS C 426 -8.20 12.68 24.12
N GLY C 427 -8.95 11.86 23.38
CA GLY C 427 -8.95 10.43 23.66
C GLY C 427 -7.62 9.79 23.33
N LEU C 428 -7.07 10.10 22.15
CA LEU C 428 -5.77 9.52 21.83
C LEU C 428 -4.68 10.08 22.73
N GLN C 429 -4.85 11.29 23.24
CA GLN C 429 -3.84 11.89 24.09
C GLN C 429 -3.78 11.24 25.48
N ASN C 430 -4.92 10.79 26.01
CA ASN C 430 -4.99 10.21 27.35
C ASN C 430 -5.30 8.73 27.45
N ALA C 431 -5.07 7.96 26.40
CA ALA C 431 -5.50 6.56 26.40
C ALA C 431 -4.81 5.83 25.26
N ARG C 432 -4.75 4.50 25.38
CA ARG C 432 -4.11 3.69 24.36
C ARG C 432 -5.02 3.61 23.14
N VAL C 433 -4.51 4.06 22.00
CA VAL C 433 -5.23 4.02 20.73
C VAL C 433 -4.23 3.60 19.65
N GLY C 434 -4.70 2.77 18.70
CA GLY C 434 -3.83 2.30 17.63
C GLY C 434 -3.11 3.46 16.97
N LYS C 435 -1.87 3.27 16.52
CA LYS C 435 -1.14 4.44 16.01
C LYS C 435 -1.71 4.91 14.67
N THR C 436 -2.26 4.01 13.87
CA THR C 436 -2.86 4.48 12.62
C THR C 436 -4.13 5.25 12.89
N THR C 437 -4.98 4.77 13.82
CA THR C 437 -6.17 5.55 14.10
C THR C 437 -5.79 6.87 14.73
N SER C 438 -4.66 6.92 15.44
CA SER C 438 -4.19 8.18 16.02
C SER C 438 -3.82 9.20 14.93
N LEU C 439 -3.05 8.78 13.94
CA LEU C 439 -2.68 9.79 12.95
C LEU C 439 -3.81 10.06 11.97
N ASP C 440 -4.79 9.15 11.87
CA ASP C 440 -5.96 9.41 11.04
C ASP C 440 -6.81 10.53 11.66
N ILE C 441 -7.04 10.41 12.98
CA ILE C 441 -7.75 11.45 13.72
C ILE C 441 -7.00 12.77 13.60
N ILE C 442 -5.68 12.74 13.80
CA ILE C 442 -4.90 13.98 13.73
C ILE C 442 -5.07 14.65 12.39
N ARG C 443 -5.07 13.86 11.32
CA ARG C 443 -5.16 14.51 10.02
C ARG C 443 -6.50 15.17 9.82
N GLU C 444 -7.58 14.46 10.19
CA GLU C 444 -8.91 15.04 10.01
C GLU C 444 -9.12 16.26 10.91
N LEU C 445 -8.59 16.21 12.14
CA LEU C 445 -8.74 17.34 13.07
C LEU C 445 -8.00 18.57 12.59
N THR C 446 -6.79 18.40 12.03
CA THR C 446 -6.08 19.57 11.50
C THR C 446 -6.84 20.19 10.36
N ALA C 447 -7.40 19.34 9.48
CA ALA C 447 -8.18 19.85 8.35
C ALA C 447 -9.39 20.64 8.82
N GLN C 448 -10.14 20.11 9.80
CA GLN C 448 -11.32 20.86 10.23
C GLN C 448 -10.94 22.13 10.96
N LEU C 449 -9.84 22.10 11.73
CA LEU C 449 -9.36 23.32 12.38
C LEU C 449 -9.13 24.42 11.35
N LYS C 450 -8.48 24.09 10.23
CA LYS C 450 -8.26 25.16 9.24
C LYS C 450 -9.58 25.53 8.54
N ARG C 451 -10.39 24.53 8.19
CA ARG C 451 -11.67 24.80 7.53
C ARG C 451 -12.59 25.64 8.42
N HIS C 452 -12.40 25.60 9.74
CA HIS C 452 -13.20 26.41 10.65
C HIS C 452 -12.43 27.64 11.14
N ARG C 453 -11.27 27.94 10.55
CA ARG C 453 -10.50 29.12 10.91
C ARG C 453 -10.14 29.17 12.40
N LEU C 454 -9.72 28.04 12.94
CA LEU C 454 -9.15 27.98 14.28
C LEU C 454 -7.63 27.83 14.12
N ASP C 455 -6.88 28.83 14.61
CA ASP C 455 -5.43 28.88 14.38
C ASP C 455 -4.75 28.27 15.60
N LEU C 456 -4.32 27.01 15.47
CA LEU C 456 -3.61 26.32 16.54
C LEU C 456 -2.28 25.76 16.04
N ALA C 457 -1.42 25.43 17.00
CA ALA C 457 -0.25 24.62 16.70
C ALA C 457 -0.69 23.29 16.12
N HIS C 458 0.23 22.62 15.47
CA HIS C 458 -0.18 21.39 14.81
C HIS C 458 -0.54 20.33 15.85
N PRO C 459 -1.67 19.64 15.71
CA PRO C 459 -2.08 18.68 16.75
C PRO C 459 -1.05 17.59 17.06
N SER C 460 -0.18 17.19 16.13
CA SER C 460 0.86 16.23 16.51
C SER C 460 1.88 16.85 17.49
N GLN C 461 2.23 18.12 17.29
CA GLN C 461 3.04 18.82 18.27
C GLN C 461 2.34 18.83 19.63
N THR C 462 1.04 19.16 19.65
CA THR C 462 0.30 19.24 20.91
C THR C 462 0.27 17.90 21.65
N SER C 463 0.02 16.80 20.95
CA SER C 463 0.02 15.49 21.61
C SER C 463 1.41 15.12 22.14
N HIS C 464 2.48 15.51 21.43
CA HIS C 464 3.80 15.28 21.99
C HIS C 464 4.01 16.07 23.28
N LEU C 465 3.60 17.34 23.30
CA LEU C 465 4.04 18.25 24.36
C LEU C 465 3.26 18.06 25.67
N TYR C 466 1.93 17.96 25.61
CA TYR C 466 1.08 18.23 26.77
C TYR C 466 0.10 17.09 27.08
N ALA C 467 -0.47 17.20 28.29
CA ALA C 467 -1.51 16.28 28.79
C ALA C 467 -2.91 16.79 28.38
N PHE D 2 -56.95 -22.34 -2.90
CA PHE D 2 -55.88 -22.54 -1.94
C PHE D 2 -55.18 -21.27 -1.70
N VAL D 3 -55.16 -20.86 -0.46
CA VAL D 3 -54.60 -19.58 -0.05
C VAL D 3 -53.52 -19.82 0.99
N PRO D 4 -52.30 -19.28 0.79
CA PRO D 4 -51.21 -19.48 1.75
C PRO D 4 -51.37 -18.59 2.99
N TRP D 5 -50.46 -18.80 3.95
CA TRP D 5 -50.40 -18.03 5.19
C TRP D 5 -51.65 -18.19 6.04
N GLN D 6 -52.09 -19.43 6.19
CA GLN D 6 -53.29 -19.68 6.96
C GLN D 6 -52.96 -20.49 8.20
N LEU D 7 -53.23 -19.91 9.36
CA LEU D 7 -52.99 -20.62 10.61
C LEU D 7 -53.55 -22.05 10.55
N GLY D 8 -54.76 -22.21 9.99
CA GLY D 8 -55.34 -23.53 9.86
C GLY D 8 -54.45 -24.50 9.09
N THR D 9 -53.77 -24.01 8.04
CA THR D 9 -52.89 -24.90 7.27
C THR D 9 -51.74 -25.38 8.14
N ILE D 10 -51.26 -24.51 9.03
CA ILE D 10 -50.20 -24.88 9.96
C ILE D 10 -50.71 -25.95 10.93
N THR D 11 -51.91 -25.71 11.48
CA THR D 11 -52.48 -26.60 12.49
C THR D 11 -52.72 -28.02 11.96
N ARG D 12 -53.29 -28.16 10.75
CA ARG D 12 -53.62 -29.50 10.30
C ARG D 12 -52.39 -30.38 10.07
N HIS D 13 -51.27 -29.79 9.66
CA HIS D 13 -50.08 -30.58 9.39
C HIS D 13 -49.11 -30.57 10.57
N ARG D 14 -49.63 -30.35 11.79
CA ARG D 14 -48.79 -30.36 12.98
C ARG D 14 -47.90 -31.59 12.99
N ASP D 15 -48.36 -32.69 12.41
CA ASP D 15 -47.57 -33.92 12.42
C ASP D 15 -46.30 -33.75 11.59
N GLU D 16 -46.42 -33.36 10.31
CA GLU D 16 -45.21 -33.17 9.52
C GLU D 16 -44.39 -31.97 10.04
N LEU D 17 -45.06 -30.88 10.41
CA LEU D 17 -44.34 -29.69 10.86
C LEU D 17 -43.58 -29.91 12.17
N GLN D 18 -44.09 -30.75 13.08
CA GLN D 18 -43.30 -31.08 14.26
C GLN D 18 -41.99 -31.76 13.87
N LYS D 19 -42.05 -32.58 12.83
CA LYS D 19 -40.84 -33.28 12.40
C LYS D 19 -39.83 -32.29 11.83
N LEU D 20 -40.31 -31.21 11.21
CA LEU D 20 -39.43 -30.13 10.75
C LEU D 20 -38.85 -29.34 11.92
N LEU D 21 -39.67 -28.96 12.90
CA LEU D 21 -39.16 -28.22 14.05
C LEU D 21 -38.12 -29.03 14.83
N ALA D 22 -38.37 -30.33 15.02
CA ALA D 22 -37.40 -31.14 15.76
C ALA D 22 -36.07 -31.19 15.02
N ALA D 23 -36.11 -31.36 13.70
CA ALA D 23 -34.89 -31.35 12.90
C ALA D 23 -34.27 -29.96 12.73
N SER D 24 -34.84 -28.92 13.34
CA SER D 24 -34.37 -27.55 13.19
C SER D 24 -33.79 -26.96 14.48
N LEU D 25 -33.54 -27.79 15.48
CA LEU D 25 -32.85 -27.37 16.68
C LEU D 25 -31.38 -27.75 16.53
N LEU D 26 -30.52 -27.03 17.24
CA LEU D 26 -29.09 -27.32 17.20
C LEU D 26 -28.72 -28.45 18.18
N PRO D 27 -27.58 -29.13 17.95
CA PRO D 27 -27.14 -30.18 18.89
C PRO D 27 -26.82 -29.63 20.28
N GLU D 28 -27.17 -30.40 21.31
CA GLU D 28 -27.01 -29.93 22.70
C GLU D 28 -25.55 -29.73 23.05
N HIS D 29 -24.71 -30.74 22.78
CA HIS D 29 -23.29 -30.70 23.11
C HIS D 29 -22.58 -31.15 21.82
N PRO D 30 -22.43 -30.23 20.86
CA PRO D 30 -21.92 -30.64 19.54
C PRO D 30 -20.52 -31.22 19.56
N GLU D 31 -19.67 -30.77 20.49
CA GLU D 31 -18.25 -31.14 20.57
C GLU D 31 -18.00 -32.58 21.03
N GLU D 32 -19.00 -33.29 21.57
CA GLU D 32 -18.86 -34.63 22.12
C GLU D 32 -19.20 -35.73 21.11
N SER D 33 -19.58 -35.37 19.90
CA SER D 33 -19.79 -36.30 18.81
C SER D 33 -18.88 -35.89 17.66
N LEU D 34 -18.44 -36.88 16.88
CA LEU D 34 -17.58 -36.58 15.74
C LEU D 34 -18.32 -35.86 14.63
N GLY D 35 -19.63 -36.03 14.55
CA GLY D 35 -20.48 -35.37 13.57
C GLY D 35 -21.94 -35.50 13.99
N ASN D 36 -22.83 -35.00 13.13
CA ASN D 36 -24.26 -35.05 13.39
C ASN D 36 -24.99 -35.04 12.05
N PRO D 37 -25.85 -36.02 11.79
CA PRO D 37 -26.45 -36.11 10.45
C PRO D 37 -27.27 -34.89 10.06
N ILE D 38 -27.91 -34.21 11.00
CA ILE D 38 -28.65 -32.99 10.67
C ILE D 38 -27.67 -31.88 10.26
N MET D 39 -26.68 -31.60 11.09
CA MET D 39 -25.72 -30.56 10.72
C MET D 39 -24.97 -30.91 9.43
N THR D 40 -24.71 -32.19 9.18
CA THR D 40 -23.97 -32.57 7.98
C THR D 40 -24.79 -32.28 6.73
N GLN D 41 -26.11 -32.49 6.82
CA GLN D 41 -26.98 -32.26 5.66
C GLN D 41 -27.19 -30.77 5.41
N ILE D 42 -27.45 -29.99 6.47
CA ILE D 42 -27.60 -28.55 6.29
C ILE D 42 -26.33 -27.98 5.67
N HIS D 43 -25.18 -28.38 6.21
CA HIS D 43 -23.91 -27.92 5.65
C HIS D 43 -23.78 -28.35 4.20
N GLN D 44 -24.35 -29.50 3.84
CA GLN D 44 -24.36 -29.96 2.46
C GLN D 44 -25.28 -29.13 1.59
N SER D 45 -26.40 -28.68 2.14
CA SER D 45 -27.30 -27.85 1.34
C SER D 45 -26.68 -26.50 0.99
N LEU D 46 -25.73 -26.02 1.81
CA LEU D 46 -25.08 -24.73 1.60
C LEU D 46 -23.80 -24.85 0.79
N GLN D 47 -23.65 -25.93 0.05
CA GLN D 47 -22.49 -25.79 -0.83
C GLN D 47 -22.92 -25.40 -2.24
N PRO D 48 -22.14 -24.51 -2.88
CA PRO D 48 -22.64 -23.82 -4.08
C PRO D 48 -22.99 -24.73 -5.25
N SER D 49 -22.45 -25.94 -5.32
CA SER D 49 -22.70 -26.85 -6.42
C SER D 49 -23.58 -28.05 -6.05
N SER D 50 -24.18 -28.06 -4.82
CA SER D 50 -25.18 -29.07 -4.51
C SER D 50 -26.58 -28.67 -5.00
N PRO D 51 -27.43 -29.64 -5.34
CA PRO D 51 -28.76 -29.32 -5.86
C PRO D 51 -29.66 -28.65 -4.83
N CYS D 52 -30.69 -28.00 -5.33
CA CYS D 52 -31.76 -27.49 -4.48
C CYS D 52 -32.74 -28.61 -4.19
N ARG D 53 -32.84 -29.01 -2.93
CA ARG D 53 -33.68 -30.16 -2.62
C ARG D 53 -35.14 -29.92 -2.95
N VAL D 54 -35.63 -28.70 -2.78
CA VAL D 54 -37.03 -28.41 -3.09
C VAL D 54 -37.24 -28.42 -4.60
N CYS D 55 -36.32 -27.85 -5.36
CA CYS D 55 -36.44 -27.95 -6.82
C CYS D 55 -36.45 -29.40 -7.25
N GLN D 56 -35.67 -30.24 -6.56
CA GLN D 56 -35.56 -31.64 -6.95
C GLN D 56 -36.83 -32.40 -6.59
N LEU D 57 -37.43 -32.07 -5.46
CA LEU D 57 -38.72 -32.64 -5.10
C LEU D 57 -39.76 -32.34 -6.18
N LEU D 58 -39.83 -31.08 -6.63
CA LEU D 58 -40.83 -30.70 -7.62
C LEU D 58 -40.63 -31.42 -8.94
N PHE D 59 -39.41 -31.42 -9.49
CA PHE D 59 -39.21 -32.02 -10.80
C PHE D 59 -39.46 -33.52 -10.75
N SER D 60 -39.20 -34.10 -9.63
CA SER D 60 -39.47 -35.47 -9.49
C SER D 60 -40.97 -35.67 -9.51
N LEU D 61 -41.76 -34.68 -9.18
CA LEU D 61 -43.19 -34.83 -9.15
C LEU D 61 -43.89 -34.51 -10.43
N VAL D 62 -43.19 -34.10 -11.44
CA VAL D 62 -43.87 -33.82 -12.66
C VAL D 62 -43.34 -34.66 -13.77
N ARG D 63 -42.17 -35.21 -13.59
CA ARG D 63 -41.62 -36.03 -14.63
C ARG D 63 -42.39 -37.32 -14.91
N PRO D 68 -51.85 -32.87 -12.82
CA PRO D 68 -52.98 -32.04 -12.42
C PRO D 68 -53.12 -30.79 -13.29
N MET D 69 -53.90 -29.83 -12.84
CA MET D 69 -54.10 -28.60 -13.58
C MET D 69 -54.12 -27.37 -12.68
N GLY D 70 -54.06 -27.59 -11.38
CA GLY D 70 -54.12 -26.51 -10.45
C GLY D 70 -52.96 -26.56 -9.51
N PHE D 71 -52.10 -27.54 -9.64
CA PHE D 71 -50.92 -27.62 -8.85
C PHE D 71 -50.05 -26.49 -9.25
N PHE D 72 -49.97 -26.23 -10.54
CA PHE D 72 -49.06 -25.18 -10.92
C PHE D 72 -49.55 -23.83 -10.43
N GLU D 73 -50.86 -23.67 -10.27
CA GLU D 73 -51.41 -22.42 -9.76
C GLU D 73 -51.36 -22.34 -8.24
N ASP D 74 -51.44 -23.46 -7.54
CA ASP D 74 -51.34 -23.34 -6.09
C ASP D 74 -49.90 -23.14 -5.66
N TYR D 75 -48.97 -23.83 -6.33
CA TYR D 75 -47.56 -23.59 -6.05
C TYR D 75 -47.19 -22.15 -6.39
N ALA D 76 -47.71 -21.63 -7.50
CA ALA D 76 -47.42 -20.24 -7.88
C ALA D 76 -48.01 -19.24 -6.90
N CYS D 77 -49.09 -19.59 -6.17
CA CYS D 77 -49.57 -18.67 -5.13
C CYS D 77 -48.62 -18.62 -3.96
N LEU D 78 -48.17 -19.81 -3.52
CA LEU D 78 -47.17 -19.87 -2.46
C LEU D 78 -45.95 -19.03 -2.82
N CYS D 79 -45.45 -19.21 -4.05
CA CYS D 79 -44.31 -18.40 -4.50
C CYS D 79 -44.62 -16.91 -4.42
N PHE D 80 -45.78 -16.48 -4.90
CA PHE D 80 -46.09 -15.04 -4.85
C PHE D 80 -46.06 -14.53 -3.42
N PHE D 81 -46.58 -15.32 -2.48
CA PHE D 81 -46.61 -14.89 -1.08
C PHE D 81 -45.20 -14.76 -0.53
N CYS D 82 -44.34 -15.73 -0.82
CA CYS D 82 -42.97 -15.68 -0.34
C CYS D 82 -42.26 -14.44 -0.86
N LEU D 83 -42.44 -14.13 -2.13
CA LEU D 83 -41.86 -12.96 -2.76
C LEU D 83 -42.22 -11.68 -2.00
N TYR D 84 -43.38 -11.66 -1.36
CA TYR D 84 -43.87 -10.51 -0.62
C TYR D 84 -43.87 -10.75 0.88
N ALA D 85 -43.02 -11.66 1.33
CA ALA D 85 -42.91 -11.99 2.73
C ALA D 85 -41.48 -11.72 3.23
N PRO D 86 -41.31 -11.30 4.49
CA PRO D 86 -39.97 -11.10 5.02
C PRO D 86 -39.26 -12.43 5.21
N HIS D 87 -37.95 -12.31 5.36
CA HIS D 87 -37.07 -13.45 5.73
CA HIS D 87 -37.09 -13.47 5.70
C HIS D 87 -36.99 -13.73 7.35
N CYS D 88 -37.65 -14.77 7.73
CA CYS D 88 -37.69 -15.00 9.17
C CYS D 88 -38.11 -16.43 9.45
N TRP D 89 -38.29 -16.75 10.74
CA TRP D 89 -38.75 -18.09 11.08
C TRP D 89 -40.19 -18.31 10.60
N THR D 90 -41.07 -17.37 10.88
CA THR D 90 -42.48 -17.53 10.55
C THR D 90 -42.71 -17.74 9.07
N SER D 91 -41.97 -17.03 8.23
CA SER D 91 -42.15 -17.20 6.79
C SER D 91 -41.66 -18.56 6.33
N THR D 92 -40.67 -19.14 7.01
CA THR D 92 -40.23 -20.49 6.68
C THR D 92 -41.24 -21.52 7.15
N MET D 93 -41.78 -21.34 8.35
CA MET D 93 -42.84 -22.20 8.88
C MET D 93 -44.04 -22.22 7.95
N ALA D 94 -44.52 -21.02 7.55
CA ALA D 94 -45.68 -20.89 6.68
C ALA D 94 -45.44 -21.53 5.32
N ALA D 95 -44.27 -21.30 4.73
CA ALA D 95 -43.96 -21.97 3.47
C ALA D 95 -43.88 -23.49 3.66
N ALA D 96 -43.42 -23.95 4.83
CA ALA D 96 -43.42 -25.39 5.09
C ALA D 96 -44.84 -25.92 5.12
N ALA D 97 -45.70 -25.30 5.93
CA ALA D 97 -47.09 -25.74 6.04
C ALA D 97 -47.79 -25.73 4.70
N ASP D 98 -47.67 -24.62 3.97
CA ASP D 98 -48.38 -24.51 2.70
C ASP D 98 -47.79 -25.45 1.65
N LEU D 99 -46.53 -25.86 1.80
CA LEU D 99 -45.98 -26.88 0.90
C LEU D 99 -46.54 -28.26 1.22
N CYS D 100 -46.71 -28.60 2.51
CA CYS D 100 -47.49 -29.77 2.87
C CYS D 100 -48.86 -29.77 2.20
N GLU D 101 -49.62 -28.71 2.45
CA GLU D 101 -50.98 -28.65 1.96
C GLU D 101 -51.02 -28.85 0.45
N ILE D 102 -50.11 -28.19 -0.28
CA ILE D 102 -50.09 -28.34 -1.73
C ILE D 102 -49.81 -29.79 -2.11
N MET D 103 -49.05 -30.52 -1.28
CA MET D 103 -48.70 -31.90 -1.61
C MET D 103 -49.84 -32.87 -1.32
N HIS D 104 -50.60 -32.63 -0.26
CA HIS D 104 -51.77 -33.44 0.05
C HIS D 104 -52.93 -33.22 -0.92
N LEU D 105 -53.05 -32.01 -1.48
CA LEU D 105 -54.11 -31.75 -2.45
C LEU D 105 -53.82 -32.41 -3.78
N HIS D 106 -52.59 -32.32 -4.26
CA HIS D 106 -52.29 -32.67 -5.65
C HIS D 106 -51.43 -33.90 -5.83
N PHE D 107 -50.78 -34.36 -4.75
CA PHE D 107 -49.97 -35.57 -4.77
C PHE D 107 -50.18 -36.36 -3.48
N PRO D 108 -51.38 -36.92 -3.26
CA PRO D 108 -51.57 -37.65 -2.01
C PRO D 108 -51.12 -39.11 -2.04
N GLU D 109 -50.96 -39.73 -3.22
CA GLU D 109 -50.53 -41.12 -3.25
C GLU D 109 -49.03 -41.36 -3.35
N GLU D 110 -48.28 -40.33 -3.69
CA GLU D 110 -46.84 -40.47 -3.79
C GLU D 110 -46.23 -40.27 -2.42
N GLU D 111 -45.28 -41.16 -2.14
CA GLU D 111 -44.55 -41.30 -0.88
C GLU D 111 -43.70 -40.10 -0.50
N ALA D 112 -43.34 -39.30 -1.50
CA ALA D 112 -42.54 -38.10 -1.27
C ALA D 112 -43.27 -37.11 -0.36
N THR D 113 -44.59 -36.99 -0.53
CA THR D 113 -45.39 -36.11 0.28
C THR D 113 -45.35 -36.49 1.77
N TYR D 114 -45.36 -37.79 2.11
CA TYR D 114 -45.32 -38.10 3.54
C TYR D 114 -43.88 -38.31 3.97
N GLY D 115 -43.56 -37.91 5.20
CA GLY D 115 -42.18 -37.84 5.59
C GLY D 115 -41.51 -36.77 4.77
N LEU D 116 -42.18 -35.61 4.71
CA LEU D 116 -41.71 -34.51 3.88
C LEU D 116 -40.47 -33.87 4.48
N PHE D 117 -40.42 -33.75 5.80
CA PHE D 117 -39.36 -33.04 6.49
C PHE D 117 -38.54 -33.99 7.36
N GLY D 118 -37.33 -33.55 7.70
CA GLY D 118 -36.47 -34.33 8.57
C GLY D 118 -35.18 -34.78 7.92
N PRO D 119 -34.43 -35.64 8.61
CA PRO D 119 -33.15 -36.10 8.07
C PRO D 119 -33.41 -37.00 6.87
N GLY D 120 -32.75 -36.68 5.77
CA GLY D 120 -32.90 -37.40 4.53
C GLY D 120 -34.00 -36.84 3.66
N ARG D 121 -34.78 -35.94 4.22
CA ARG D 121 -35.84 -35.27 3.53
C ARG D 121 -35.55 -33.76 3.50
N LEU D 122 -36.55 -32.92 3.58
CA LEU D 122 -36.34 -31.48 3.56
C LEU D 122 -36.05 -30.85 4.89
N MET D 123 -35.21 -29.83 4.90
CA MET D 123 -34.90 -29.12 6.12
C MET D 123 -35.16 -27.64 5.97
N GLY D 124 -35.20 -26.95 7.13
CA GLY D 124 -35.41 -25.52 7.14
C GLY D 124 -34.49 -24.79 6.20
N ILE D 125 -33.23 -25.19 6.14
CA ILE D 125 -32.31 -24.50 5.25
C ILE D 125 -32.76 -24.69 3.81
N ASP D 126 -33.36 -25.83 3.46
CA ASP D 126 -33.77 -26.06 2.08
C ASP D 126 -34.94 -25.17 1.68
N LEU D 127 -35.90 -24.98 2.60
CA LEU D 127 -37.00 -24.05 2.39
C LEU D 127 -36.51 -22.61 2.28
N GLN D 128 -35.62 -22.20 3.20
CA GLN D 128 -35.04 -20.86 3.17
C GLN D 128 -34.30 -20.59 1.86
N LEU D 129 -33.45 -21.53 1.43
CA LEU D 129 -32.68 -21.33 0.20
C LEU D 129 -33.60 -21.25 -1.01
N HIS D 130 -34.63 -22.10 -1.08
CA HIS D 130 -35.47 -22.14 -2.27
C HIS D 130 -36.43 -20.95 -2.33
N PHE D 131 -37.10 -20.67 -1.22
CA PHE D 131 -38.16 -19.68 -1.26
C PHE D 131 -37.71 -18.26 -0.91
N PHE D 132 -36.58 -18.09 -0.21
CA PHE D 132 -36.25 -16.76 0.29
C PHE D 132 -34.85 -16.26 -0.07
N VAL D 133 -33.82 -17.06 0.17
CA VAL D 133 -32.48 -16.58 -0.15
C VAL D 133 -32.28 -16.55 -1.66
N GLN D 134 -32.45 -17.71 -2.31
CA GLN D 134 -32.13 -17.80 -3.73
C GLN D 134 -33.33 -17.51 -4.64
N LYS D 135 -34.55 -17.69 -4.14
CA LYS D 135 -35.79 -17.44 -4.92
C LYS D 135 -35.85 -18.18 -6.26
N CYS D 136 -35.80 -19.51 -6.22
CA CYS D 136 -35.71 -20.30 -7.45
C CYS D 136 -36.89 -20.05 -8.37
N PHE D 137 -38.01 -19.52 -7.85
CA PHE D 137 -39.26 -19.39 -8.60
C PHE D 137 -39.35 -18.13 -9.45
N LYS D 138 -38.50 -17.13 -9.21
CA LYS D 138 -38.55 -15.90 -9.98
C LYS D 138 -38.31 -16.22 -11.46
N THR D 139 -39.04 -15.56 -12.35
CA THR D 139 -38.78 -15.76 -13.77
C THR D 139 -37.61 -14.86 -14.16
N THR D 140 -36.51 -15.46 -14.59
CA THR D 140 -35.28 -14.75 -14.91
C THR D 140 -34.87 -15.06 -16.34
N ALA D 141 -34.34 -14.05 -17.03
CA ALA D 141 -33.87 -14.25 -18.39
C ALA D 141 -32.63 -15.14 -18.39
N ALA D 142 -32.49 -15.93 -19.45
CA ALA D 142 -31.39 -16.88 -19.51
C ALA D 142 -30.05 -16.16 -19.43
N GLU D 143 -29.92 -15.04 -20.14
CA GLU D 143 -28.66 -14.31 -20.20
C GLU D 143 -28.23 -13.73 -18.86
N LYS D 144 -29.07 -13.78 -17.85
CA LYS D 144 -28.69 -13.24 -16.56
C LYS D 144 -28.34 -14.28 -15.53
N ILE D 145 -28.39 -15.52 -15.91
CA ILE D 145 -28.20 -16.59 -14.93
C ILE D 145 -26.78 -16.61 -14.40
N LEU D 146 -25.78 -16.54 -15.29
CA LEU D 146 -24.40 -16.64 -14.82
C LEU D 146 -24.11 -15.61 -13.72
N GLY D 147 -24.42 -14.35 -13.98
CA GLY D 147 -24.26 -13.32 -12.97
C GLY D 147 -24.95 -13.67 -11.66
N ILE D 148 -26.17 -14.20 -11.73
CA ILE D 148 -26.90 -14.57 -10.52
C ILE D 148 -26.13 -15.61 -9.75
N SER D 149 -25.54 -16.59 -10.44
CA SER D 149 -24.82 -17.65 -9.73
C SER D 149 -23.61 -17.10 -8.97
N ASN D 150 -22.98 -16.03 -9.47
CA ASN D 150 -21.92 -15.41 -8.67
C ASN D 150 -22.47 -14.96 -7.33
N LEU D 151 -23.56 -14.20 -7.34
CA LEU D 151 -24.15 -13.71 -6.09
C LEU D 151 -24.66 -14.84 -5.22
N GLN D 152 -25.24 -15.87 -5.81
CA GLN D 152 -25.70 -16.97 -4.96
C GLN D 152 -24.52 -17.67 -4.29
N PHE D 153 -23.40 -17.80 -5.01
CA PHE D 153 -22.18 -18.32 -4.44
C PHE D 153 -21.82 -17.58 -3.14
N LEU D 154 -21.71 -16.25 -3.22
CA LEU D 154 -21.38 -15.44 -2.05
C LEU D 154 -22.41 -15.63 -0.93
N LYS D 155 -23.70 -15.69 -1.26
CA LYS D 155 -24.69 -15.88 -0.21
C LYS D 155 -24.48 -17.21 0.48
N SER D 156 -24.37 -18.30 -0.28
CA SER D 156 -24.17 -19.62 0.31
C SER D 156 -22.96 -19.63 1.24
N GLU D 157 -21.83 -19.07 0.79
CA GLU D 157 -20.61 -19.10 1.59
C GLU D 157 -20.81 -18.42 2.93
N PHE D 158 -21.34 -17.19 2.92
CA PHE D 158 -21.46 -16.50 4.20
C PHE D 158 -22.59 -17.05 5.06
N ILE D 159 -23.63 -17.64 4.48
CA ILE D 159 -24.58 -18.32 5.35
C ILE D 159 -23.93 -19.55 5.95
N ARG D 160 -23.17 -20.30 5.14
CA ARG D 160 -22.46 -21.47 5.66
C ARG D 160 -21.48 -21.07 6.77
N GLY D 161 -20.86 -19.89 6.67
CA GLY D 161 -20.05 -19.38 7.77
C GLY D 161 -20.83 -19.23 9.07
N MET D 162 -22.04 -18.68 8.98
CA MET D 162 -22.86 -18.54 10.18
C MET D 162 -23.21 -19.88 10.81
N LEU D 163 -23.28 -20.94 10.01
CA LEU D 163 -23.55 -22.26 10.55
C LEU D 163 -22.33 -22.83 11.27
N THR D 164 -21.15 -22.76 10.64
CA THR D 164 -19.97 -23.43 11.17
C THR D 164 -19.16 -22.55 12.12
N GLY D 165 -19.29 -21.22 12.01
CA GLY D 165 -18.66 -20.27 12.89
C GLY D 165 -17.57 -19.44 12.26
N THR D 166 -16.98 -19.89 11.16
CA THR D 166 -15.97 -19.12 10.45
C THR D 166 -16.23 -19.31 8.96
N ILE D 167 -15.77 -18.36 8.17
CA ILE D 167 -15.91 -18.31 6.74
C ILE D 167 -14.63 -18.78 6.02
N THR D 168 -14.71 -19.63 4.99
CA THR D 168 -13.49 -20.12 4.35
C THR D 168 -12.95 -19.17 3.27
N PHE D 173 -14.80 -12.49 -1.41
CA PHE D 173 -15.56 -11.27 -1.69
C PHE D 173 -14.82 -10.28 -2.63
N LYS D 174 -13.63 -9.84 -2.19
CA LYS D 174 -12.86 -8.90 -3.01
C LYS D 174 -12.57 -9.50 -4.38
N THR D 175 -12.26 -10.80 -4.43
CA THR D 175 -12.06 -11.48 -5.70
C THR D 175 -13.32 -11.47 -6.54
N SER D 176 -14.45 -11.88 -5.92
CA SER D 176 -15.66 -12.25 -6.64
C SER D 176 -16.63 -11.10 -6.91
N TRP D 177 -16.59 -10.03 -6.13
CA TRP D 177 -17.52 -8.92 -6.29
C TRP D 177 -17.25 -8.19 -7.59
N PRO D 178 -18.30 -7.66 -8.21
CA PRO D 178 -18.20 -6.96 -9.48
C PRO D 178 -17.70 -5.53 -9.37
N THR D 189 -25.61 0.18 -16.07
CA THR D 189 -26.93 -0.37 -15.80
C THR D 189 -27.26 -0.32 -14.30
N PRO D 190 -28.46 0.17 -13.97
CA PRO D 190 -28.93 0.13 -12.58
C PRO D 190 -29.24 -1.29 -12.16
N CYS D 191 -29.01 -1.57 -10.87
CA CYS D 191 -29.26 -2.92 -10.35
C CYS D 191 -30.74 -3.22 -10.16
N CYS D 192 -31.56 -2.21 -9.84
CA CYS D 192 -32.94 -2.45 -9.49
C CYS D 192 -33.77 -1.21 -9.78
N GLN D 193 -35.08 -1.31 -9.52
CA GLN D 193 -35.97 -0.18 -9.79
C GLN D 193 -35.63 1.03 -8.93
N ILE D 194 -35.01 0.82 -7.75
CA ILE D 194 -34.73 1.93 -6.84
C ILE D 194 -33.63 2.83 -7.40
N THR D 195 -32.57 2.24 -7.95
CA THR D 195 -31.50 3.03 -8.54
C THR D 195 -31.72 3.31 -10.02
N ASP D 196 -32.79 2.81 -10.62
CA ASP D 196 -33.16 3.26 -11.96
C ASP D 196 -33.99 4.52 -11.76
N THR D 197 -33.30 5.65 -11.71
CA THR D 197 -33.93 6.93 -11.44
C THR D 197 -34.76 7.49 -12.60
N THR D 198 -34.87 6.77 -13.73
CA THR D 198 -35.85 7.15 -14.75
C THR D 198 -37.26 6.64 -14.43
N THR D 199 -37.39 5.66 -13.51
CA THR D 199 -38.69 5.16 -13.09
C THR D 199 -39.25 6.01 -11.95
N ALA D 200 -40.55 5.89 -11.72
CA ALA D 200 -41.16 6.56 -10.58
C ALA D 200 -40.83 5.81 -9.30
N PRO D 201 -40.91 6.49 -8.15
CA PRO D 201 -40.65 5.80 -6.88
C PRO D 201 -41.76 4.79 -6.55
N ALA D 202 -41.39 3.64 -6.06
CA ALA D 202 -42.30 2.56 -5.87
C ALA D 202 -43.53 2.94 -5.11
N SER D 203 -44.66 2.50 -5.60
CA SER D 203 -45.89 2.77 -4.92
C SER D 203 -46.48 1.59 -4.20
N GLY D 204 -46.51 0.43 -4.80
CA GLY D 204 -47.10 -0.69 -4.15
C GLY D 204 -47.07 -1.97 -4.91
N ILE D 205 -47.80 -2.95 -4.42
CA ILE D 205 -47.89 -4.25 -5.07
C ILE D 205 -48.57 -4.13 -6.43
N PRO D 206 -48.43 -5.12 -7.33
CA PRO D 206 -49.03 -5.01 -8.66
C PRO D 206 -50.52 -4.72 -8.63
N GLU D 207 -51.10 -4.28 -9.74
CA GLU D 207 -52.54 -4.05 -9.75
C GLU D 207 -53.31 -5.32 -9.54
N LEU D 208 -52.96 -6.39 -10.21
CA LEU D 208 -53.71 -7.62 -9.95
C LEU D 208 -53.73 -7.95 -8.47
N ALA D 209 -52.61 -7.74 -7.78
CA ALA D 209 -52.59 -8.01 -6.35
C ALA D 209 -53.38 -6.95 -5.59
N ARG D 210 -53.32 -5.70 -6.04
CA ARG D 210 -54.11 -4.66 -5.37
C ARG D 210 -55.60 -5.00 -5.42
N ALA D 211 -56.08 -5.36 -6.63
CA ALA D 211 -57.47 -5.73 -6.81
C ALA D 211 -57.85 -6.91 -5.93
N THR D 212 -56.95 -7.88 -5.79
CA THR D 212 -57.30 -9.10 -5.08
C THR D 212 -57.28 -8.94 -3.57
N PHE D 213 -56.44 -8.07 -3.02
CA PHE D 213 -56.21 -8.10 -1.59
C PHE D 213 -56.56 -6.81 -0.87
N CYS D 214 -56.62 -5.70 -1.58
CA CYS D 214 -56.75 -4.40 -0.96
C CYS D 214 -58.21 -3.97 -0.89
N GLY D 215 -58.50 -3.09 0.08
CA GLY D 215 -59.83 -2.57 0.35
C GLY D 215 -60.24 -2.90 1.77
N ALA D 216 -60.82 -1.93 2.49
CA ALA D 216 -61.18 -2.17 3.88
C ALA D 216 -62.22 -3.25 4.01
N SER D 217 -62.98 -3.49 2.94
CA SER D 217 -64.00 -4.51 2.90
C SER D 217 -63.46 -5.88 3.26
N ARG D 218 -62.12 -6.08 3.19
CA ARG D 218 -61.53 -7.42 3.21
C ARG D 218 -61.29 -7.84 4.64
N PRO D 219 -61.73 -9.03 5.01
CA PRO D 219 -61.38 -9.56 6.32
C PRO D 219 -59.98 -10.10 6.31
N THR D 220 -59.36 -10.06 7.48
CA THR D 220 -58.02 -10.56 7.67
C THR D 220 -58.03 -11.99 8.18
N LYS D 221 -57.01 -12.74 7.77
CA LYS D 221 -56.75 -14.09 8.24
C LYS D 221 -56.19 -14.10 9.67
N PRO D 222 -56.16 -15.27 10.30
CA PRO D 222 -55.72 -15.34 11.70
C PRO D 222 -54.24 -14.97 11.91
N SER D 223 -53.99 -14.29 13.03
CA SER D 223 -52.62 -13.95 13.39
C SER D 223 -51.83 -15.19 13.71
N LEU D 224 -50.60 -15.25 13.21
CA LEU D 224 -49.71 -16.36 13.51
C LEU D 224 -48.92 -16.16 14.79
N LEU D 225 -49.09 -15.03 15.46
CA LEU D 225 -48.35 -14.80 16.71
C LEU D 225 -48.45 -15.92 17.73
N PRO D 226 -49.62 -16.51 18.01
CA PRO D 226 -49.64 -17.60 19.00
C PRO D 226 -48.72 -18.76 18.62
N ALA D 227 -48.72 -19.15 17.35
CA ALA D 227 -47.85 -20.25 16.91
C ALA D 227 -46.39 -19.91 17.16
N LEU D 228 -46.00 -18.68 16.83
CA LEU D 228 -44.66 -18.20 17.15
C LEU D 228 -44.39 -18.26 18.64
N ILE D 229 -45.28 -17.66 19.45
CA ILE D 229 -45.01 -17.57 20.88
C ILE D 229 -44.95 -18.95 21.53
N ASP D 230 -45.84 -19.86 21.11
CA ASP D 230 -45.85 -21.22 21.66
C ASP D 230 -44.56 -21.95 21.36
N ILE D 231 -44.22 -22.07 20.07
CA ILE D 231 -43.08 -22.88 19.65
C ILE D 231 -41.78 -22.35 20.23
N TRP D 232 -41.62 -21.02 20.27
CA TRP D 232 -40.32 -20.48 20.70
C TRP D 232 -40.17 -20.45 22.20
N SER D 233 -41.27 -20.37 22.96
CA SER D 233 -41.12 -20.46 24.41
C SER D 233 -40.93 -21.90 24.87
N THR D 234 -41.51 -22.87 24.17
CA THR D 234 -41.32 -24.24 24.61
C THR D 234 -39.94 -24.76 24.23
N SER D 235 -39.28 -24.18 23.23
CA SER D 235 -37.98 -24.72 22.80
C SER D 235 -36.86 -23.69 22.77
N SER D 236 -37.01 -22.54 23.43
CA SER D 236 -35.95 -21.51 23.47
C SER D 236 -36.23 -20.52 24.60
N GLU D 237 -35.29 -19.58 24.78
CA GLU D 237 -35.42 -18.52 25.77
C GLU D 237 -35.67 -17.16 25.17
N LEU D 238 -36.09 -17.10 23.91
CA LEU D 238 -36.21 -15.82 23.21
C LEU D 238 -37.22 -14.88 23.85
N LEU D 239 -38.14 -15.38 24.67
CA LEU D 239 -39.23 -14.51 25.18
C LEU D 239 -39.18 -13.92 26.59
N ASP D 240 -38.00 -13.85 27.19
CA ASP D 240 -37.89 -13.37 28.60
C ASP D 240 -37.30 -11.94 28.79
N PRO D 263 -49.41 -27.71 23.90
CA PRO D 263 -48.07 -27.39 23.38
C PRO D 263 -47.85 -27.90 21.96
N PHE D 264 -47.80 -26.99 20.97
CA PHE D 264 -47.70 -27.39 19.57
C PHE D 264 -46.52 -28.32 19.38
N PHE D 265 -45.42 -28.04 20.07
CA PHE D 265 -44.16 -28.70 19.79
C PHE D 265 -43.43 -29.09 21.06
N SER D 266 -43.00 -30.35 21.12
CA SER D 266 -42.20 -30.89 22.22
C SER D 266 -40.81 -31.24 21.69
N PRO D 267 -39.75 -30.61 22.17
CA PRO D 267 -38.40 -30.87 21.61
C PRO D 267 -37.81 -32.16 22.15
N PRO D 268 -37.02 -32.84 21.34
CA PRO D 268 -36.31 -34.04 21.83
C PRO D 268 -35.23 -33.69 22.85
N LEU D 269 -34.82 -34.71 23.59
CA LEU D 269 -33.63 -34.58 24.39
C LEU D 269 -32.41 -34.74 23.48
N GLN D 270 -31.24 -34.37 24.00
CA GLN D 270 -30.03 -34.21 23.21
C GLN D 270 -30.13 -33.09 22.18
N ALA D 271 -31.05 -32.14 22.38
CA ALA D 271 -31.17 -30.96 21.55
C ALA D 271 -31.03 -29.69 22.37
N ASP D 272 -30.48 -28.65 21.74
CA ASP D 272 -30.19 -27.35 22.36
C ASP D 272 -31.51 -26.60 22.42
N THR D 273 -32.21 -26.76 23.55
CA THR D 273 -33.50 -26.13 23.78
C THR D 273 -33.41 -24.67 24.29
N SER D 274 -32.28 -23.97 24.10
CA SER D 274 -32.23 -22.54 24.42
C SER D 274 -32.18 -21.66 23.18
N GLN D 275 -32.04 -22.25 21.99
CA GLN D 275 -31.86 -21.54 20.74
C GLN D 275 -33.00 -21.78 19.75
N GLY D 276 -34.01 -22.56 20.14
CA GLY D 276 -35.20 -22.70 19.32
C GLY D 276 -34.92 -23.34 17.97
N PRO D 277 -35.94 -23.42 17.12
CA PRO D 277 -35.77 -24.00 15.78
C PRO D 277 -35.05 -23.02 14.88
N CYS D 278 -33.91 -22.51 15.36
CA CYS D 278 -33.21 -21.42 14.72
C CYS D 278 -32.60 -21.81 13.38
N LEU D 279 -32.54 -23.10 13.06
CA LEU D 279 -32.06 -23.53 11.75
C LEU D 279 -33.10 -23.31 10.67
N MET D 280 -34.22 -22.65 11.01
CA MET D 280 -35.19 -22.17 10.04
C MET D 280 -35.16 -20.66 9.86
N HIS D 281 -34.28 -19.97 10.54
CA HIS D 281 -34.07 -18.53 10.59
C HIS D 281 -32.82 -18.20 9.77
N PRO D 282 -32.71 -17.00 9.20
CA PRO D 282 -31.52 -16.68 8.37
C PRO D 282 -30.17 -16.77 9.08
N THR D 283 -30.10 -16.51 10.39
CA THR D 283 -28.80 -16.47 11.05
C THR D 283 -28.36 -17.82 11.65
N LEU D 284 -29.20 -18.85 11.59
CA LEU D 284 -28.81 -20.21 11.96
C LEU D 284 -28.30 -20.30 13.41
N GLY D 285 -28.87 -19.50 14.29
CA GLY D 285 -28.50 -19.56 15.70
C GLY D 285 -29.15 -18.41 16.45
N LEU D 286 -29.16 -18.51 17.76
CA LEU D 286 -29.66 -17.46 18.59
C LEU D 286 -28.58 -16.99 19.54
N ARG D 287 -28.08 -15.80 19.35
CA ARG D 287 -27.02 -15.23 20.13
C ARG D 287 -27.45 -13.91 20.67
N TYR D 288 -26.95 -13.49 21.81
CA TYR D 288 -27.33 -12.22 22.40
C TYR D 288 -26.30 -11.17 22.52
N LYS D 289 -26.66 -9.93 22.37
CA LYS D 289 -25.77 -8.81 22.55
C LYS D 289 -26.54 -7.54 22.80
N ASN D 290 -26.19 -6.74 23.78
CA ASN D 290 -26.82 -5.47 24.04
C ASN D 290 -28.31 -5.46 24.10
N GLY D 291 -28.95 -6.39 24.72
CA GLY D 291 -30.40 -6.32 24.74
C GLY D 291 -31.08 -6.71 23.46
N THR D 292 -30.34 -7.22 22.49
CA THR D 292 -30.91 -7.76 21.27
C THR D 292 -30.48 -9.21 21.14
N ALA D 293 -31.06 -9.90 20.16
CA ALA D 293 -30.75 -11.29 19.88
C ALA D 293 -30.68 -11.47 18.37
N SER D 294 -29.98 -12.51 17.93
CA SER D 294 -29.84 -12.71 16.48
C SER D 294 -31.16 -13.07 15.82
N VAL D 295 -32.19 -13.45 16.58
CA VAL D 295 -33.53 -13.63 16.05
C VAL D 295 -34.33 -12.39 16.42
N CYS D 296 -34.70 -11.58 15.44
CA CYS D 296 -35.44 -10.37 15.72
C CYS D 296 -36.92 -10.66 15.83
N LEU D 297 -37.53 -10.26 16.95
CA LEU D 297 -38.94 -10.60 17.15
C LEU D 297 -39.86 -9.73 16.31
N LEU D 298 -39.48 -8.47 16.07
CA LEU D 298 -40.31 -7.60 15.26
C LEU D 298 -40.32 -8.02 13.81
N CYS D 299 -39.28 -8.68 13.32
CA CYS D 299 -39.33 -9.24 11.98
C CYS D 299 -40.27 -10.43 11.92
N GLU D 300 -40.34 -11.24 12.98
CA GLU D 300 -41.36 -12.27 13.04
C GLU D 300 -42.74 -11.65 12.93
N CYS D 301 -42.97 -10.55 13.66
CA CYS D 301 -44.27 -9.90 13.63
C CYS D 301 -44.61 -9.41 12.23
N LEU D 302 -43.61 -8.95 11.48
CA LEU D 302 -43.88 -8.49 10.13
C LEU D 302 -44.54 -9.59 9.29
N ALA D 303 -44.13 -10.83 9.51
CA ALA D 303 -44.69 -11.95 8.75
C ALA D 303 -45.81 -12.68 9.47
N ALA D 304 -45.97 -12.47 10.76
CA ALA D 304 -46.88 -13.27 11.56
C ALA D 304 -48.17 -12.55 11.92
N HIS D 305 -48.25 -11.24 11.68
CA HIS D 305 -49.37 -10.48 12.19
C HIS D 305 -49.78 -9.38 11.23
N PRO D 306 -51.09 -9.18 11.04
CA PRO D 306 -51.55 -8.33 9.92
C PRO D 306 -51.27 -6.85 10.09
N GLU D 307 -51.13 -6.34 11.31
CA GLU D 307 -50.92 -4.90 11.47
C GLU D 307 -49.51 -4.54 11.94
N ALA D 308 -48.57 -5.50 11.95
CA ALA D 308 -47.21 -5.14 12.36
C ALA D 308 -46.54 -4.22 11.35
N PRO D 309 -46.58 -4.48 10.03
CA PRO D 309 -45.93 -3.54 9.10
C PRO D 309 -46.34 -2.09 9.28
N LYS D 310 -47.64 -1.83 9.30
CA LYS D 310 -48.06 -0.45 9.41
C LYS D 310 -47.85 0.09 10.83
N ALA D 311 -47.96 -0.79 11.85
CA ALA D 311 -47.77 -0.36 13.23
C ALA D 311 -46.36 0.13 13.49
N LEU D 312 -45.37 -0.61 12.98
CA LEU D 312 -43.99 -0.24 13.20
C LEU D 312 -43.63 1.00 12.40
N GLN D 313 -44.15 1.12 11.18
CA GLN D 313 -43.91 2.36 10.43
C GLN D 313 -44.56 3.55 11.12
N THR D 314 -45.69 3.34 11.79
CA THR D 314 -46.28 4.44 12.54
C THR D 314 -45.47 4.73 13.80
N LEU D 315 -44.97 3.68 14.47
CA LEU D 315 -44.06 3.84 15.59
C LEU D 315 -42.79 4.58 15.17
N GLN D 316 -42.24 4.25 13.99
CA GLN D 316 -41.06 4.96 13.52
C GLN D 316 -41.31 6.45 13.41
N CYS D 317 -42.52 6.83 12.95
CA CYS D 317 -42.91 8.24 12.90
C CYS D 317 -43.06 8.81 14.30
N GLU D 318 -43.60 8.04 15.25
CA GLU D 318 -43.72 8.57 16.60
C GLU D 318 -42.34 8.81 17.19
N VAL D 319 -41.42 7.87 16.97
CA VAL D 319 -40.07 7.99 17.51
C VAL D 319 -39.36 9.20 16.91
N MET D 320 -39.49 9.40 15.59
CA MET D 320 -38.86 10.54 14.93
C MET D 320 -39.55 11.86 15.28
N GLY D 321 -40.89 11.90 15.24
CA GLY D 321 -41.62 13.15 15.20
C GLY D 321 -42.12 13.76 16.50
N HIS D 322 -42.35 12.94 17.54
CA HIS D 322 -42.99 13.45 18.76
C HIS D 322 -42.03 14.32 19.57
N ILE D 323 -40.85 13.79 19.91
CA ILE D 323 -39.82 14.60 20.56
C ILE D 323 -39.20 15.53 19.54
N GLU D 324 -39.00 16.78 19.94
CA GLU D 324 -38.50 17.80 19.03
C GLU D 324 -37.12 18.29 19.40
N ASN D 325 -36.54 17.77 20.50
CA ASN D 325 -35.15 17.98 20.87
C ASN D 325 -34.31 16.71 20.64
N ASN D 326 -33.03 16.82 20.99
CA ASN D 326 -31.99 15.84 20.75
C ASN D 326 -31.87 14.67 21.74
N VAL D 327 -32.96 13.97 22.00
CA VAL D 327 -32.96 12.78 22.82
C VAL D 327 -32.51 11.58 21.97
N LYS D 328 -31.71 10.67 22.49
CA LYS D 328 -31.23 9.55 21.69
C LYS D 328 -32.34 8.58 21.29
N LEU D 329 -32.16 7.90 20.17
CA LEU D 329 -33.20 7.04 19.62
C LEU D 329 -33.67 6.00 20.63
N VAL D 330 -32.76 5.47 21.47
CA VAL D 330 -33.23 4.44 22.41
C VAL D 330 -34.07 5.05 23.52
N ASP D 331 -33.81 6.31 23.89
CA ASP D 331 -34.66 6.99 24.87
C ASP D 331 -36.01 7.40 24.26
N ARG D 332 -36.02 7.90 23.02
CA ARG D 332 -37.27 8.23 22.35
C ARG D 332 -38.18 7.00 22.28
N ILE D 333 -37.60 5.85 21.95
CA ILE D 333 -38.37 4.62 21.93
C ILE D 333 -38.94 4.31 23.30
N ALA D 334 -38.13 4.48 24.35
CA ALA D 334 -38.63 4.23 25.69
C ALA D 334 -39.73 5.23 26.06
N PHE D 335 -39.56 6.49 25.68
CA PHE D 335 -40.57 7.51 25.99
C PHE D 335 -41.90 7.21 25.32
N VAL D 336 -41.88 6.84 24.03
CA VAL D 336 -43.12 6.53 23.33
C VAL D 336 -43.84 5.35 23.97
N LEU D 337 -43.09 4.32 24.33
CA LEU D 337 -43.66 3.07 24.82
C LEU D 337 -43.79 2.96 26.34
N ASP D 338 -43.36 3.95 27.13
CA ASP D 338 -43.65 3.91 28.56
C ASP D 338 -45.12 4.21 28.82
N ASN D 339 -45.69 5.09 27.99
CA ASN D 339 -47.05 5.54 28.16
C ASN D 339 -47.97 4.34 28.17
N PRO D 340 -48.91 4.31 29.10
CA PRO D 340 -49.78 3.15 29.24
C PRO D 340 -50.68 3.01 28.07
N PHE D 341 -50.91 4.08 27.35
CA PHE D 341 -51.79 4.07 26.20
C PHE D 341 -51.04 4.00 24.91
N ALA D 342 -49.85 3.46 24.96
CA ALA D 342 -48.97 3.42 23.80
C ALA D 342 -49.44 2.71 22.59
N MET D 343 -49.10 3.24 21.45
CA MET D 343 -49.50 2.57 20.21
C MET D 343 -50.99 2.25 20.10
N PRO D 344 -51.85 3.26 20.28
CA PRO D 344 -53.30 2.98 20.26
C PRO D 344 -53.80 2.54 18.89
N TYR D 345 -53.02 2.77 17.83
CA TYR D 345 -53.34 2.37 16.47
C TYR D 345 -53.30 0.86 16.27
N VAL D 346 -52.85 0.09 17.26
CA VAL D 346 -52.81 -1.36 17.16
C VAL D 346 -54.04 -1.89 17.89
N SER D 347 -54.90 -2.61 17.16
CA SER D 347 -56.10 -3.14 17.80
C SER D 347 -55.76 -4.38 18.63
N ASP D 348 -55.20 -5.41 17.98
CA ASP D 348 -54.80 -6.63 18.67
C ASP D 348 -53.89 -6.32 19.85
N PRO D 349 -54.36 -6.54 21.08
CA PRO D 349 -53.51 -6.25 22.24
C PRO D 349 -52.32 -7.19 22.41
N LEU D 350 -52.30 -8.36 21.77
CA LEU D 350 -51.13 -9.22 21.87
C LEU D 350 -49.93 -8.60 21.14
N LEU D 351 -50.13 -8.22 19.87
CA LEU D 351 -49.07 -7.56 19.13
C LEU D 351 -48.61 -6.32 19.86
N ARG D 352 -49.55 -5.53 20.36
CA ARG D 352 -49.21 -4.31 21.08
C ARG D 352 -48.35 -4.61 22.30
N GLU D 353 -48.72 -5.61 23.08
CA GLU D 353 -47.95 -5.95 24.28
C GLU D 353 -46.58 -6.54 23.93
N LEU D 354 -46.48 -7.29 22.84
CA LEU D 354 -45.18 -7.83 22.44
C LEU D 354 -44.22 -6.69 22.08
N ILE D 355 -44.66 -5.80 21.20
CA ILE D 355 -43.84 -4.66 20.77
C ILE D 355 -43.39 -3.85 21.98
N ARG D 356 -44.32 -3.56 22.90
CA ARG D 356 -43.99 -2.76 24.08
C ARG D 356 -43.11 -3.51 25.07
N GLY D 357 -43.08 -4.83 25.01
CA GLY D 357 -42.19 -5.60 25.85
C GLY D 357 -40.77 -5.72 25.33
N CYS D 358 -40.58 -5.50 24.02
CA CYS D 358 -39.24 -5.51 23.45
C CYS D 358 -38.38 -4.44 24.11
N THR D 359 -37.09 -4.72 24.19
CA THR D 359 -36.16 -3.75 24.72
C THR D 359 -35.99 -2.60 23.74
N PRO D 360 -35.61 -1.40 24.22
CA PRO D 360 -35.38 -0.28 23.28
C PRO D 360 -34.28 -0.58 22.28
N GLN D 361 -33.34 -1.46 22.62
CA GLN D 361 -32.34 -1.87 21.63
C GLN D 361 -32.98 -2.71 20.52
N GLU D 362 -33.86 -3.66 20.86
CA GLU D 362 -34.48 -4.46 19.80
C GLU D 362 -35.23 -3.57 18.84
N ILE D 363 -35.97 -2.58 19.37
CA ILE D 363 -36.71 -1.67 18.51
C ILE D 363 -35.77 -0.72 17.81
N HIS D 364 -34.74 -0.23 18.52
CA HIS D 364 -33.71 0.58 17.86
C HIS D 364 -33.07 -0.19 16.72
N LYS D 365 -32.63 -1.42 16.99
CA LYS D 365 -32.01 -2.25 15.98
C LYS D 365 -32.91 -2.46 14.79
N HIS D 366 -34.18 -2.72 15.05
CA HIS D 366 -35.07 -3.10 13.96
C HIS D 366 -35.47 -1.92 13.09
N LEU D 367 -35.79 -0.78 13.69
CA LEU D 367 -36.30 0.33 12.90
C LEU D 367 -35.19 1.20 12.30
N PHE D 368 -34.01 1.26 12.92
CA PHE D 368 -33.01 2.25 12.52
C PHE D 368 -31.63 1.69 12.20
N CYS D 369 -31.31 0.45 12.57
CA CYS D 369 -29.94 -0.07 12.45
C CYS D 369 -29.81 -1.31 11.57
N ASP D 370 -30.44 -2.44 11.89
CA ASP D 370 -30.04 -3.66 11.22
C ASP D 370 -30.45 -3.62 9.76
N PRO D 371 -29.54 -3.95 8.82
CA PRO D 371 -29.91 -3.88 7.40
C PRO D 371 -30.82 -5.02 6.96
N LEU D 372 -30.82 -6.18 7.63
CA LEU D 372 -31.79 -7.23 7.28
C LEU D 372 -33.19 -6.87 7.75
N CYS D 373 -33.32 -6.18 8.89
CA CYS D 373 -34.62 -5.68 9.32
C CYS D 373 -35.18 -4.67 8.33
N ALA D 374 -34.31 -3.82 7.78
CA ALA D 374 -34.73 -2.81 6.80
C ALA D 374 -35.21 -3.46 5.51
N LEU D 375 -34.50 -4.48 5.04
CA LEU D 375 -34.92 -5.17 3.83
C LEU D 375 -36.28 -5.82 4.05
N ASN D 376 -36.45 -6.47 5.20
CA ASN D 376 -37.69 -7.16 5.55
C ASN D 376 -38.87 -6.19 5.60
N ALA D 377 -38.70 -5.02 6.19
CA ALA D 377 -39.78 -4.04 6.16
C ALA D 377 -40.09 -3.57 4.73
N LYS D 378 -39.09 -3.52 3.85
CA LYS D 378 -39.33 -3.00 2.50
C LYS D 378 -40.02 -4.01 1.60
N VAL D 379 -39.83 -5.29 1.86
CA VAL D 379 -40.31 -6.35 0.98
C VAL D 379 -41.73 -6.78 1.30
N VAL D 380 -42.16 -6.64 2.56
CA VAL D 380 -43.41 -7.22 3.05
C VAL D 380 -44.62 -6.46 2.54
N SER D 381 -45.69 -7.20 2.22
CA SER D 381 -47.02 -6.64 1.97
C SER D 381 -48.02 -7.35 2.88
N GLU D 382 -48.48 -6.67 3.93
CA GLU D 382 -49.45 -7.25 4.86
C GLU D 382 -50.78 -7.55 4.17
N ASP D 383 -51.09 -6.86 3.07
CA ASP D 383 -52.31 -7.14 2.33
C ASP D 383 -52.23 -8.50 1.65
N VAL D 384 -51.18 -8.76 0.88
CA VAL D 384 -51.02 -10.08 0.25
C VAL D 384 -51.08 -11.17 1.31
N LEU D 385 -50.35 -10.98 2.40
CA LEU D 385 -50.16 -12.08 3.32
C LEU D 385 -51.44 -12.38 4.10
N PHE D 386 -52.22 -11.35 4.45
CA PHE D 386 -53.22 -11.51 5.50
C PHE D 386 -54.64 -11.13 5.12
N ARG D 387 -54.87 -10.45 4.02
CA ARG D 387 -56.23 -10.15 3.61
C ARG D 387 -56.80 -11.26 2.74
N LEU D 388 -58.09 -11.56 2.99
CA LEU D 388 -58.76 -12.65 2.29
C LEU D 388 -58.98 -12.24 0.84
N PRO D 389 -58.53 -13.02 -0.12
CA PRO D 389 -58.61 -12.58 -1.52
C PRO D 389 -60.03 -12.61 -2.04
N ARG D 390 -60.29 -11.69 -2.97
CA ARG D 390 -61.52 -11.72 -3.72
C ARG D 390 -61.35 -12.77 -4.80
N GLU D 391 -62.23 -13.78 -4.80
CA GLU D 391 -61.98 -14.96 -5.61
C GLU D 391 -62.05 -14.67 -7.12
N GLN D 392 -62.87 -13.73 -7.56
CA GLN D 392 -62.90 -13.46 -9.01
C GLN D 392 -61.57 -12.88 -9.49
N GLU D 393 -61.00 -11.93 -8.72
CA GLU D 393 -59.70 -11.36 -9.07
C GLU D 393 -58.56 -12.30 -8.72
N TYR D 394 -58.73 -13.06 -7.63
CA TYR D 394 -57.74 -14.06 -7.25
C TYR D 394 -57.52 -15.07 -8.36
N LYS D 395 -58.57 -15.41 -9.12
CA LYS D 395 -58.41 -16.32 -10.25
C LYS D 395 -57.53 -15.70 -11.32
N LYS D 396 -57.63 -14.38 -11.52
CA LYS D 396 -56.76 -13.74 -12.49
C LYS D 396 -55.33 -13.69 -11.98
N LEU D 397 -55.15 -13.45 -10.68
CA LEU D 397 -53.82 -13.46 -10.09
C LEU D 397 -53.14 -14.79 -10.35
N ARG D 398 -53.79 -15.89 -9.96
CA ARG D 398 -53.20 -17.22 -10.10
C ARG D 398 -52.83 -17.51 -11.54
N ALA D 399 -53.70 -17.16 -12.48
CA ALA D 399 -53.40 -17.37 -13.89
C ALA D 399 -52.14 -16.61 -14.28
N SER D 400 -52.02 -15.37 -13.80
CA SER D 400 -50.86 -14.56 -14.14
C SER D 400 -49.60 -15.16 -13.51
N ALA D 401 -49.70 -15.51 -12.22
CA ALA D 401 -48.55 -16.04 -11.48
C ALA D 401 -48.15 -17.42 -11.99
N ALA D 402 -49.12 -18.26 -12.35
CA ALA D 402 -48.76 -19.54 -12.95
C ALA D 402 -48.16 -19.38 -14.35
N ALA D 403 -48.60 -18.36 -15.12
CA ALA D 403 -47.97 -18.01 -16.39
C ALA D 403 -46.64 -17.28 -16.21
N GLY D 404 -46.22 -17.08 -14.96
CA GLY D 404 -44.95 -16.46 -14.64
C GLY D 404 -44.89 -14.95 -14.68
N GLN D 405 -46.02 -14.26 -14.90
CA GLN D 405 -45.92 -12.81 -15.11
C GLN D 405 -45.68 -12.03 -13.83
N LEU D 406 -46.12 -12.55 -12.67
CA LEU D 406 -46.01 -11.77 -11.45
C LEU D 406 -44.79 -12.13 -10.61
N LEU D 407 -43.94 -13.02 -11.10
CA LEU D 407 -42.83 -13.52 -10.29
C LEU D 407 -41.48 -13.05 -10.79
N ASP D 408 -41.51 -12.08 -11.70
CA ASP D 408 -40.28 -11.46 -12.19
C ASP D 408 -39.54 -10.65 -11.12
N ALA D 409 -40.30 -9.97 -10.26
CA ALA D 409 -39.74 -9.08 -9.25
C ALA D 409 -40.81 -8.62 -8.27
N ASN D 410 -40.41 -8.46 -7.01
CA ASN D 410 -41.23 -7.86 -5.99
C ASN D 410 -41.28 -6.38 -6.29
N THR D 411 -42.48 -5.82 -6.55
CA THR D 411 -42.52 -4.44 -6.99
C THR D 411 -42.31 -3.45 -5.86
N LEU D 412 -42.23 -3.90 -4.60
CA LEU D 412 -41.93 -2.99 -3.50
C LEU D 412 -40.43 -2.79 -3.31
N PHE D 413 -39.67 -3.87 -3.30
CA PHE D 413 -38.23 -3.85 -3.27
C PHE D 413 -37.66 -5.15 -3.80
N ASP D 414 -36.76 -5.14 -4.77
CA ASP D 414 -36.12 -6.37 -5.24
C ASP D 414 -34.74 -6.03 -5.80
N CYS D 415 -33.69 -6.44 -5.10
CA CYS D 415 -32.33 -6.18 -5.55
C CYS D 415 -31.43 -7.26 -4.97
N GLU D 416 -30.93 -8.16 -5.83
CA GLU D 416 -30.08 -9.25 -5.33
C GLU D 416 -28.74 -8.72 -4.83
N VAL D 417 -28.27 -7.59 -5.37
CA VAL D 417 -27.04 -6.97 -4.87
C VAL D 417 -27.20 -6.59 -3.41
N VAL D 418 -28.20 -5.76 -3.10
CA VAL D 418 -28.44 -5.38 -1.71
C VAL D 418 -28.77 -6.61 -0.87
N GLN D 419 -29.53 -7.56 -1.42
CA GLN D 419 -29.78 -8.78 -0.65
C GLN D 419 -28.46 -9.46 -0.30
N THR D 420 -27.55 -9.57 -1.27
CA THR D 420 -26.29 -10.28 -1.00
C THR D 420 -25.48 -9.56 0.05
N LEU D 421 -25.36 -8.23 -0.05
CA LEU D 421 -24.59 -7.50 0.95
C LEU D 421 -25.22 -7.62 2.34
N VAL D 422 -26.54 -7.70 2.42
CA VAL D 422 -27.15 -7.86 3.73
C VAL D 422 -26.74 -9.19 4.35
N PHE D 423 -26.68 -10.26 3.54
CA PHE D 423 -26.26 -11.56 4.06
C PHE D 423 -24.78 -11.62 4.39
N LEU D 424 -23.96 -10.92 3.60
CA LEU D 424 -22.55 -10.81 3.94
C LEU D 424 -22.37 -10.13 5.30
N PHE D 425 -23.08 -9.02 5.53
CA PHE D 425 -22.97 -8.30 6.80
C PHE D 425 -23.44 -9.14 7.98
N LYS D 426 -24.64 -9.73 7.89
CA LYS D 426 -25.06 -10.62 8.96
C LYS D 426 -24.03 -11.73 9.19
N GLY D 427 -23.29 -12.09 8.15
CA GLY D 427 -22.27 -13.12 8.29
C GLY D 427 -21.07 -12.66 9.07
N LEU D 428 -20.57 -11.46 8.79
CA LEU D 428 -19.43 -10.98 9.57
C LEU D 428 -19.83 -10.80 11.03
N GLN D 429 -21.11 -10.51 11.27
CA GLN D 429 -21.67 -10.29 12.60
C GLN D 429 -21.87 -11.57 13.40
N ASN D 430 -22.02 -12.72 12.73
CA ASN D 430 -22.33 -13.97 13.40
C ASN D 430 -21.27 -15.05 13.18
N ALA D 431 -20.09 -14.70 12.66
CA ALA D 431 -19.09 -15.69 12.30
C ALA D 431 -17.75 -14.99 12.12
N ARG D 432 -16.68 -15.77 12.24
CA ARG D 432 -15.33 -15.22 12.14
C ARG D 432 -15.03 -14.87 10.69
N VAL D 433 -14.69 -13.60 10.45
CA VAL D 433 -14.31 -13.12 9.12
C VAL D 433 -13.14 -12.16 9.30
N GLY D 434 -12.15 -12.28 8.42
CA GLY D 434 -10.95 -11.46 8.45
C GLY D 434 -11.23 -9.98 8.54
N LYS D 435 -10.32 -9.22 9.16
CA LYS D 435 -10.60 -7.80 9.36
C LYS D 435 -10.66 -7.08 8.04
N THR D 436 -9.82 -7.45 7.08
CA THR D 436 -9.81 -6.66 5.84
C THR D 436 -11.08 -6.90 5.03
N THR D 437 -11.50 -8.15 4.92
CA THR D 437 -12.74 -8.41 4.20
C THR D 437 -13.97 -7.97 4.98
N SER D 438 -13.89 -7.91 6.32
CA SER D 438 -15.03 -7.42 7.10
C SER D 438 -15.27 -5.94 6.86
N LEU D 439 -14.21 -5.14 6.87
CA LEU D 439 -14.35 -3.70 6.68
C LEU D 439 -14.62 -3.36 5.23
N ASP D 440 -14.32 -4.28 4.32
CA ASP D 440 -14.67 -4.13 2.90
C ASP D 440 -16.17 -4.27 2.68
N ILE D 441 -16.77 -5.27 3.32
CA ILE D 441 -18.22 -5.43 3.26
C ILE D 441 -18.91 -4.18 3.80
N ILE D 442 -18.48 -3.72 4.97
CA ILE D 442 -19.10 -2.57 5.61
C ILE D 442 -19.06 -1.33 4.73
N ARG D 443 -17.93 -1.09 4.05
CA ARG D 443 -17.87 0.12 3.21
C ARG D 443 -18.71 -0.04 1.94
N GLU D 444 -18.72 -1.21 1.33
CA GLU D 444 -19.60 -1.39 0.16
C GLU D 444 -21.07 -1.37 0.56
N LEU D 445 -21.40 -1.94 1.71
CA LEU D 445 -22.78 -1.93 2.17
C LEU D 445 -23.25 -0.52 2.51
N THR D 446 -22.39 0.29 3.10
CA THR D 446 -22.79 1.68 3.36
C THR D 446 -23.04 2.43 2.06
N ALA D 447 -22.19 2.23 1.06
CA ALA D 447 -22.37 2.89 -0.23
C ALA D 447 -23.70 2.51 -0.85
N GLN D 448 -24.02 1.21 -0.86
CA GLN D 448 -25.28 0.79 -1.46
C GLN D 448 -26.48 1.25 -0.65
N LEU D 449 -26.39 1.23 0.68
CA LEU D 449 -27.49 1.75 1.48
C LEU D 449 -27.87 3.16 1.08
N LYS D 450 -26.88 4.03 0.84
CA LYS D 450 -27.19 5.41 0.47
C LYS D 450 -27.75 5.47 -0.95
N ARG D 451 -27.16 4.68 -1.85
CA ARG D 451 -27.59 4.63 -3.24
C ARG D 451 -29.03 4.14 -3.38
N HIS D 452 -29.52 3.34 -2.42
CA HIS D 452 -30.89 2.83 -2.46
C HIS D 452 -31.81 3.61 -1.53
N ARG D 453 -31.37 4.77 -1.02
CA ARG D 453 -32.17 5.63 -0.16
C ARG D 453 -32.71 4.90 1.08
N LEU D 454 -31.86 4.08 1.70
CA LEU D 454 -32.15 3.42 2.97
C LEU D 454 -31.38 4.13 4.08
N ASP D 455 -32.09 4.70 5.04
CA ASP D 455 -31.49 5.50 6.09
C ASP D 455 -31.30 4.60 7.29
N LEU D 456 -30.08 4.15 7.48
CA LEU D 456 -29.77 3.36 8.65
C LEU D 456 -28.60 4.03 9.36
N ALA D 457 -28.40 3.68 10.64
CA ALA D 457 -27.14 4.01 11.27
C ALA D 457 -26.02 3.32 10.51
N HIS D 458 -24.79 3.79 10.75
CA HIS D 458 -23.67 3.28 10.00
C HIS D 458 -23.42 1.82 10.35
N PRO D 459 -23.23 0.94 9.38
CA PRO D 459 -23.08 -0.50 9.71
C PRO D 459 -21.98 -0.80 10.70
N SER D 460 -20.89 -0.03 10.73
CA SER D 460 -19.85 -0.30 11.74
C SER D 460 -20.39 -0.05 13.13
N GLN D 461 -21.15 1.03 13.30
CA GLN D 461 -21.84 1.24 14.57
C GLN D 461 -22.77 0.07 14.87
N THR D 462 -23.55 -0.38 13.88
CA THR D 462 -24.48 -1.48 14.11
C THR D 462 -23.74 -2.75 14.47
N SER D 463 -22.66 -3.06 13.76
CA SER D 463 -21.93 -4.28 14.07
C SER D 463 -21.32 -4.22 15.45
N HIS D 464 -20.87 -3.04 15.89
CA HIS D 464 -20.36 -2.94 17.25
C HIS D 464 -21.47 -3.19 18.25
N LEU D 465 -22.67 -2.62 18.00
CA LEU D 465 -23.70 -2.56 19.02
C LEU D 465 -24.48 -3.89 19.21
N TYR D 466 -24.95 -4.51 18.11
CA TYR D 466 -26.06 -5.47 18.21
C TYR D 466 -25.73 -6.82 17.56
N ALA D 467 -26.59 -7.80 17.88
CA ALA D 467 -26.54 -9.15 17.33
C ALA D 467 -27.34 -9.26 16.04
N PHE E 2 -3.45 -40.43 -46.57
CA PHE E 2 -3.24 -40.58 -45.15
C PHE E 2 -4.13 -39.67 -44.35
N VAL E 3 -4.92 -40.19 -43.42
CA VAL E 3 -5.78 -39.29 -42.72
C VAL E 3 -5.68 -39.53 -41.24
N PRO E 4 -5.58 -38.46 -40.46
CA PRO E 4 -5.49 -38.44 -39.01
C PRO E 4 -6.79 -38.77 -38.34
N TRP E 5 -6.73 -39.09 -37.08
CA TRP E 5 -7.89 -39.43 -36.28
C TRP E 5 -8.63 -40.64 -36.80
N GLN E 6 -7.90 -41.70 -37.07
CA GLN E 6 -8.50 -42.96 -37.51
C GLN E 6 -8.24 -44.06 -36.47
N LEU E 7 -9.31 -44.54 -35.84
CA LEU E 7 -9.13 -45.54 -34.79
C LEU E 7 -8.22 -46.68 -35.25
N GLY E 8 -8.32 -47.06 -36.52
CA GLY E 8 -7.44 -48.11 -37.03
C GLY E 8 -5.97 -47.81 -36.84
N THR E 9 -5.56 -46.54 -37.03
CA THR E 9 -4.16 -46.18 -36.85
C THR E 9 -3.70 -46.43 -35.41
N ILE E 10 -4.60 -46.24 -34.46
CA ILE E 10 -4.28 -46.51 -33.06
C ILE E 10 -4.04 -48.00 -32.83
N THR E 11 -4.96 -48.85 -33.30
CA THR E 11 -4.79 -50.30 -33.11
C THR E 11 -3.55 -50.83 -33.82
N ARG E 12 -3.22 -50.27 -34.99
CA ARG E 12 -2.04 -50.75 -35.72
C ARG E 12 -0.76 -50.60 -34.89
N HIS E 13 -0.65 -49.52 -34.11
CA HIS E 13 0.54 -49.25 -33.33
C HIS E 13 0.35 -49.50 -31.83
N ARG E 14 -0.62 -50.35 -31.48
CA ARG E 14 -0.85 -50.73 -30.08
C ARG E 14 0.44 -51.10 -29.36
N ASP E 15 1.44 -51.63 -30.09
CA ASP E 15 2.69 -51.98 -29.46
C ASP E 15 3.45 -50.73 -29.02
N GLU E 16 3.69 -49.80 -29.95
CA GLU E 16 4.41 -48.55 -29.64
C GLU E 16 3.64 -47.68 -28.66
N LEU E 17 2.35 -47.57 -28.80
CA LEU E 17 1.60 -46.78 -27.87
C LEU E 17 1.63 -47.30 -26.47
N GLN E 18 1.77 -48.60 -26.35
CA GLN E 18 1.84 -49.29 -25.09
C GLN E 18 3.04 -48.75 -24.35
N LYS E 19 4.13 -48.52 -25.07
CA LYS E 19 5.33 -47.96 -24.51
C LYS E 19 5.07 -46.51 -24.10
N LEU E 20 4.25 -45.80 -24.89
CA LEU E 20 3.86 -44.43 -24.55
C LEU E 20 2.90 -44.42 -23.37
N LEU E 21 1.88 -45.26 -23.37
CA LEU E 21 0.94 -45.29 -22.26
C LEU E 21 1.60 -45.70 -20.94
N ALA E 22 2.52 -46.66 -20.97
CA ALA E 22 3.18 -47.05 -19.72
C ALA E 22 4.00 -45.90 -19.16
N ALA E 23 4.72 -45.21 -20.05
CA ALA E 23 5.57 -44.06 -19.79
C ALA E 23 4.79 -42.77 -19.46
N SER E 24 3.47 -42.82 -19.39
CA SER E 24 2.67 -41.64 -19.11
C SER E 24 1.88 -41.80 -17.83
N LEU E 25 2.21 -42.79 -17.03
CA LEU E 25 1.62 -43.04 -15.73
C LEU E 25 2.52 -42.49 -14.63
N LEU E 26 1.90 -42.11 -13.51
CA LEU E 26 2.67 -41.58 -12.41
C LEU E 26 3.26 -42.72 -11.58
N PRO E 27 4.35 -42.47 -10.85
CA PRO E 27 4.90 -43.51 -9.98
C PRO E 27 3.94 -43.86 -8.87
N GLU E 28 3.93 -45.15 -8.51
CA GLU E 28 2.99 -45.62 -7.49
C GLU E 28 3.30 -44.97 -6.14
N HIS E 29 4.56 -44.99 -5.73
CA HIS E 29 5.01 -44.48 -4.44
C HIS E 29 6.19 -43.54 -4.67
N PRO E 30 5.94 -42.28 -5.05
CA PRO E 30 7.06 -41.38 -5.40
C PRO E 30 7.99 -41.11 -4.23
N GLU E 31 7.47 -41.11 -3.01
CA GLU E 31 8.24 -40.76 -1.82
C GLU E 31 9.31 -41.79 -1.46
N GLU E 32 9.28 -43.00 -2.04
CA GLU E 32 10.20 -44.06 -1.64
C GLU E 32 11.41 -44.18 -2.56
N SER E 33 11.49 -43.40 -3.63
CA SER E 33 12.68 -43.33 -4.47
C SER E 33 13.15 -41.88 -4.56
N LEU E 34 14.47 -41.71 -4.70
CA LEU E 34 15.06 -40.38 -4.81
C LEU E 34 14.73 -39.73 -6.14
N GLY E 35 14.46 -40.53 -7.17
CA GLY E 35 14.11 -39.98 -8.46
C GLY E 35 13.48 -41.07 -9.27
N ASN E 36 13.13 -40.70 -10.50
CA ASN E 36 12.48 -41.57 -11.43
C ASN E 36 12.79 -41.03 -12.82
N PRO E 37 13.31 -41.84 -13.74
CA PRO E 37 13.72 -41.31 -15.05
C PRO E 37 12.58 -40.71 -15.88
N ILE E 38 11.36 -41.21 -15.73
CA ILE E 38 10.23 -40.65 -16.47
C ILE E 38 9.96 -39.22 -16.01
N MET E 39 9.79 -39.01 -14.71
CA MET E 39 9.57 -37.66 -14.19
C MET E 39 10.73 -36.73 -14.49
N THR E 40 11.95 -37.26 -14.54
CA THR E 40 13.10 -36.40 -14.81
C THR E 40 13.08 -35.86 -16.23
N GLN E 41 12.65 -36.68 -17.19
CA GLN E 41 12.61 -36.25 -18.59
C GLN E 41 11.41 -35.35 -18.85
N ILE E 42 10.24 -35.68 -18.31
CA ILE E 42 9.10 -34.79 -18.46
C ILE E 42 9.42 -33.44 -17.88
N HIS E 43 9.97 -33.44 -16.67
CA HIS E 43 10.36 -32.18 -16.04
C HIS E 43 11.37 -31.44 -16.89
N GLN E 44 12.25 -32.15 -17.59
CA GLN E 44 13.20 -31.47 -18.44
C GLN E 44 12.56 -30.86 -19.67
N SER E 45 11.51 -31.52 -20.19
CA SER E 45 10.86 -30.98 -21.38
C SER E 45 10.19 -29.65 -21.08
N LEU E 46 9.83 -29.43 -19.81
CA LEU E 46 9.16 -28.22 -19.36
C LEU E 46 10.16 -27.16 -18.88
N GLN E 47 11.42 -27.28 -19.24
CA GLN E 47 12.22 -26.13 -18.88
C GLN E 47 12.40 -25.23 -20.09
N PRO E 48 12.30 -23.92 -19.91
CA PRO E 48 12.05 -23.04 -21.06
C PRO E 48 13.11 -23.08 -22.13
N SER E 49 14.36 -23.39 -21.78
CA SER E 49 15.42 -23.38 -22.78
C SER E 49 15.80 -24.79 -23.20
N SER E 50 14.96 -25.80 -22.91
CA SER E 50 15.19 -27.12 -23.43
C SER E 50 14.75 -27.20 -24.89
N PRO E 51 15.40 -28.01 -25.70
CA PRO E 51 14.95 -28.18 -27.08
C PRO E 51 13.60 -28.87 -27.10
N CYS E 52 12.88 -28.69 -28.21
CA CYS E 52 11.64 -29.45 -28.42
C CYS E 52 11.98 -30.82 -29.00
N ARG E 53 11.72 -31.87 -28.24
CA ARG E 53 12.11 -33.19 -28.69
C ARG E 53 11.47 -33.56 -30.02
N VAL E 54 10.23 -33.14 -30.29
CA VAL E 54 9.64 -33.44 -31.58
C VAL E 54 10.26 -32.57 -32.68
N CYS E 55 10.46 -31.28 -32.43
CA CYS E 55 11.17 -30.48 -33.43
C CYS E 55 12.54 -31.06 -33.71
N GLN E 56 13.21 -31.65 -32.69
CA GLN E 56 14.54 -32.20 -32.91
C GLN E 56 14.50 -33.52 -33.67
N LEU E 57 13.50 -34.37 -33.37
CA LEU E 57 13.28 -35.59 -34.15
C LEU E 57 13.11 -35.26 -35.63
N LEU E 58 12.24 -34.29 -35.93
CA LEU E 58 11.94 -33.94 -37.32
C LEU E 58 13.18 -33.40 -38.02
N PHE E 59 13.93 -32.51 -37.39
CA PHE E 59 15.11 -31.99 -38.09
C PHE E 59 16.10 -33.12 -38.35
N SER E 60 16.18 -34.09 -37.44
CA SER E 60 17.00 -35.27 -37.64
C SER E 60 16.68 -35.98 -38.96
N LEU E 61 15.42 -36.01 -39.36
CA LEU E 61 15.01 -36.71 -40.56
C LEU E 61 15.18 -35.86 -41.84
N VAL E 62 15.58 -34.61 -41.73
CA VAL E 62 15.52 -33.75 -42.93
C VAL E 62 16.81 -33.09 -43.29
N ARG E 63 17.88 -33.75 -42.91
CA ARG E 63 19.19 -33.24 -43.21
C ARG E 63 20.00 -34.30 -43.91
N PRO E 68 11.39 -36.42 -49.03
CA PRO E 68 10.33 -36.90 -49.90
C PRO E 68 9.32 -35.82 -50.13
N MET E 69 8.10 -36.21 -50.45
CA MET E 69 7.02 -35.26 -50.66
C MET E 69 5.84 -35.71 -49.86
N GLY E 70 5.74 -37.02 -49.71
CA GLY E 70 4.65 -37.64 -48.99
C GLY E 70 4.81 -37.35 -47.55
N PHE E 71 6.00 -36.93 -47.16
CA PHE E 71 6.15 -36.54 -45.82
C PHE E 71 5.75 -35.07 -45.51
N PHE E 72 6.17 -34.05 -46.25
CA PHE E 72 5.71 -32.76 -45.74
C PHE E 72 4.21 -32.62 -45.85
N GLU E 73 3.59 -33.31 -46.80
CA GLU E 73 2.15 -33.20 -46.99
C GLU E 73 1.38 -34.06 -45.97
N ASP E 74 1.92 -35.20 -45.53
CA ASP E 74 1.22 -35.95 -44.49
C ASP E 74 1.43 -35.30 -43.12
N TYR E 75 2.66 -34.84 -42.83
CA TYR E 75 2.88 -34.16 -41.55
C TYR E 75 2.04 -32.91 -41.42
N ALA E 76 1.96 -32.10 -42.49
CA ALA E 76 1.13 -30.91 -42.41
C ALA E 76 -0.34 -31.26 -42.22
N CYS E 77 -0.76 -32.47 -42.56
CA CYS E 77 -2.14 -32.85 -42.25
C CYS E 77 -2.34 -33.01 -40.76
N LEU E 78 -1.42 -33.74 -40.11
CA LEU E 78 -1.44 -33.91 -38.66
C LEU E 78 -1.43 -32.56 -37.96
N CYS E 79 -0.54 -31.65 -38.38
CA CYS E 79 -0.53 -30.32 -37.79
C CYS E 79 -1.88 -29.64 -37.93
N PHE E 80 -2.47 -29.66 -39.14
CA PHE E 80 -3.77 -29.04 -39.34
C PHE E 80 -4.83 -29.68 -38.44
N PHE E 81 -4.80 -31.00 -38.31
CA PHE E 81 -5.79 -31.66 -37.46
C PHE E 81 -5.60 -31.26 -36.01
N CYS E 82 -4.34 -31.20 -35.55
CA CYS E 82 -4.06 -30.80 -34.17
C CYS E 82 -4.51 -29.37 -33.89
N LEU E 83 -4.21 -28.46 -34.81
CA LEU E 83 -4.65 -27.07 -34.73
C LEU E 83 -6.15 -26.94 -34.53
N TYR E 84 -6.94 -27.89 -35.02
CA TYR E 84 -8.39 -27.85 -34.89
C TYR E 84 -8.88 -28.89 -33.92
N ALA E 85 -8.01 -29.27 -32.99
CA ALA E 85 -8.36 -30.26 -31.98
C ALA E 85 -8.26 -29.65 -30.59
N PRO E 86 -9.11 -30.08 -29.65
CA PRO E 86 -9.00 -29.62 -28.28
C PRO E 86 -7.73 -30.19 -27.66
N HIS E 87 -7.44 -29.73 -26.46
CA HIS E 87 -6.30 -30.09 -25.70
C HIS E 87 -6.78 -31.13 -24.76
N CYS E 88 -6.27 -32.32 -24.86
CA CYS E 88 -6.71 -33.38 -23.96
C CYS E 88 -5.86 -34.63 -24.20
N TRP E 89 -6.24 -35.73 -23.53
CA TRP E 89 -5.53 -36.98 -23.71
C TRP E 89 -5.76 -37.55 -25.10
N THR E 90 -7.03 -37.59 -25.54
CA THR E 90 -7.33 -38.24 -26.81
C THR E 90 -6.56 -37.60 -27.94
N SER E 91 -6.40 -36.29 -27.94
CA SER E 91 -5.65 -35.66 -29.00
C SER E 91 -4.17 -36.03 -28.95
N THR E 92 -3.63 -36.26 -27.74
CA THR E 92 -2.23 -36.68 -27.65
C THR E 92 -2.06 -38.12 -28.10
N MET E 93 -3.00 -39.00 -27.71
CA MET E 93 -2.99 -40.38 -28.18
C MET E 93 -3.02 -40.42 -29.70
N ALA E 94 -3.99 -39.72 -30.30
CA ALA E 94 -4.13 -39.69 -31.74
C ALA E 94 -2.90 -39.10 -32.40
N ALA E 95 -2.43 -37.96 -31.92
CA ALA E 95 -1.23 -37.40 -32.52
C ALA E 95 -0.06 -38.35 -32.35
N ALA E 96 -0.02 -39.10 -31.25
CA ALA E 96 1.03 -40.09 -31.09
C ALA E 96 0.93 -41.16 -32.16
N ALA E 97 -0.27 -41.77 -32.29
CA ALA E 97 -0.49 -42.79 -33.29
C ALA E 97 -0.18 -42.26 -34.69
N ASP E 98 -0.71 -41.09 -35.02
CA ASP E 98 -0.51 -40.60 -36.39
C ASP E 98 0.93 -40.24 -36.65
N LEU E 99 1.70 -39.92 -35.61
CA LEU E 99 3.13 -39.68 -35.82
C LEU E 99 3.87 -41.00 -36.03
N CYS E 100 3.49 -42.05 -35.30
CA CYS E 100 3.99 -43.38 -35.65
C CYS E 100 3.79 -43.62 -37.13
N GLU E 101 2.53 -43.55 -37.59
CA GLU E 101 2.18 -43.89 -38.96
C GLU E 101 2.97 -43.05 -39.97
N ILE E 102 3.08 -41.75 -39.75
CA ILE E 102 3.86 -40.93 -40.68
C ILE E 102 5.30 -41.41 -40.69
N MET E 103 5.79 -41.92 -39.55
CA MET E 103 7.18 -42.36 -39.52
C MET E 103 7.35 -43.74 -40.14
N HIS E 104 6.40 -44.65 -39.91
CA HIS E 104 6.46 -45.96 -40.56
C HIS E 104 6.20 -45.85 -42.05
N LEU E 105 5.41 -44.85 -42.47
CA LEU E 105 5.14 -44.69 -43.89
C LEU E 105 6.38 -44.18 -44.62
N HIS E 106 6.87 -43.01 -44.19
CA HIS E 106 7.99 -42.34 -44.84
C HIS E 106 9.42 -42.67 -44.41
N PHE E 107 9.54 -43.30 -43.23
CA PHE E 107 10.84 -43.70 -42.70
C PHE E 107 10.80 -45.09 -42.05
N PRO E 108 10.66 -46.14 -42.87
CA PRO E 108 10.62 -47.49 -42.28
C PRO E 108 12.00 -48.02 -41.89
N GLU E 109 13.04 -47.45 -42.46
CA GLU E 109 14.40 -47.94 -42.27
C GLU E 109 15.13 -47.25 -41.11
N GLU E 110 14.61 -46.12 -40.64
CA GLU E 110 15.25 -45.29 -39.63
C GLU E 110 15.05 -45.85 -38.23
N GLU E 111 16.13 -45.81 -37.43
CA GLU E 111 16.08 -46.36 -36.08
C GLU E 111 15.19 -45.50 -35.17
N ALA E 112 15.10 -44.18 -35.43
CA ALA E 112 14.20 -43.29 -34.71
C ALA E 112 12.73 -43.70 -34.83
N THR E 113 12.39 -44.51 -35.84
CA THR E 113 11.02 -44.90 -36.13
C THR E 113 10.51 -46.02 -35.22
N TYR E 114 11.40 -46.81 -34.63
CA TYR E 114 11.01 -47.91 -33.77
C TYR E 114 11.47 -47.63 -32.34
N GLY E 115 10.62 -47.96 -31.37
CA GLY E 115 10.88 -47.51 -30.02
C GLY E 115 10.79 -45.99 -30.00
N LEU E 116 9.72 -45.47 -30.63
CA LEU E 116 9.55 -44.03 -30.76
C LEU E 116 9.18 -43.37 -29.43
N PHE E 117 8.41 -44.05 -28.58
CA PHE E 117 7.93 -43.47 -27.35
C PHE E 117 8.58 -44.17 -26.17
N GLY E 118 8.55 -43.48 -25.03
CA GLY E 118 9.10 -44.04 -23.82
C GLY E 118 10.29 -43.26 -23.31
N PRO E 119 10.96 -43.81 -22.29
CA PRO E 119 12.08 -43.10 -21.66
C PRO E 119 13.28 -43.02 -22.58
N GLY E 120 13.74 -41.80 -22.80
CA GLY E 120 14.85 -41.50 -23.66
C GLY E 120 14.47 -41.11 -25.06
N ARG E 121 13.22 -41.31 -25.36
CA ARG E 121 12.68 -40.96 -26.64
C ARG E 121 11.52 -40.00 -26.39
N LEU E 122 10.53 -39.96 -27.25
CA LEU E 122 9.43 -39.06 -27.01
C LEU E 122 8.54 -39.46 -25.91
N MET E 123 8.04 -38.49 -25.18
CA MET E 123 7.11 -38.72 -24.10
C MET E 123 5.84 -37.95 -24.34
N GLY E 124 4.79 -38.31 -23.58
CA GLY E 124 3.52 -37.63 -23.76
C GLY E 124 3.64 -36.12 -23.75
N ILE E 125 4.40 -35.58 -22.78
CA ILE E 125 4.53 -34.11 -22.65
C ILE E 125 5.18 -33.51 -23.88
N ASP E 126 6.03 -34.26 -24.57
CA ASP E 126 6.69 -33.74 -25.76
C ASP E 126 5.69 -33.57 -26.89
N LEU E 127 4.74 -34.50 -27.02
CA LEU E 127 3.66 -34.34 -27.98
C LEU E 127 2.82 -33.13 -27.61
N GLN E 128 2.41 -33.03 -26.35
CA GLN E 128 1.61 -31.89 -25.90
C GLN E 128 2.30 -30.57 -26.23
N LEU E 129 3.59 -30.47 -25.94
CA LEU E 129 4.27 -29.19 -26.15
C LEU E 129 4.31 -28.82 -27.64
N HIS E 130 4.63 -29.78 -28.50
CA HIS E 130 4.87 -29.48 -29.92
C HIS E 130 3.56 -29.20 -30.66
N PHE E 131 2.54 -30.03 -30.45
CA PHE E 131 1.34 -29.94 -31.27
C PHE E 131 0.23 -29.08 -30.66
N PHE E 132 0.21 -28.88 -29.33
CA PHE E 132 -0.93 -28.22 -28.69
C PHE E 132 -0.59 -27.03 -27.80
N VAL E 133 0.40 -27.16 -26.91
CA VAL E 133 0.72 -26.06 -26.00
C VAL E 133 1.44 -24.96 -26.76
N GLN E 134 2.57 -25.29 -27.39
CA GLN E 134 3.39 -24.29 -28.07
C GLN E 134 3.09 -24.19 -29.56
N LYS E 135 2.52 -25.22 -30.18
CA LYS E 135 2.18 -25.20 -31.62
C LYS E 135 3.36 -24.84 -32.53
N CYS E 136 4.42 -25.63 -32.48
CA CYS E 136 5.66 -25.31 -33.21
C CYS E 136 5.43 -25.20 -34.70
N PHE E 137 4.35 -25.82 -35.20
CA PHE E 137 4.08 -25.99 -36.62
C PHE E 137 3.44 -24.78 -37.26
N LYS E 138 2.89 -23.87 -36.46
CA LYS E 138 2.26 -22.68 -37.01
C LYS E 138 3.29 -21.85 -37.76
N THR E 139 2.86 -21.29 -38.89
CA THR E 139 3.69 -20.33 -39.62
C THR E 139 3.51 -18.97 -38.96
N THR E 140 4.59 -18.43 -38.37
CA THR E 140 4.53 -17.16 -37.66
C THR E 140 5.64 -16.26 -38.17
N ALA E 141 5.34 -14.96 -38.26
CA ALA E 141 6.32 -13.99 -38.72
C ALA E 141 7.48 -13.86 -37.73
N ALA E 142 8.64 -13.50 -38.26
CA ALA E 142 9.84 -13.41 -37.44
C ALA E 142 9.68 -12.45 -36.25
N GLU E 143 9.06 -11.29 -36.49
CA GLU E 143 8.90 -10.23 -35.49
C GLU E 143 7.98 -10.61 -34.35
N LYS E 144 7.23 -11.70 -34.49
CA LYS E 144 6.37 -12.25 -33.46
C LYS E 144 7.10 -13.28 -32.58
N ILE E 145 8.37 -13.58 -32.87
CA ILE E 145 9.05 -14.70 -32.23
C ILE E 145 9.41 -14.37 -30.78
N LEU E 146 10.05 -13.22 -30.54
CA LEU E 146 10.39 -12.87 -29.16
C LEU E 146 9.16 -12.81 -28.28
N GLY E 147 8.14 -12.06 -28.72
CA GLY E 147 6.91 -11.98 -27.97
C GLY E 147 6.35 -13.35 -27.64
N ILE E 148 6.30 -14.23 -28.62
CA ILE E 148 5.77 -15.57 -28.34
C ILE E 148 6.60 -16.26 -27.26
N SER E 149 7.93 -16.09 -27.30
CA SER E 149 8.77 -16.81 -26.32
C SER E 149 8.47 -16.38 -24.88
N ASN E 150 8.14 -15.10 -24.69
CA ASN E 150 7.74 -14.67 -23.34
C ASN E 150 6.53 -15.47 -22.88
N LEU E 151 5.50 -15.57 -23.72
CA LEU E 151 4.33 -16.36 -23.35
C LEU E 151 4.66 -17.85 -23.21
N GLN E 152 5.54 -18.37 -24.06
CA GLN E 152 5.88 -19.79 -23.89
C GLN E 152 6.61 -20.04 -22.59
N PHE E 153 7.50 -19.12 -22.21
CA PHE E 153 8.15 -19.20 -20.91
C PHE E 153 7.12 -19.38 -19.78
N LEU E 154 6.14 -18.46 -19.70
CA LEU E 154 5.12 -18.56 -18.67
C LEU E 154 4.39 -19.91 -18.70
N LYS E 155 4.03 -20.37 -19.90
CA LYS E 155 3.32 -21.64 -20.00
C LYS E 155 4.15 -22.78 -19.43
N SER E 156 5.41 -22.87 -19.86
CA SER E 156 6.30 -23.93 -19.35
C SER E 156 6.37 -23.91 -17.82
N GLU E 157 6.51 -22.71 -17.22
CA GLU E 157 6.65 -22.64 -15.76
C GLU E 157 5.43 -23.20 -15.07
N PHE E 158 4.23 -22.75 -15.46
CA PHE E 158 3.06 -23.18 -14.74
C PHE E 158 2.68 -24.59 -15.08
N ILE E 159 2.98 -25.07 -16.29
CA ILE E 159 2.74 -26.47 -16.55
C ILE E 159 3.69 -27.33 -15.73
N ARG E 160 4.97 -26.91 -15.63
CA ARG E 160 5.91 -27.63 -14.79
C ARG E 160 5.47 -27.61 -13.34
N GLY E 161 4.87 -26.50 -12.91
CA GLY E 161 4.32 -26.44 -11.57
C GLY E 161 3.30 -27.53 -11.32
N MET E 162 2.44 -27.79 -12.29
CA MET E 162 1.47 -28.86 -12.12
C MET E 162 2.14 -30.21 -12.00
N LEU E 163 3.28 -30.39 -12.65
CA LEU E 163 3.98 -31.67 -12.54
C LEU E 163 4.58 -31.83 -11.15
N THR E 164 5.30 -30.81 -10.67
CA THR E 164 6.08 -30.96 -9.45
C THR E 164 5.24 -30.65 -8.22
N GLY E 165 4.22 -29.83 -8.37
CA GLY E 165 3.30 -29.54 -7.29
C GLY E 165 3.36 -28.12 -6.79
N THR E 166 4.45 -27.38 -7.03
CA THR E 166 4.52 -25.99 -6.58
C THR E 166 5.19 -25.12 -7.64
N ILE E 167 4.87 -23.82 -7.59
CA ILE E 167 5.38 -22.82 -8.52
C ILE E 167 6.51 -22.01 -7.87
N THR E 168 7.50 -21.64 -8.68
CA THR E 168 8.53 -20.67 -8.27
C THR E 168 8.01 -19.22 -8.39
N PHE E 173 5.25 -13.53 -13.18
CA PHE E 173 4.01 -13.06 -13.82
C PHE E 173 3.76 -11.54 -13.69
N LYS E 174 3.75 -11.01 -12.46
CA LYS E 174 3.51 -9.58 -12.28
C LYS E 174 4.55 -8.75 -13.03
N THR E 175 5.82 -9.16 -12.94
CA THR E 175 6.87 -8.50 -13.73
C THR E 175 6.70 -8.81 -15.21
N SER E 176 6.31 -10.05 -15.54
CA SER E 176 6.41 -10.61 -16.89
C SER E 176 5.25 -10.22 -17.82
N TRP E 177 4.10 -9.79 -17.28
CA TRP E 177 2.94 -9.63 -18.15
C TRP E 177 3.00 -8.34 -18.96
N THR E 189 -0.44 -3.96 -31.14
CA THR E 189 -1.06 -5.09 -31.84
C THR E 189 -2.12 -5.75 -30.96
N PRO E 190 -3.32 -5.95 -31.52
CA PRO E 190 -4.33 -6.74 -30.81
C PRO E 190 -3.89 -8.18 -30.73
N CYS E 191 -4.29 -8.85 -29.65
CA CYS E 191 -3.76 -10.19 -29.37
C CYS E 191 -4.18 -11.20 -30.42
N CYS E 192 -5.40 -11.10 -30.95
CA CYS E 192 -5.90 -12.10 -31.87
C CYS E 192 -6.95 -11.47 -32.79
N GLN E 193 -7.69 -12.34 -33.49
CA GLN E 193 -8.66 -11.84 -34.46
C GLN E 193 -9.91 -11.30 -33.78
N ILE E 194 -10.24 -11.80 -32.59
CA ILE E 194 -11.43 -11.31 -31.89
C ILE E 194 -11.25 -9.88 -31.44
N THR E 195 -10.17 -9.61 -30.70
CA THR E 195 -9.81 -8.29 -30.25
C THR E 195 -9.40 -7.38 -31.39
N ASP E 196 -9.43 -7.87 -32.61
CA ASP E 196 -9.03 -7.07 -33.76
C ASP E 196 -10.27 -6.41 -34.36
N THR E 197 -10.33 -5.08 -34.24
CA THR E 197 -11.44 -4.29 -34.77
C THR E 197 -11.37 -4.10 -36.28
N THR E 198 -10.20 -4.33 -36.89
CA THR E 198 -10.11 -4.26 -38.35
C THR E 198 -10.82 -5.44 -39.03
N THR E 199 -10.66 -6.65 -38.49
CA THR E 199 -10.87 -7.88 -39.24
C THR E 199 -12.34 -8.09 -39.63
N ALA E 200 -12.51 -8.91 -40.67
CA ALA E 200 -13.79 -9.52 -40.98
C ALA E 200 -14.07 -10.67 -40.01
N PRO E 201 -15.32 -10.80 -39.53
CA PRO E 201 -15.61 -11.81 -38.50
C PRO E 201 -15.38 -13.23 -38.98
N ALA E 202 -15.10 -14.12 -38.02
CA ALA E 202 -14.74 -15.49 -38.35
C ALA E 202 -15.88 -16.20 -39.06
N SER E 203 -15.62 -16.66 -40.30
CA SER E 203 -16.63 -17.43 -41.01
C SER E 203 -16.81 -18.81 -40.39
N GLY E 204 -15.70 -19.48 -40.08
CA GLY E 204 -15.68 -20.90 -39.75
C GLY E 204 -14.31 -21.46 -40.07
N ILE E 205 -14.24 -22.74 -40.39
CA ILE E 205 -12.96 -23.28 -40.78
C ILE E 205 -12.66 -22.70 -42.15
N PRO E 206 -11.39 -22.61 -42.51
CA PRO E 206 -11.07 -21.96 -43.80
C PRO E 206 -11.79 -22.66 -44.94
N GLU E 207 -11.82 -21.99 -46.10
CA GLU E 207 -12.64 -22.49 -47.21
C GLU E 207 -12.22 -23.89 -47.66
N LEU E 208 -10.92 -24.11 -47.89
CA LEU E 208 -10.45 -25.41 -48.37
C LEU E 208 -10.82 -26.53 -47.41
N ALA E 209 -10.81 -26.24 -46.11
CA ALA E 209 -11.21 -27.26 -45.13
C ALA E 209 -12.72 -27.50 -45.18
N ARG E 210 -13.50 -26.43 -45.36
CA ARG E 210 -14.96 -26.58 -45.45
C ARG E 210 -15.35 -27.39 -46.68
N ALA E 211 -14.68 -27.14 -47.81
CA ALA E 211 -14.90 -27.93 -49.02
C ALA E 211 -14.61 -29.42 -48.78
N THR E 212 -13.56 -29.71 -48.00
CA THR E 212 -13.04 -31.08 -47.87
C THR E 212 -13.80 -31.94 -46.87
N PHE E 213 -14.36 -31.36 -45.81
CA PHE E 213 -14.88 -32.14 -44.69
C PHE E 213 -16.36 -31.94 -44.45
N CYS E 214 -16.93 -30.83 -44.91
CA CYS E 214 -18.28 -30.40 -44.58
C CYS E 214 -19.29 -30.91 -45.61
N GLY E 215 -20.53 -30.96 -45.19
CA GLY E 215 -21.58 -31.42 -46.07
C GLY E 215 -22.27 -32.65 -45.51
N ALA E 216 -23.59 -32.74 -45.69
CA ALA E 216 -24.32 -33.91 -45.22
C ALA E 216 -23.83 -35.18 -45.90
N SER E 217 -23.13 -35.04 -47.03
CA SER E 217 -22.61 -36.16 -47.81
C SER E 217 -21.74 -37.15 -47.00
N ARG E 218 -21.16 -36.72 -45.86
CA ARG E 218 -20.01 -37.47 -45.36
C ARG E 218 -20.35 -38.51 -44.30
N PRO E 219 -19.78 -39.72 -44.43
CA PRO E 219 -19.77 -40.67 -43.31
C PRO E 219 -18.70 -40.32 -42.29
N THR E 220 -18.86 -40.86 -41.08
CA THR E 220 -17.95 -40.59 -39.98
C THR E 220 -16.78 -41.57 -39.97
N LYS E 221 -15.62 -41.07 -39.52
CA LYS E 221 -14.52 -41.97 -39.21
C LYS E 221 -14.90 -42.67 -37.92
N PRO E 222 -14.24 -43.78 -37.58
CA PRO E 222 -14.65 -44.48 -36.36
C PRO E 222 -14.39 -43.64 -35.09
N SER E 223 -15.33 -43.75 -34.15
CA SER E 223 -15.24 -43.07 -32.86
C SER E 223 -14.13 -43.63 -31.99
N LEU E 224 -13.39 -42.74 -31.33
CA LEU E 224 -12.30 -43.09 -30.42
C LEU E 224 -12.78 -43.39 -29.00
N LEU E 225 -14.08 -43.22 -28.73
CA LEU E 225 -14.64 -43.55 -27.41
C LEU E 225 -14.31 -44.94 -26.89
N PRO E 226 -14.33 -46.03 -27.69
CA PRO E 226 -14.00 -47.34 -27.10
C PRO E 226 -12.58 -47.41 -26.58
N ALA E 227 -11.61 -46.92 -27.36
CA ALA E 227 -10.21 -46.93 -26.93
C ALA E 227 -10.03 -46.14 -25.65
N LEU E 228 -10.62 -44.94 -25.61
CA LEU E 228 -10.54 -44.10 -24.41
C LEU E 228 -11.04 -44.85 -23.19
N ILE E 229 -12.23 -45.42 -23.27
CA ILE E 229 -12.82 -46.09 -22.10
C ILE E 229 -11.98 -47.31 -21.69
N ASP E 230 -11.43 -48.04 -22.67
CA ASP E 230 -10.59 -49.19 -22.35
C ASP E 230 -9.37 -48.77 -21.55
N ILE E 231 -8.58 -47.85 -22.12
CA ILE E 231 -7.31 -47.45 -21.54
C ILE E 231 -7.50 -46.87 -20.14
N TRP E 232 -8.52 -46.03 -19.97
CA TRP E 232 -8.68 -45.32 -18.71
C TRP E 232 -9.37 -46.14 -17.62
N SER E 233 -10.17 -47.13 -17.98
CA SER E 233 -10.70 -48.05 -16.96
C SER E 233 -9.67 -49.10 -16.55
N THR E 234 -8.74 -49.42 -17.44
CA THR E 234 -7.67 -50.36 -17.15
C THR E 234 -6.59 -49.76 -16.26
N SER E 235 -6.37 -48.44 -16.33
CA SER E 235 -5.25 -47.83 -15.65
C SER E 235 -5.64 -46.69 -14.72
N SER E 236 -6.92 -46.57 -14.38
CA SER E 236 -7.37 -45.51 -13.47
C SER E 236 -8.75 -45.82 -12.96
N GLU E 237 -9.23 -44.94 -12.08
CA GLU E 237 -10.59 -45.04 -11.55
C GLU E 237 -11.47 -43.90 -12.08
N LEU E 238 -11.11 -43.30 -13.21
CA LEU E 238 -11.86 -42.16 -13.74
C LEU E 238 -13.32 -42.49 -14.02
N LEU E 239 -13.57 -43.72 -14.37
CA LEU E 239 -14.87 -44.11 -14.78
C LEU E 239 -15.64 -44.88 -13.75
N ASP E 240 -15.43 -44.63 -12.49
CA ASP E 240 -16.20 -45.32 -11.50
C ASP E 240 -16.84 -44.20 -10.76
N PRO E 263 -7.78 -56.17 -24.13
CA PRO E 263 -7.18 -55.13 -23.26
C PRO E 263 -6.02 -54.39 -23.93
N PHE E 264 -6.28 -53.20 -24.45
CA PHE E 264 -5.29 -52.41 -25.18
C PHE E 264 -4.07 -51.98 -24.38
N PHE E 265 -4.28 -51.55 -23.15
CA PHE E 265 -3.17 -51.10 -22.33
C PHE E 265 -2.98 -51.89 -21.04
N SER E 266 -1.77 -52.37 -20.81
CA SER E 266 -1.45 -53.10 -19.59
C SER E 266 -0.41 -52.26 -18.86
N PRO E 267 -0.73 -51.87 -17.61
CA PRO E 267 0.20 -51.04 -16.87
C PRO E 267 1.13 -51.90 -16.03
N PRO E 268 2.36 -51.47 -15.80
CA PRO E 268 3.25 -52.15 -14.84
C PRO E 268 2.83 -51.91 -13.40
N LEU E 269 3.30 -52.77 -12.48
CA LEU E 269 3.24 -52.36 -11.08
C LEU E 269 4.44 -51.44 -10.79
N GLN E 270 4.42 -50.82 -9.61
CA GLN E 270 5.24 -49.64 -9.35
C GLN E 270 4.81 -48.52 -10.27
N ALA E 271 3.57 -48.62 -10.79
CA ALA E 271 2.90 -47.56 -11.54
C ALA E 271 1.60 -47.23 -10.82
N ASP E 272 1.21 -45.96 -10.89
CA ASP E 272 0.00 -45.45 -10.23
C ASP E 272 -1.22 -45.71 -11.10
N THR E 273 -1.87 -46.85 -10.89
CA THR E 273 -3.09 -47.21 -11.61
C THR E 273 -4.35 -46.58 -11.01
N SER E 274 -4.21 -45.48 -10.28
CA SER E 274 -5.39 -44.76 -9.84
C SER E 274 -5.59 -43.47 -10.61
N GLN E 275 -4.59 -43.04 -11.38
CA GLN E 275 -4.57 -41.76 -12.08
C GLN E 275 -4.40 -41.87 -13.58
N GLY E 276 -4.34 -43.07 -14.15
CA GLY E 276 -4.34 -43.22 -15.59
C GLY E 276 -3.13 -42.61 -16.27
N PRO E 277 -3.10 -42.63 -17.64
CA PRO E 277 -1.99 -42.05 -18.41
C PRO E 277 -2.06 -40.52 -18.44
N CYS E 278 -2.20 -39.92 -17.26
CA CYS E 278 -2.44 -38.49 -17.19
C CYS E 278 -1.26 -37.65 -17.61
N LEU E 279 -0.07 -38.22 -17.77
CA LEU E 279 1.05 -37.40 -18.24
C LEU E 279 0.95 -37.07 -19.72
N MET E 280 -0.15 -37.47 -20.35
CA MET E 280 -0.53 -37.11 -21.71
C MET E 280 -1.65 -36.06 -21.74
N HIS E 281 -2.12 -35.62 -20.58
CA HIS E 281 -3.19 -34.68 -20.35
C HIS E 281 -2.61 -33.31 -19.96
N PRO E 282 -3.29 -32.18 -20.21
CA PRO E 282 -2.69 -30.88 -19.86
C PRO E 282 -2.43 -30.68 -18.38
N THR E 283 -3.24 -31.24 -17.49
CA THR E 283 -3.08 -30.97 -16.07
C THR E 283 -2.13 -31.96 -15.36
N LEU E 284 -1.65 -32.97 -16.07
CA LEU E 284 -0.61 -33.88 -15.58
C LEU E 284 -1.00 -34.64 -14.32
N GLY E 285 -2.28 -34.95 -14.15
CA GLY E 285 -2.69 -35.69 -12.95
C GLY E 285 -4.19 -35.83 -12.93
N LEU E 286 -4.66 -36.68 -12.02
CA LEU E 286 -6.07 -36.96 -11.83
C LEU E 286 -6.42 -36.69 -10.37
N ARG E 287 -7.07 -35.55 -10.14
CA ARG E 287 -7.50 -35.11 -8.81
C ARG E 287 -9.01 -34.88 -8.81
N TYR E 288 -9.67 -35.24 -7.74
CA TYR E 288 -11.09 -35.12 -7.58
C TYR E 288 -11.58 -34.07 -6.63
N LYS E 289 -12.57 -33.30 -7.01
CA LYS E 289 -13.16 -32.34 -6.15
C LYS E 289 -14.57 -32.05 -6.59
N ASN E 290 -15.54 -32.02 -5.69
CA ASN E 290 -16.92 -31.66 -5.95
C ASN E 290 -17.58 -32.40 -7.05
N GLY E 291 -17.36 -33.65 -7.17
CA GLY E 291 -17.99 -34.36 -8.25
C GLY E 291 -17.38 -34.09 -9.61
N THR E 292 -16.25 -33.39 -9.67
CA THR E 292 -15.51 -33.27 -10.91
C THR E 292 -14.13 -33.87 -10.66
N ALA E 293 -13.37 -34.00 -11.75
CA ALA E 293 -12.01 -34.53 -11.71
C ALA E 293 -11.15 -33.66 -12.60
N SER E 294 -9.84 -33.69 -12.38
CA SER E 294 -8.99 -32.81 -13.16
C SER E 294 -8.89 -33.23 -14.62
N VAL E 295 -9.28 -34.45 -14.97
CA VAL E 295 -9.37 -34.89 -16.36
C VAL E 295 -10.83 -34.75 -16.76
N CYS E 296 -11.13 -33.83 -17.67
CA CYS E 296 -12.52 -33.59 -18.02
C CYS E 296 -12.97 -34.59 -19.08
N LEU E 297 -14.02 -35.35 -18.78
CA LEU E 297 -14.42 -36.41 -19.69
C LEU E 297 -15.14 -35.87 -20.91
N LEU E 298 -15.91 -34.80 -20.77
CA LEU E 298 -16.58 -34.21 -21.91
C LEU E 298 -15.61 -33.50 -22.85
N CYS E 299 -14.47 -33.02 -22.35
CA CYS E 299 -13.44 -32.51 -23.28
C CYS E 299 -12.79 -33.66 -24.04
N GLU E 300 -12.66 -34.83 -23.40
CA GLU E 300 -12.27 -36.04 -24.12
C GLU E 300 -13.26 -36.35 -25.22
N CYS E 301 -14.56 -36.21 -24.95
CA CYS E 301 -15.57 -36.49 -25.97
C CYS E 301 -15.44 -35.54 -27.15
N LEU E 302 -15.08 -34.28 -26.91
CA LEU E 302 -14.94 -33.33 -28.01
C LEU E 302 -13.94 -33.83 -29.04
N ALA E 303 -12.88 -34.51 -28.62
CA ALA E 303 -11.87 -35.00 -29.55
C ALA E 303 -12.03 -36.47 -29.94
N ALA E 304 -12.86 -37.24 -29.22
CA ALA E 304 -12.95 -38.68 -29.41
C ALA E 304 -14.20 -39.15 -30.14
N HIS E 305 -15.19 -38.28 -30.38
CA HIS E 305 -16.51 -38.66 -30.92
C HIS E 305 -17.05 -37.56 -31.84
N PRO E 306 -17.71 -37.94 -32.95
CA PRO E 306 -17.98 -36.94 -34.00
C PRO E 306 -19.09 -35.93 -33.69
N GLU E 307 -20.09 -36.29 -32.88
CA GLU E 307 -21.20 -35.40 -32.61
C GLU E 307 -21.14 -34.80 -31.20
N ALA E 308 -20.01 -34.93 -30.51
CA ALA E 308 -19.93 -34.31 -29.18
C ALA E 308 -19.90 -32.79 -29.25
N PRO E 309 -19.11 -32.14 -30.12
CA PRO E 309 -19.15 -30.66 -30.14
C PRO E 309 -20.55 -30.08 -30.17
N LYS E 310 -21.38 -30.48 -31.12
CA LYS E 310 -22.73 -29.96 -31.19
C LYS E 310 -23.69 -30.60 -30.19
N ALA E 311 -23.48 -31.85 -29.80
CA ALA E 311 -24.37 -32.43 -28.79
C ALA E 311 -24.31 -31.61 -27.50
N LEU E 312 -23.11 -31.13 -27.15
CA LEU E 312 -22.95 -30.29 -25.97
C LEU E 312 -23.48 -28.89 -26.19
N GLN E 313 -23.21 -28.31 -27.37
CA GLN E 313 -23.70 -26.96 -27.68
C GLN E 313 -25.22 -26.90 -27.61
N THR E 314 -25.90 -27.97 -28.03
CA THR E 314 -27.36 -28.04 -27.88
C THR E 314 -27.75 -28.28 -26.44
N LEU E 315 -26.97 -29.10 -25.71
CA LEU E 315 -27.24 -29.28 -24.29
C LEU E 315 -27.15 -27.96 -23.56
N GLN E 316 -26.14 -27.15 -23.88
CA GLN E 316 -26.04 -25.85 -23.27
C GLN E 316 -27.26 -25.01 -23.60
N CYS E 317 -27.71 -25.07 -24.84
CA CYS E 317 -28.90 -24.34 -25.25
C CYS E 317 -30.14 -24.83 -24.51
N GLU E 318 -30.26 -26.14 -24.33
CA GLU E 318 -31.41 -26.69 -23.61
C GLU E 318 -31.38 -26.25 -22.16
N VAL E 319 -30.19 -26.26 -21.56
CA VAL E 319 -30.06 -25.89 -20.15
C VAL E 319 -30.42 -24.42 -19.94
N MET E 320 -29.92 -23.53 -20.81
CA MET E 320 -30.23 -22.11 -20.70
C MET E 320 -31.69 -21.82 -21.02
N GLY E 321 -32.23 -22.46 -22.07
CA GLY E 321 -33.48 -22.03 -22.66
C GLY E 321 -34.79 -22.69 -22.22
N HIS E 322 -34.74 -23.95 -21.77
CA HIS E 322 -35.98 -24.67 -21.52
C HIS E 322 -36.65 -24.20 -20.24
N ILE E 323 -35.91 -24.22 -19.13
CA ILE E 323 -36.39 -23.68 -17.87
C ILE E 323 -36.35 -22.15 -17.97
N GLU E 324 -37.41 -21.47 -17.55
CA GLU E 324 -37.48 -20.03 -17.72
C GLU E 324 -37.48 -19.28 -16.40
N ASN E 325 -37.41 -19.99 -15.25
CA ASN E 325 -37.23 -19.44 -13.92
C ASN E 325 -35.78 -19.54 -13.42
N ASN E 326 -35.62 -19.14 -12.17
CA ASN E 326 -34.32 -19.10 -11.51
C ASN E 326 -33.84 -20.39 -10.87
N VAL E 327 -33.87 -21.46 -11.65
CA VAL E 327 -33.26 -22.73 -11.24
C VAL E 327 -31.77 -22.64 -11.49
N LYS E 328 -30.97 -23.06 -10.51
CA LYS E 328 -29.52 -22.96 -10.67
C LYS E 328 -29.03 -23.98 -11.68
N LEU E 329 -27.88 -23.68 -12.30
CA LEU E 329 -27.40 -24.43 -13.44
C LEU E 329 -27.24 -25.93 -13.17
N VAL E 330 -26.85 -26.34 -11.96
CA VAL E 330 -26.68 -27.79 -11.78
C VAL E 330 -28.04 -28.48 -11.69
N ASP E 331 -29.08 -27.76 -11.22
CA ASP E 331 -30.43 -28.32 -11.22
C ASP E 331 -31.01 -28.38 -12.63
N ARG E 332 -30.78 -27.34 -13.43
CA ARG E 332 -31.22 -27.35 -14.82
C ARG E 332 -30.64 -28.53 -15.57
N ILE E 333 -29.36 -28.81 -15.35
CA ILE E 333 -28.73 -29.97 -15.97
C ILE E 333 -29.35 -31.26 -15.49
N ALA E 334 -29.59 -31.36 -14.19
CA ALA E 334 -30.25 -32.57 -13.72
C ALA E 334 -31.63 -32.72 -14.33
N PHE E 335 -32.39 -31.61 -14.45
CA PHE E 335 -33.73 -31.67 -15.01
C PHE E 335 -33.71 -32.12 -16.47
N VAL E 336 -32.81 -31.54 -17.27
CA VAL E 336 -32.73 -31.91 -18.68
C VAL E 336 -32.37 -33.38 -18.84
N LEU E 337 -31.40 -33.86 -18.07
CA LEU E 337 -30.90 -35.21 -18.21
C LEU E 337 -31.62 -36.21 -17.29
N ASP E 338 -32.58 -35.75 -16.47
CA ASP E 338 -33.40 -36.68 -15.71
C ASP E 338 -34.23 -37.52 -16.65
N ASN E 339 -34.72 -36.86 -17.69
CA ASN E 339 -35.65 -37.44 -18.66
C ASN E 339 -35.10 -38.71 -19.27
N PRO E 340 -35.98 -39.70 -19.42
CA PRO E 340 -35.53 -41.02 -19.90
C PRO E 340 -35.16 -41.03 -21.38
N PHE E 341 -35.71 -40.11 -22.19
CA PHE E 341 -35.26 -40.04 -23.57
C PHE E 341 -34.13 -39.04 -23.77
N ALA E 342 -33.46 -38.61 -22.69
CA ALA E 342 -32.77 -37.31 -22.69
C ALA E 342 -31.86 -37.16 -23.90
N MET E 343 -31.79 -35.93 -24.44
CA MET E 343 -30.92 -35.59 -25.57
C MET E 343 -31.06 -36.44 -26.85
N PRO E 344 -32.26 -36.45 -27.48
CA PRO E 344 -32.41 -37.33 -28.65
C PRO E 344 -31.55 -36.93 -29.83
N TYR E 345 -31.04 -35.72 -29.84
CA TYR E 345 -30.26 -35.27 -30.97
C TYR E 345 -28.95 -36.02 -31.15
N VAL E 346 -28.56 -36.78 -30.16
CA VAL E 346 -27.32 -37.52 -30.25
C VAL E 346 -27.65 -38.93 -30.73
N SER E 347 -27.04 -39.31 -31.85
CA SER E 347 -27.34 -40.59 -32.47
C SER E 347 -26.73 -41.74 -31.69
N ASP E 348 -25.39 -41.79 -31.59
CA ASP E 348 -24.67 -42.86 -30.91
C ASP E 348 -25.15 -43.03 -29.46
N PRO E 349 -25.78 -44.16 -29.14
CA PRO E 349 -26.31 -44.34 -27.78
C PRO E 349 -25.23 -44.40 -26.72
N LEU E 350 -23.98 -44.69 -27.10
CA LEU E 350 -22.90 -44.69 -26.12
C LEU E 350 -22.60 -43.29 -25.62
N LEU E 351 -22.38 -42.35 -26.53
CA LEU E 351 -22.15 -40.98 -26.09
C LEU E 351 -23.32 -40.48 -25.27
N ARG E 352 -24.55 -40.78 -25.70
CA ARG E 352 -25.70 -40.41 -24.88
C ARG E 352 -25.59 -41.00 -23.49
N GLU E 353 -25.17 -42.26 -23.40
CA GLU E 353 -25.10 -42.92 -22.10
C GLU E 353 -24.04 -42.26 -21.23
N LEU E 354 -22.94 -41.82 -21.86
CA LEU E 354 -21.85 -41.19 -21.14
C LEU E 354 -22.26 -39.82 -20.59
N ILE E 355 -22.73 -38.92 -21.46
CA ILE E 355 -23.13 -37.59 -21.02
C ILE E 355 -24.17 -37.68 -19.90
N ARG E 356 -25.17 -38.55 -20.07
CA ARG E 356 -26.18 -38.67 -19.02
C ARG E 356 -25.61 -39.25 -17.74
N GLY E 357 -24.48 -39.95 -17.84
CA GLY E 357 -23.85 -40.46 -16.65
C GLY E 357 -23.00 -39.46 -15.91
N CYS E 358 -22.56 -38.40 -16.57
CA CYS E 358 -21.80 -37.36 -15.90
C CYS E 358 -22.61 -36.73 -14.78
N THR E 359 -21.90 -36.28 -13.74
CA THR E 359 -22.52 -35.56 -12.64
C THR E 359 -22.94 -34.17 -13.14
N PRO E 360 -23.93 -33.55 -12.51
CA PRO E 360 -24.25 -32.18 -12.93
C PRO E 360 -23.06 -31.24 -12.74
N GLN E 361 -22.18 -31.54 -11.78
CA GLN E 361 -20.98 -30.72 -11.58
C GLN E 361 -20.01 -30.86 -12.73
N GLU E 362 -19.81 -32.08 -13.26
CA GLU E 362 -18.94 -32.24 -14.42
C GLU E 362 -19.46 -31.44 -15.60
N ILE E 363 -20.77 -31.51 -15.83
CA ILE E 363 -21.37 -30.80 -16.95
C ILE E 363 -21.41 -29.30 -16.69
N HIS E 364 -21.72 -28.90 -15.45
CA HIS E 364 -21.64 -27.49 -15.11
C HIS E 364 -20.21 -26.97 -15.32
N LYS E 365 -19.22 -27.69 -14.79
CA LYS E 365 -17.84 -27.23 -14.94
C LYS E 365 -17.49 -27.03 -16.41
N HIS E 366 -17.87 -28.00 -17.27
CA HIS E 366 -17.40 -28.01 -18.65
C HIS E 366 -18.09 -26.95 -19.49
N LEU E 367 -19.40 -26.76 -19.33
CA LEU E 367 -20.12 -25.84 -20.20
C LEU E 367 -20.07 -24.40 -19.72
N PHE E 368 -19.93 -24.15 -18.42
CA PHE E 368 -20.11 -22.80 -17.89
C PHE E 368 -18.98 -22.25 -17.03
N CYS E 369 -18.06 -23.07 -16.53
CA CYS E 369 -17.08 -22.60 -15.55
C CYS E 369 -15.64 -22.69 -16.04
N ASP E 370 -15.15 -23.86 -16.41
CA ASP E 370 -13.71 -24.02 -16.57
C ASP E 370 -13.24 -23.27 -17.81
N PRO E 371 -12.19 -22.45 -17.72
CA PRO E 371 -11.77 -21.71 -18.91
C PRO E 371 -11.08 -22.59 -19.94
N LEU E 372 -10.46 -23.70 -19.54
CA LEU E 372 -9.84 -24.59 -20.53
C LEU E 372 -10.90 -25.36 -21.30
N CYS E 373 -11.98 -25.77 -20.63
CA CYS E 373 -13.09 -26.37 -21.36
C CYS E 373 -13.65 -25.38 -22.36
N ALA E 374 -13.76 -24.11 -21.95
CA ALA E 374 -14.26 -23.09 -22.87
C ALA E 374 -13.31 -22.91 -24.03
N LEU E 375 -12.00 -22.91 -23.77
CA LEU E 375 -11.04 -22.82 -24.87
C LEU E 375 -11.14 -24.05 -25.78
N ASN E 376 -11.29 -25.24 -25.20
CA ASN E 376 -11.39 -26.45 -25.99
C ASN E 376 -12.61 -26.42 -26.91
N ALA E 377 -13.76 -26.03 -26.38
CA ALA E 377 -14.98 -25.98 -27.18
C ALA E 377 -14.89 -24.98 -28.32
N LYS E 378 -14.15 -23.88 -28.15
CA LYS E 378 -14.16 -22.89 -29.23
C LYS E 378 -13.23 -23.29 -30.37
N VAL E 379 -12.18 -24.08 -30.12
CA VAL E 379 -11.19 -24.38 -31.18
C VAL E 379 -11.54 -25.62 -32.01
N VAL E 380 -12.31 -26.57 -31.48
CA VAL E 380 -12.49 -27.85 -32.16
C VAL E 380 -13.33 -27.65 -33.41
N SER E 381 -13.00 -28.44 -34.45
CA SER E 381 -13.81 -28.57 -35.66
C SER E 381 -14.11 -30.05 -35.81
N GLU E 382 -15.33 -30.46 -35.42
CA GLU E 382 -15.73 -31.86 -35.50
C GLU E 382 -15.70 -32.39 -36.93
N ASP E 383 -15.83 -31.50 -37.92
CA ASP E 383 -15.77 -31.93 -39.33
C ASP E 383 -14.35 -32.34 -39.72
N VAL E 384 -13.37 -31.45 -39.51
CA VAL E 384 -11.97 -31.79 -39.79
C VAL E 384 -11.61 -33.10 -39.11
N LEU E 385 -11.97 -33.23 -37.84
CA LEU E 385 -11.44 -34.33 -37.04
C LEU E 385 -12.05 -35.67 -37.42
N PHE E 386 -13.35 -35.71 -37.76
CA PHE E 386 -14.07 -36.97 -37.82
C PHE E 386 -14.85 -37.28 -39.10
N ARG E 387 -15.06 -36.32 -40.00
CA ARG E 387 -15.74 -36.62 -41.26
C ARG E 387 -14.73 -37.11 -42.30
N LEU E 388 -15.11 -38.17 -43.04
CA LEU E 388 -14.19 -38.75 -44.02
C LEU E 388 -14.01 -37.74 -45.14
N PRO E 389 -12.78 -37.36 -45.48
CA PRO E 389 -12.58 -36.30 -46.46
C PRO E 389 -12.87 -36.76 -47.89
N ARG E 390 -13.23 -35.78 -48.71
CA ARG E 390 -13.33 -35.93 -50.16
C ARG E 390 -11.95 -35.82 -50.81
N GLU E 391 -11.56 -36.84 -51.60
CA GLU E 391 -10.16 -36.95 -52.04
C GLU E 391 -9.73 -35.81 -52.94
N GLN E 392 -10.63 -35.29 -53.77
CA GLN E 392 -10.24 -34.24 -54.71
C GLN E 392 -9.86 -32.95 -53.99
N GLU E 393 -10.65 -32.59 -52.97
CA GLU E 393 -10.43 -31.36 -52.21
C GLU E 393 -9.29 -31.53 -51.19
N TYR E 394 -9.17 -32.73 -50.61
CA TYR E 394 -8.10 -33.03 -49.65
C TYR E 394 -6.72 -32.90 -50.28
N LYS E 395 -6.56 -33.33 -51.53
CA LYS E 395 -5.25 -33.29 -52.19
C LYS E 395 -4.75 -31.86 -52.33
N LYS E 396 -5.66 -30.92 -52.56
CA LYS E 396 -5.26 -29.52 -52.59
C LYS E 396 -4.97 -28.99 -51.19
N LEU E 397 -5.76 -29.43 -50.20
CA LEU E 397 -5.46 -29.05 -48.82
C LEU E 397 -4.05 -29.46 -48.46
N ARG E 398 -3.67 -30.70 -48.73
CA ARG E 398 -2.32 -31.10 -48.40
C ARG E 398 -1.35 -30.21 -49.15
N ALA E 399 -1.59 -29.97 -50.42
CA ALA E 399 -0.69 -29.08 -51.16
C ALA E 399 -0.60 -27.71 -50.51
N SER E 400 -1.73 -27.17 -50.06
CA SER E 400 -1.74 -25.81 -49.52
C SER E 400 -1.04 -25.75 -48.16
N ALA E 401 -1.30 -26.72 -47.28
CA ALA E 401 -0.73 -26.72 -45.92
C ALA E 401 0.78 -26.97 -45.94
N ALA E 402 1.24 -27.93 -46.76
CA ALA E 402 2.67 -28.14 -46.92
C ALA E 402 3.32 -26.96 -47.63
N ALA E 403 2.57 -26.24 -48.47
CA ALA E 403 3.04 -24.97 -49.00
C ALA E 403 3.02 -23.87 -47.96
N GLY E 404 2.58 -24.19 -46.75
CA GLY E 404 2.65 -23.24 -45.66
C GLY E 404 1.58 -22.18 -45.67
N GLN E 405 0.32 -22.56 -45.95
CA GLN E 405 -0.76 -21.58 -46.03
C GLN E 405 -1.96 -21.67 -45.05
N LEU E 406 -2.26 -22.85 -44.52
CA LEU E 406 -3.39 -22.97 -43.60
C LEU E 406 -2.99 -23.13 -42.12
N LEU E 407 -1.72 -22.95 -41.78
CA LEU E 407 -1.26 -23.19 -40.41
C LEU E 407 -0.85 -21.91 -39.70
N ASP E 408 -1.27 -20.73 -40.15
CA ASP E 408 -0.92 -19.52 -39.41
C ASP E 408 -1.81 -19.26 -38.19
N ALA E 409 -3.03 -19.80 -38.13
CA ALA E 409 -3.94 -19.53 -37.01
C ALA E 409 -5.18 -20.42 -37.11
N ASN E 410 -5.76 -20.78 -35.97
CA ASN E 410 -7.05 -21.46 -35.97
C ASN E 410 -8.12 -20.40 -36.21
N THR E 411 -8.85 -20.50 -37.33
CA THR E 411 -9.80 -19.45 -37.71
C THR E 411 -11.12 -19.50 -36.92
N LEU E 412 -11.32 -20.53 -36.10
CA LEU E 412 -12.46 -20.54 -35.18
C LEU E 412 -12.14 -19.79 -33.90
N PHE E 413 -10.94 -20.00 -33.35
CA PHE E 413 -10.40 -19.27 -32.21
C PHE E 413 -8.91 -19.41 -32.06
N ASP E 414 -8.13 -18.36 -31.98
CA ASP E 414 -6.69 -18.54 -31.79
C ASP E 414 -6.12 -17.32 -31.08
N CYS E 415 -5.73 -17.48 -29.81
CA CYS E 415 -5.19 -16.36 -29.04
C CYS E 415 -4.21 -16.86 -28.01
N GLU E 416 -2.91 -16.60 -28.22
CA GLU E 416 -1.94 -17.11 -27.26
C GLU E 416 -2.09 -16.45 -25.90
N VAL E 417 -2.57 -15.20 -25.86
CA VAL E 417 -2.80 -14.54 -24.58
C VAL E 417 -3.83 -15.32 -23.77
N VAL E 418 -5.01 -15.54 -24.34
CA VAL E 418 -6.02 -16.29 -23.59
C VAL E 418 -5.56 -17.71 -23.33
N GLN E 419 -4.86 -18.33 -24.28
CA GLN E 419 -4.36 -19.66 -24.01
C GLN E 419 -3.45 -19.65 -22.79
N THR E 420 -2.53 -18.67 -22.73
CA THR E 420 -1.55 -18.64 -21.65
C THR E 420 -2.23 -18.49 -20.30
N LEU E 421 -3.18 -17.55 -20.20
CA LEU E 421 -3.92 -17.35 -18.95
C LEU E 421 -4.73 -18.59 -18.59
N VAL E 422 -5.23 -19.33 -19.58
CA VAL E 422 -5.94 -20.55 -19.25
C VAL E 422 -5.01 -21.55 -18.58
N PHE E 423 -3.76 -21.63 -19.05
CA PHE E 423 -2.78 -22.54 -18.41
C PHE E 423 -2.31 -22.00 -17.07
N LEU E 424 -2.14 -20.69 -16.97
CA LEU E 424 -1.86 -20.09 -15.67
C LEU E 424 -2.96 -20.43 -14.68
N PHE E 425 -4.24 -20.31 -15.10
CA PHE E 425 -5.34 -20.61 -14.18
C PHE E 425 -5.36 -22.07 -13.78
N LYS E 426 -5.32 -22.99 -14.75
CA LYS E 426 -5.27 -24.40 -14.38
C LYS E 426 -4.10 -24.68 -13.46
N GLY E 427 -3.01 -23.89 -13.58
CA GLY E 427 -1.84 -24.09 -12.73
C GLY E 427 -2.08 -23.71 -11.28
N LEU E 428 -2.70 -22.56 -11.03
CA LEU E 428 -3.03 -22.22 -9.65
C LEU E 428 -4.09 -23.16 -9.08
N GLN E 429 -4.92 -23.75 -9.94
CA GLN E 429 -5.95 -24.69 -9.50
C GLN E 429 -5.36 -26.03 -9.09
N ASN E 430 -4.20 -26.42 -9.63
CA ASN E 430 -3.63 -27.76 -9.44
C ASN E 430 -2.27 -27.75 -8.77
N ALA E 431 -1.82 -26.60 -8.27
CA ALA E 431 -0.50 -26.54 -7.65
C ALA E 431 -0.38 -25.41 -6.66
N ARG E 432 0.64 -25.47 -5.80
CA ARG E 432 0.84 -24.43 -4.81
C ARG E 432 1.34 -23.17 -5.52
N VAL E 433 0.58 -22.07 -5.38
CA VAL E 433 0.91 -20.78 -5.96
C VAL E 433 0.61 -19.68 -4.94
N GLY E 434 1.43 -18.65 -4.97
CA GLY E 434 1.30 -17.55 -4.03
C GLY E 434 -0.07 -16.94 -4.20
N LYS E 435 -0.64 -16.58 -3.06
CA LYS E 435 -1.98 -16.02 -3.03
C LYS E 435 -2.04 -14.72 -3.82
N THR E 436 -0.99 -13.91 -3.77
CA THR E 436 -1.06 -12.63 -4.47
C THR E 436 -0.96 -12.79 -5.98
N THR E 437 -0.09 -13.67 -6.49
CA THR E 437 -0.12 -13.88 -7.94
C THR E 437 -1.42 -14.60 -8.35
N SER E 438 -1.84 -15.45 -7.38
CA SER E 438 -3.05 -16.20 -7.70
C SER E 438 -4.21 -15.26 -8.00
N LEU E 439 -4.44 -14.25 -7.16
CA LEU E 439 -5.52 -13.32 -7.46
C LEU E 439 -5.16 -12.34 -8.56
N ASP E 440 -3.87 -12.22 -8.91
CA ASP E 440 -3.48 -11.42 -10.06
C ASP E 440 -3.89 -12.10 -11.37
N ILE E 441 -3.64 -13.41 -11.46
CA ILE E 441 -4.07 -14.19 -12.63
C ILE E 441 -5.59 -14.12 -12.77
N ILE E 442 -6.30 -14.38 -11.66
CA ILE E 442 -7.76 -14.39 -11.70
C ILE E 442 -8.28 -13.05 -12.20
N ARG E 443 -7.63 -11.96 -11.79
CA ARG E 443 -8.10 -10.62 -12.15
C ARG E 443 -7.94 -10.40 -13.65
N GLU E 444 -6.78 -10.78 -14.20
CA GLU E 444 -6.49 -10.64 -15.62
C GLU E 444 -7.28 -11.63 -16.51
N LEU E 445 -7.45 -12.87 -16.04
CA LEU E 445 -8.18 -13.84 -16.85
C LEU E 445 -9.62 -13.39 -17.05
N THR E 446 -10.24 -12.88 -15.98
CA THR E 446 -11.61 -12.37 -16.08
C THR E 446 -11.68 -11.22 -17.07
N ALA E 447 -10.71 -10.29 -17.01
CA ALA E 447 -10.72 -9.16 -17.94
C ALA E 447 -10.65 -9.63 -19.39
N GLN E 448 -9.77 -10.60 -19.66
CA GLN E 448 -9.62 -11.11 -21.02
C GLN E 448 -10.82 -11.96 -21.42
N LEU E 449 -11.37 -12.75 -20.50
CA LEU E 449 -12.58 -13.51 -20.81
C LEU E 449 -13.66 -12.59 -21.37
N LYS E 450 -13.79 -11.40 -20.79
CA LYS E 450 -14.80 -10.47 -21.29
C LYS E 450 -14.36 -9.88 -22.62
N ARG E 451 -13.09 -9.48 -22.76
CA ARG E 451 -12.64 -8.89 -24.03
C ARG E 451 -12.88 -9.82 -25.20
N HIS E 452 -12.90 -11.13 -24.96
CA HIS E 452 -13.04 -12.12 -26.01
C HIS E 452 -14.43 -12.72 -26.06
N ARG E 453 -15.39 -12.12 -25.36
CA ARG E 453 -16.80 -12.58 -25.39
C ARG E 453 -16.96 -14.04 -24.98
N LEU E 454 -16.25 -14.47 -23.94
CA LEU E 454 -16.42 -15.77 -23.33
C LEU E 454 -17.13 -15.61 -21.98
N ASP E 455 -18.35 -16.13 -21.86
CA ASP E 455 -19.17 -15.96 -20.65
C ASP E 455 -19.04 -17.19 -19.78
N LEU E 456 -18.29 -17.05 -18.69
CA LEU E 456 -18.10 -18.08 -17.69
C LEU E 456 -18.50 -17.57 -16.32
N ALA E 457 -18.71 -18.48 -15.39
CA ALA E 457 -18.75 -18.07 -14.01
C ALA E 457 -17.41 -17.42 -13.66
N HIS E 458 -17.37 -16.70 -12.55
CA HIS E 458 -16.15 -15.98 -12.23
C HIS E 458 -15.06 -16.99 -11.90
N PRO E 459 -13.85 -16.80 -12.43
CA PRO E 459 -12.77 -17.78 -12.22
C PRO E 459 -12.46 -18.06 -10.77
N SER E 460 -12.67 -17.09 -9.88
CA SER E 460 -12.50 -17.34 -8.45
C SER E 460 -13.55 -18.31 -7.93
N GLN E 461 -14.80 -18.17 -8.37
CA GLN E 461 -15.80 -19.18 -8.05
C GLN E 461 -15.40 -20.53 -8.61
N THR E 462 -14.95 -20.57 -9.88
CA THR E 462 -14.59 -21.83 -10.49
C THR E 462 -13.48 -22.51 -9.72
N SER E 463 -12.46 -21.73 -9.33
CA SER E 463 -11.35 -22.29 -8.57
C SER E 463 -11.78 -22.83 -7.21
N HIS E 464 -12.76 -22.19 -6.55
CA HIS E 464 -13.29 -22.73 -5.30
C HIS E 464 -14.01 -24.06 -5.53
N LEU E 465 -14.81 -24.15 -6.59
CA LEU E 465 -15.75 -25.26 -6.72
C LEU E 465 -15.08 -26.54 -7.15
N TYR E 466 -14.23 -26.49 -8.17
CA TYR E 466 -13.95 -27.66 -8.98
C TYR E 466 -12.46 -27.90 -9.17
N ALA E 467 -12.16 -29.09 -9.68
CA ALA E 467 -10.78 -29.49 -10.00
C ALA E 467 -10.35 -29.00 -11.37
#